data_3ACC
# 
_entry.id   3ACC 
# 
_audit_conform.dict_name       mmcif_pdbx.dic 
_audit_conform.dict_version    5.380 
_audit_conform.dict_location   http://mmcif.pdb.org/dictionaries/ascii/mmcif_pdbx.dic 
# 
loop_
_database_2.database_id 
_database_2.database_code 
_database_2.pdbx_database_accession 
_database_2.pdbx_DOI 
PDB   3ACC         pdb_00003acc 10.2210/pdb3acc/pdb 
RCSB  RCSB029078   ?            ?                   
WWPDB D_1000029078 ?            ?                   
# 
_pdbx_database_PDB_obs_spr.id               SPRSDE 
_pdbx_database_PDB_obs_spr.date             2010-02-23 
_pdbx_database_PDB_obs_spr.pdb_id           3ACC 
_pdbx_database_PDB_obs_spr.replace_pdb_id   2YWT 
_pdbx_database_PDB_obs_spr.details          ? 
# 
loop_
_pdbx_database_related.db_name 
_pdbx_database_related.db_id 
_pdbx_database_related.details 
_pdbx_database_related.content_type 
PDB 3ACB . unspecified 
PDB 3ACD . unspecified 
# 
_pdbx_database_status.status_code                     REL 
_pdbx_database_status.entry_id                        3ACC 
_pdbx_database_status.recvd_initial_deposition_date   2009-12-30 
_pdbx_database_status.deposit_site                    PDBJ 
_pdbx_database_status.process_site                    PDBJ 
_pdbx_database_status.status_code_sf                  REL 
_pdbx_database_status.status_code_mr                  ? 
_pdbx_database_status.SG_entry                        Y 
_pdbx_database_status.pdb_format_compatible           Y 
_pdbx_database_status.status_code_cs                  ? 
_pdbx_database_status.status_code_nmr_data            ? 
_pdbx_database_status.methods_development_category    ? 
# 
loop_
_audit_author.name 
_audit_author.pdbx_ordinal 
'Kanagawa, M.'                                           1 
'Baba, S.'                                               2 
'Hirotsu, K.'                                            3 
'Kuramitsu, S.'                                          4 
'Yokoyama, S.'                                           5 
'Kawai, G.'                                              6 
'Sampei, G.'                                             7 
'RIKEN Structural Genomics/Proteomics Initiative (RSGI)' 8 
# 
_citation.id                        primary 
_citation.title                     
'Structures of hypoxanthine-guanine phosphoribosyltransferase (TTHA0220) from Thermus thermophilus HB8.' 
_citation.journal_abbrev            'Acta Crystallogr.,Sect.F' 
_citation.journal_volume            66 
_citation.page_first                893 
_citation.page_last                 898 
_citation.year                      2010 
_citation.journal_id_ASTM           ? 
_citation.country                   DK 
_citation.journal_id_ISSN           1744-3091 
_citation.journal_id_CSD            ? 
_citation.book_publisher            ? 
_citation.pdbx_database_id_PubMed   20693661 
_citation.pdbx_database_id_DOI      10.1107/S1744309110023079 
# 
loop_
_citation_author.citation_id 
_citation_author.name 
_citation_author.ordinal 
_citation_author.identifier_ORCID 
primary 'Kanagawa, M.'  1  ? 
primary 'Baba, S.'      2  ? 
primary 'Ebihara, A.'   3  ? 
primary 'Shinkai, A.'   4  ? 
primary 'Hirotsu, K.'   5  ? 
primary 'Mega, R.'      6  ? 
primary 'Kim, K.'       7  ? 
primary 'Kuramitsu, S.' 8  ? 
primary 'Sampei, G.'    9  ? 
primary 'Kawai, G.'     10 ? 
# 
_cell.entry_id           3ACC 
_cell.length_a           67.139 
_cell.length_b           67.139 
_cell.length_c           152.543 
_cell.angle_alpha        90.00 
_cell.angle_beta         90.00 
_cell.angle_gamma        120.00 
_cell.Z_PDB              12 
_cell.pdbx_unique_axis   ? 
_cell.length_a_esd       ? 
_cell.length_b_esd       ? 
_cell.length_c_esd       ? 
_cell.angle_alpha_esd    ? 
_cell.angle_beta_esd     ? 
_cell.angle_gamma_esd    ? 
# 
_symmetry.entry_id                         3ACC 
_symmetry.space_group_name_H-M             'P 65 2 2' 
_symmetry.pdbx_full_space_group_name_H-M   ? 
_symmetry.cell_setting                     ? 
_symmetry.Int_Tables_number                179 
_symmetry.space_group_name_Hall            ? 
# 
loop_
_entity.id 
_entity.type 
_entity.src_method 
_entity.pdbx_description 
_entity.formula_weight 
_entity.pdbx_number_of_molecules 
_entity.pdbx_ec 
_entity.pdbx_mutation 
_entity.pdbx_fragment 
_entity.details 
1 polymer     man 'Hypoxanthine-guanine phosphoribosyltransferase' 20193.264 1   2.4.2.8 ? ? ? 
2 non-polymer syn "GUANOSINE-5'-MONOPHOSPHATE"                     363.221   1   ?       ? ? ? 
3 non-polymer syn '1,4-DIETHYLENE DIOXIDE'                         88.105    2   ?       ? ? ? 
4 water       nat water                                            18.015    107 ?       ? ? ? 
# 
_entity_poly.entity_id                      1 
_entity_poly.type                           'polypeptide(L)' 
_entity_poly.nstd_linkage                   no 
_entity_poly.nstd_monomer                   no 
_entity_poly.pdbx_seq_one_letter_code       
;MKGMFTPGNGPVQISAEAIKKRVEELGGEIARDYQGKTPHLICVLNGAFIFMADLVRAIPLPLTMDFIAISSYGNAFKSS
GEVELLKDLRLPIHGRDVIVVEDIVDTGLTLSYLLDYLEARKPASVRVAALLSKPSRRQVEVPIHYLGFEIEDAYVYGYG
LDRAQFDRNLPFITSIRPEEE
;
_entity_poly.pdbx_seq_one_letter_code_can   
;MKGMFTPGNGPVQISAEAIKKRVEELGGEIARDYQGKTPHLICVLNGAFIFMADLVRAIPLPLTMDFIAISSYGNAFKSS
GEVELLKDLRLPIHGRDVIVVEDIVDTGLTLSYLLDYLEARKPASVRVAALLSKPSRRQVEVPIHYLGFEIEDAYVYGYG
LDRAQFDRNLPFITSIRPEEE
;
_entity_poly.pdbx_strand_id                 A 
_entity_poly.pdbx_target_identifier         ? 
# 
loop_
_entity_poly_seq.entity_id 
_entity_poly_seq.num 
_entity_poly_seq.mon_id 
_entity_poly_seq.hetero 
1 1   MET n 
1 2   LYS n 
1 3   GLY n 
1 4   MET n 
1 5   PHE n 
1 6   THR n 
1 7   PRO n 
1 8   GLY n 
1 9   ASN n 
1 10  GLY n 
1 11  PRO n 
1 12  VAL n 
1 13  GLN n 
1 14  ILE n 
1 15  SER n 
1 16  ALA n 
1 17  GLU n 
1 18  ALA n 
1 19  ILE n 
1 20  LYS n 
1 21  LYS n 
1 22  ARG n 
1 23  VAL n 
1 24  GLU n 
1 25  GLU n 
1 26  LEU n 
1 27  GLY n 
1 28  GLY n 
1 29  GLU n 
1 30  ILE n 
1 31  ALA n 
1 32  ARG n 
1 33  ASP n 
1 34  TYR n 
1 35  GLN n 
1 36  GLY n 
1 37  LYS n 
1 38  THR n 
1 39  PRO n 
1 40  HIS n 
1 41  LEU n 
1 42  ILE n 
1 43  CYS n 
1 44  VAL n 
1 45  LEU n 
1 46  ASN n 
1 47  GLY n 
1 48  ALA n 
1 49  PHE n 
1 50  ILE n 
1 51  PHE n 
1 52  MET n 
1 53  ALA n 
1 54  ASP n 
1 55  LEU n 
1 56  VAL n 
1 57  ARG n 
1 58  ALA n 
1 59  ILE n 
1 60  PRO n 
1 61  LEU n 
1 62  PRO n 
1 63  LEU n 
1 64  THR n 
1 65  MET n 
1 66  ASP n 
1 67  PHE n 
1 68  ILE n 
1 69  ALA n 
1 70  ILE n 
1 71  SER n 
1 72  SER n 
1 73  TYR n 
1 74  GLY n 
1 75  ASN n 
1 76  ALA n 
1 77  PHE n 
1 78  LYS n 
1 79  SER n 
1 80  SER n 
1 81  GLY n 
1 82  GLU n 
1 83  VAL n 
1 84  GLU n 
1 85  LEU n 
1 86  LEU n 
1 87  LYS n 
1 88  ASP n 
1 89  LEU n 
1 90  ARG n 
1 91  LEU n 
1 92  PRO n 
1 93  ILE n 
1 94  HIS n 
1 95  GLY n 
1 96  ARG n 
1 97  ASP n 
1 98  VAL n 
1 99  ILE n 
1 100 VAL n 
1 101 VAL n 
1 102 GLU n 
1 103 ASP n 
1 104 ILE n 
1 105 VAL n 
1 106 ASP n 
1 107 THR n 
1 108 GLY n 
1 109 LEU n 
1 110 THR n 
1 111 LEU n 
1 112 SER n 
1 113 TYR n 
1 114 LEU n 
1 115 LEU n 
1 116 ASP n 
1 117 TYR n 
1 118 LEU n 
1 119 GLU n 
1 120 ALA n 
1 121 ARG n 
1 122 LYS n 
1 123 PRO n 
1 124 ALA n 
1 125 SER n 
1 126 VAL n 
1 127 ARG n 
1 128 VAL n 
1 129 ALA n 
1 130 ALA n 
1 131 LEU n 
1 132 LEU n 
1 133 SER n 
1 134 LYS n 
1 135 PRO n 
1 136 SER n 
1 137 ARG n 
1 138 ARG n 
1 139 GLN n 
1 140 VAL n 
1 141 GLU n 
1 142 VAL n 
1 143 PRO n 
1 144 ILE n 
1 145 HIS n 
1 146 TYR n 
1 147 LEU n 
1 148 GLY n 
1 149 PHE n 
1 150 GLU n 
1 151 ILE n 
1 152 GLU n 
1 153 ASP n 
1 154 ALA n 
1 155 TYR n 
1 156 VAL n 
1 157 TYR n 
1 158 GLY n 
1 159 TYR n 
1 160 GLY n 
1 161 LEU n 
1 162 ASP n 
1 163 ARG n 
1 164 ALA n 
1 165 GLN n 
1 166 PHE n 
1 167 ASP n 
1 168 ARG n 
1 169 ASN n 
1 170 LEU n 
1 171 PRO n 
1 172 PHE n 
1 173 ILE n 
1 174 THR n 
1 175 SER n 
1 176 ILE n 
1 177 ARG n 
1 178 PRO n 
1 179 GLU n 
1 180 GLU n 
1 181 GLU n 
# 
_entity_src_gen.entity_id                          1 
_entity_src_gen.pdbx_src_id                        1 
_entity_src_gen.pdbx_alt_source_flag               sample 
_entity_src_gen.pdbx_seq_type                      ? 
_entity_src_gen.pdbx_beg_seq_num                   ? 
_entity_src_gen.pdbx_end_seq_num                   ? 
_entity_src_gen.gene_src_common_name               ? 
_entity_src_gen.gene_src_genus                     ? 
_entity_src_gen.pdbx_gene_src_gene                 TTHA0220 
_entity_src_gen.gene_src_species                   ? 
_entity_src_gen.gene_src_strain                    HB8 
_entity_src_gen.gene_src_tissue                    ? 
_entity_src_gen.gene_src_tissue_fraction           ? 
_entity_src_gen.gene_src_details                   ? 
_entity_src_gen.pdbx_gene_src_fragment             ? 
_entity_src_gen.pdbx_gene_src_scientific_name      'Thermus thermophilus' 
_entity_src_gen.pdbx_gene_src_ncbi_taxonomy_id     300852 
_entity_src_gen.pdbx_gene_src_variant              ? 
_entity_src_gen.pdbx_gene_src_cell_line            ? 
_entity_src_gen.pdbx_gene_src_atcc                 ? 
_entity_src_gen.pdbx_gene_src_organ                ? 
_entity_src_gen.pdbx_gene_src_organelle            ? 
_entity_src_gen.pdbx_gene_src_cell                 ? 
_entity_src_gen.pdbx_gene_src_cellular_location    ? 
_entity_src_gen.host_org_common_name               ? 
_entity_src_gen.pdbx_host_org_scientific_name      'Escherichia coli' 
_entity_src_gen.pdbx_host_org_ncbi_taxonomy_id     562 
_entity_src_gen.host_org_genus                     ? 
_entity_src_gen.pdbx_host_org_gene                 ? 
_entity_src_gen.pdbx_host_org_organ                ? 
_entity_src_gen.host_org_species                   ? 
_entity_src_gen.pdbx_host_org_tissue               ? 
_entity_src_gen.pdbx_host_org_tissue_fraction      ? 
_entity_src_gen.pdbx_host_org_strain               ? 
_entity_src_gen.pdbx_host_org_variant              ? 
_entity_src_gen.pdbx_host_org_cell_line            ? 
_entity_src_gen.pdbx_host_org_atcc                 ? 
_entity_src_gen.pdbx_host_org_culture_collection   ? 
_entity_src_gen.pdbx_host_org_cell                 ? 
_entity_src_gen.pdbx_host_org_organelle            ? 
_entity_src_gen.pdbx_host_org_cellular_location    ? 
_entity_src_gen.pdbx_host_org_vector_type          PLASMID 
_entity_src_gen.pdbx_host_org_vector               ? 
_entity_src_gen.host_org_details                   ? 
_entity_src_gen.expression_system_id               ? 
_entity_src_gen.plasmid_name                       pET-11A 
_entity_src_gen.plasmid_details                    ? 
_entity_src_gen.pdbx_description                   ? 
# 
_struct_ref.id                         1 
_struct_ref.db_name                    UNP 
_struct_ref.db_code                    Q5SLS3_THET8 
_struct_ref.pdbx_db_accession          Q5SLS3 
_struct_ref.entity_id                  1 
_struct_ref.pdbx_seq_one_letter_code   
;MKGMFTPGNGPVQISAEAIKKRVEELGGEIARDYQGKTPHLICVLNGAFIFMADLVRAIPLPLTMDFIAISSYGNAFKSS
GEVELLKDLRLPIHGRDVIVVEDIVDTGLTLSYLLDYLEARKPASVRVAALLSKPSRRQVEVPIHYLGFEIEDAYVYGYG
LDRAQFDRNLPFITSIRPEEE
;
_struct_ref.pdbx_align_begin           1 
_struct_ref.pdbx_db_isoform            ? 
# 
_struct_ref_seq.align_id                      1 
_struct_ref_seq.ref_id                        1 
_struct_ref_seq.pdbx_PDB_id_code              3ACC 
_struct_ref_seq.pdbx_strand_id                A 
_struct_ref_seq.seq_align_beg                 1 
_struct_ref_seq.pdbx_seq_align_beg_ins_code   ? 
_struct_ref_seq.seq_align_end                 181 
_struct_ref_seq.pdbx_seq_align_end_ins_code   ? 
_struct_ref_seq.pdbx_db_accession             Q5SLS3 
_struct_ref_seq.db_align_beg                  1 
_struct_ref_seq.pdbx_db_align_beg_ins_code    ? 
_struct_ref_seq.db_align_end                  181 
_struct_ref_seq.pdbx_db_align_end_ins_code    ? 
_struct_ref_seq.pdbx_auth_seq_align_beg       1 
_struct_ref_seq.pdbx_auth_seq_align_end       181 
# 
loop_
_chem_comp.id 
_chem_comp.type 
_chem_comp.mon_nstd_flag 
_chem_comp.name 
_chem_comp.pdbx_synonyms 
_chem_comp.formula 
_chem_comp.formula_weight 
5GP non-polymer         . "GUANOSINE-5'-MONOPHOSPHATE" ? 'C10 H14 N5 O8 P' 363.221 
ALA 'L-peptide linking' y ALANINE                      ? 'C3 H7 N O2'      89.093  
ARG 'L-peptide linking' y ARGININE                     ? 'C6 H15 N4 O2 1'  175.209 
ASN 'L-peptide linking' y ASPARAGINE                   ? 'C4 H8 N2 O3'     132.118 
ASP 'L-peptide linking' y 'ASPARTIC ACID'              ? 'C4 H7 N O4'      133.103 
CYS 'L-peptide linking' y CYSTEINE                     ? 'C3 H7 N O2 S'    121.158 
DIO non-polymer         . '1,4-DIETHYLENE DIOXIDE'     ? 'C4 H8 O2'        88.105  
GLN 'L-peptide linking' y GLUTAMINE                    ? 'C5 H10 N2 O3'    146.144 
GLU 'L-peptide linking' y 'GLUTAMIC ACID'              ? 'C5 H9 N O4'      147.129 
GLY 'peptide linking'   y GLYCINE                      ? 'C2 H5 N O2'      75.067  
HIS 'L-peptide linking' y HISTIDINE                    ? 'C6 H10 N3 O2 1'  156.162 
HOH non-polymer         . WATER                        ? 'H2 O'            18.015  
ILE 'L-peptide linking' y ISOLEUCINE                   ? 'C6 H13 N O2'     131.173 
LEU 'L-peptide linking' y LEUCINE                      ? 'C6 H13 N O2'     131.173 
LYS 'L-peptide linking' y LYSINE                       ? 'C6 H15 N2 O2 1'  147.195 
MET 'L-peptide linking' y METHIONINE                   ? 'C5 H11 N O2 S'   149.211 
PHE 'L-peptide linking' y PHENYLALANINE                ? 'C9 H11 N O2'     165.189 
PRO 'L-peptide linking' y PROLINE                      ? 'C5 H9 N O2'      115.130 
SER 'L-peptide linking' y SERINE                       ? 'C3 H7 N O3'      105.093 
THR 'L-peptide linking' y THREONINE                    ? 'C4 H9 N O3'      119.119 
TYR 'L-peptide linking' y TYROSINE                     ? 'C9 H11 N O3'     181.189 
VAL 'L-peptide linking' y VALINE                       ? 'C5 H11 N O2'     117.146 
# 
_exptl.entry_id          3ACC 
_exptl.method            'X-RAY DIFFRACTION' 
_exptl.crystals_number   1 
# 
_exptl_crystal.id                    1 
_exptl_crystal.density_meas          ? 
_exptl_crystal.density_Matthews      2.46 
_exptl_crystal.density_percent_sol   49.95 
_exptl_crystal.description           ? 
# 
_exptl_crystal_grow.crystal_id      1 
_exptl_crystal_grow.method          'VAPOR DIFFUSION, HANGING DROP' 
_exptl_crystal_grow.temp            293 
_exptl_crystal_grow.temp_details    ? 
_exptl_crystal_grow.pH              8.0 
_exptl_crystal_grow.pdbx_details    
'15% Glycerol, 28% Dioxane, 0.005M GMP, 0.01M Magnesium chloride, pH 8.0, VAPOR DIFFUSION, HANGING DROP, temperature 293K' 
_exptl_crystal_grow.pdbx_pH_range   . 
# 
_diffrn.id                     1 
_diffrn.ambient_temp           100 
_diffrn.ambient_temp_details   ? 
_diffrn.crystal_id             1 
# 
_diffrn_detector.diffrn_id              1 
_diffrn_detector.detector               'IMAGE PLATE' 
_diffrn_detector.type                   'RIGAKU RAXIS V' 
_diffrn_detector.pdbx_collection_date   2007-03-18 
_diffrn_detector.details                ? 
# 
_diffrn_radiation.diffrn_id                        1 
_diffrn_radiation.wavelength_id                    1 
_diffrn_radiation.pdbx_monochromatic_or_laue_m_l   M 
_diffrn_radiation.monochromator                    'Fixed exit Si double crystal monochromator' 
_diffrn_radiation.pdbx_diffrn_protocol             'SINGLE WAVELENGTH' 
_diffrn_radiation.pdbx_scattering_type             x-ray 
# 
_diffrn_radiation_wavelength.id           1 
_diffrn_radiation_wavelength.wavelength   1.0000 
_diffrn_radiation_wavelength.wt           1.0 
# 
_diffrn_source.diffrn_id                   1 
_diffrn_source.source                      SYNCHROTRON 
_diffrn_source.type                        'SPRING-8 BEAMLINE BL26B2' 
_diffrn_source.pdbx_synchrotron_site       SPring-8 
_diffrn_source.pdbx_synchrotron_beamline   BL26B2 
_diffrn_source.pdbx_wavelength             ? 
_diffrn_source.pdbx_wavelength_list        1.0000 
# 
_reflns.entry_id                     3ACC 
_reflns.observed_criterion_sigma_I   ? 
_reflns.observed_criterion_sigma_F   ? 
_reflns.d_resolution_low             50.0 
_reflns.d_resolution_high            2.16 
_reflns.number_obs                   10796 
_reflns.number_all                   ? 
_reflns.percent_possible_obs         93.4 
_reflns.pdbx_Rmerge_I_obs            0.086 
_reflns.pdbx_Rsym_value              ? 
_reflns.B_iso_Wilson_estimate        14.9 
_reflns.pdbx_redundancy              10.2 
_reflns.pdbx_netI_over_sigmaI        ? 
_reflns.R_free_details               ? 
_reflns.limit_h_max                  ? 
_reflns.limit_h_min                  ? 
_reflns.limit_k_max                  ? 
_reflns.limit_k_min                  ? 
_reflns.limit_l_max                  ? 
_reflns.limit_l_min                  ? 
_reflns.observed_criterion_F_max     ? 
_reflns.observed_criterion_F_min     ? 
_reflns.pdbx_chi_squared             ? 
_reflns.pdbx_scaling_rejects         ? 
_reflns.pdbx_diffrn_id               1 
_reflns.pdbx_ordinal                 1 
# 
_reflns_shell.d_res_high             2.16 
_reflns_shell.d_res_low              2.24 
_reflns_shell.percent_possible_all   86.1 
_reflns_shell.Rmerge_I_obs           0.163 
_reflns_shell.pdbx_Rsym_value        ? 
_reflns_shell.meanI_over_sigI_obs    ? 
_reflns_shell.pdbx_redundancy        9.0 
_reflns_shell.percent_possible_obs   ? 
_reflns_shell.number_unique_all      952 
_reflns_shell.number_measured_all    ? 
_reflns_shell.number_measured_obs    ? 
_reflns_shell.number_unique_obs      ? 
_reflns_shell.pdbx_chi_squared       ? 
_reflns_shell.pdbx_diffrn_id         ? 
_reflns_shell.pdbx_ordinal           1 
# 
_refine.entry_id                                 3ACC 
_refine.ls_number_reflns_obs                     10794 
_refine.ls_number_reflns_all                     ? 
_refine.pdbx_ls_sigma_I                          ? 
_refine.pdbx_ls_sigma_F                          0.0 
_refine.pdbx_data_cutoff_high_absF               484347.93 
_refine.pdbx_data_cutoff_low_absF                0.000000 
_refine.pdbx_data_cutoff_high_rms_absF           ? 
_refine.ls_d_res_low                             46.24 
_refine.ls_d_res_high                            2.16 
_refine.ls_percent_reflns_obs                    93.2 
_refine.ls_R_factor_obs                          0.210 
_refine.ls_R_factor_all                          ? 
_refine.ls_R_factor_R_work                       0.210 
_refine.ls_R_factor_R_free                       0.250 
_refine.ls_R_factor_R_free_error                 0.008 
_refine.ls_R_factor_R_free_error_details         ? 
_refine.ls_percent_reflns_R_free                 10.3 
_refine.ls_number_reflns_R_free                  1110 
_refine.ls_number_parameters                     ? 
_refine.ls_number_restraints                     ? 
_refine.occupancy_min                            ? 
_refine.occupancy_max                            ? 
_refine.correlation_coeff_Fo_to_Fc               ? 
_refine.correlation_coeff_Fo_to_Fc_free          ? 
_refine.B_iso_mean                               25.0 
_refine.aniso_B[1][1]                            1.78 
_refine.aniso_B[2][2]                            1.78 
_refine.aniso_B[3][3]                            -3.57 
_refine.aniso_B[1][2]                            1.72 
_refine.aniso_B[1][3]                            0.00 
_refine.aniso_B[2][3]                            0.00 
_refine.solvent_model_details                    'FLAT MODEL' 
_refine.solvent_model_param_ksol                 0.341017 
_refine.solvent_model_param_bsol                 44.0057 
_refine.pdbx_solvent_vdw_probe_radii             ? 
_refine.pdbx_solvent_ion_probe_radii             ? 
_refine.pdbx_solvent_shrinkage_radii             ? 
_refine.pdbx_ls_cross_valid_method               THROUGHOUT 
_refine.details                                  ? 
_refine.pdbx_starting_model                      3ACB 
_refine.pdbx_method_to_determine_struct          'MOLECULAR REPLACEMENT' 
_refine.pdbx_isotropic_thermal_model             RESTRAINED 
_refine.pdbx_stereochemistry_target_values       'MAXIMUM LIKELIHOOD' 
_refine.pdbx_stereochem_target_val_spec_case     ? 
_refine.pdbx_R_Free_selection_details            RANDOM 
_refine.pdbx_overall_ESU_R                       ? 
_refine.pdbx_overall_ESU_R_Free                  ? 
_refine.overall_SU_ML                            ? 
_refine.overall_SU_B                             ? 
_refine.ls_redundancy_reflns_obs                 ? 
_refine.B_iso_min                                ? 
_refine.B_iso_max                                ? 
_refine.overall_SU_R_Cruickshank_DPI             ? 
_refine.overall_SU_R_free                        ? 
_refine.ls_wR_factor_R_free                      ? 
_refine.ls_wR_factor_R_work                      ? 
_refine.overall_FOM_free_R_set                   ? 
_refine.overall_FOM_work_R_set                   ? 
_refine.pdbx_refine_id                           'X-RAY DIFFRACTION' 
_refine.pdbx_diffrn_id                           1 
_refine.pdbx_TLS_residual_ADP_flag               ? 
_refine.pdbx_overall_phase_error                 ? 
_refine.pdbx_overall_SU_R_free_Cruickshank_DPI   ? 
_refine.pdbx_overall_SU_R_Blow_DPI               ? 
_refine.pdbx_overall_SU_R_free_Blow_DPI          ? 
# 
_refine_analyze.entry_id                        3ACC 
_refine_analyze.Luzzati_coordinate_error_obs    0.23 
_refine_analyze.Luzzati_sigma_a_obs             0.13 
_refine_analyze.Luzzati_d_res_low_obs           5.00 
_refine_analyze.Luzzati_coordinate_error_free   0.28 
_refine_analyze.Luzzati_sigma_a_free            0.22 
_refine_analyze.Luzzati_d_res_low_free          ? 
_refine_analyze.number_disordered_residues      ? 
_refine_analyze.occupancy_sum_hydrogen          ? 
_refine_analyze.occupancy_sum_non_hydrogen      ? 
_refine_analyze.pdbx_Luzzati_d_res_high_obs     ? 
_refine_analyze.pdbx_refine_id                  'X-RAY DIFFRACTION' 
# 
_refine_hist.pdbx_refine_id                   'X-RAY DIFFRACTION' 
_refine_hist.cycle_id                         LAST 
_refine_hist.pdbx_number_atoms_protein        1308 
_refine_hist.pdbx_number_atoms_nucleic_acid   0 
_refine_hist.pdbx_number_atoms_ligand         36 
_refine_hist.number_atoms_solvent             107 
_refine_hist.number_atoms_total               1451 
_refine_hist.d_res_high                       2.16 
_refine_hist.d_res_low                        46.24 
# 
loop_
_refine_ls_restr.type 
_refine_ls_restr.dev_ideal 
_refine_ls_restr.dev_ideal_target 
_refine_ls_restr.weight 
_refine_ls_restr.number 
_refine_ls_restr.pdbx_refine_id 
_refine_ls_restr.pdbx_restraint_function 
c_bond_d           0.006 ? ? ? 'X-RAY DIFFRACTION' ? 
c_angle_deg        1.3   ? ? ? 'X-RAY DIFFRACTION' ? 
c_dihedral_angle_d 22.8  ? ? ? 'X-RAY DIFFRACTION' ? 
c_improper_angle_d 0.82  ? ? ? 'X-RAY DIFFRACTION' ? 
# 
_refine_ls_restr_ncs.pdbx_refine_id      'X-RAY DIFFRACTION' 
_refine_ls_restr_ncs.dom_id              1 
_refine_ls_restr_ncs.ncs_model_details   NONE 
_refine_ls_restr_ncs.rms_dev_position    ? 
_refine_ls_restr_ncs.weight_position     ? 
_refine_ls_restr_ncs.rms_dev_B_iso       ? 
_refine_ls_restr_ncs.weight_B_iso        ? 
_refine_ls_restr_ncs.pdbx_ordinal        1 
_refine_ls_restr_ncs.pdbx_type           . 
_refine_ls_restr_ncs.pdbx_auth_asym_id   . 
_refine_ls_restr_ncs.pdbx_ens_id         1 
_refine_ls_restr_ncs.pdbx_number         ? 
_refine_ls_restr_ncs.pdbx_asym_id        ? 
_refine_ls_restr_ncs.pdbx_rms            ? 
_refine_ls_restr_ncs.pdbx_weight         ? 
# 
_refine_ls_shell.pdbx_total_number_of_bins_used   6 
_refine_ls_shell.d_res_high                       2.16 
_refine_ls_shell.d_res_low                        2.30 
_refine_ls_shell.number_reflns_R_work             1208 
_refine_ls_shell.R_factor_R_work                  0.260 
_refine_ls_shell.percent_reflns_obs               72.2 
_refine_ls_shell.R_factor_R_free                  0.326 
_refine_ls_shell.R_factor_R_free_error            0.029 
_refine_ls_shell.percent_reflns_R_free            9.7 
_refine_ls_shell.number_reflns_R_free             130 
_refine_ls_shell.number_reflns_all                ? 
_refine_ls_shell.R_factor_all                     ? 
_refine_ls_shell.number_reflns_obs                ? 
_refine_ls_shell.redundancy_reflns_obs            ? 
_refine_ls_shell.pdbx_refine_id                   'X-RAY DIFFRACTION' 
# 
loop_
_pdbx_xplor_file.pdbx_refine_id 
_pdbx_xplor_file.serial_no 
_pdbx_xplor_file.param_file 
_pdbx_xplor_file.topol_file 
'X-RAY DIFFRACTION' 1 protein_rep.param protein.top   
'X-RAY DIFFRACTION' 2 water_rep.param   water_rep.top 
'X-RAY DIFFRACTION' 3 5gp.param         5gp.top       
'X-RAY DIFFRACTION' 4 dio.param         dio.top       
'X-RAY DIFFRACTION' 5 cis_peptide.param ?             
# 
_struct_ncs_dom.id            1 
_struct_ncs_dom.details       ? 
_struct_ncs_dom.pdbx_ens_id   1 
# 
_struct_ncs_ens.id        1 
_struct_ncs_ens.details   ? 
# 
_struct.entry_id                  3ACC 
_struct.title                     
'Crystal structure of hypoxanthine-guanine phosphoribosyltransferase with GMP from Thermus thermophilus HB8' 
_struct.pdbx_model_details        ? 
_struct.pdbx_CASP_flag            ? 
_struct.pdbx_model_type_details   ? 
# 
_struct_keywords.entry_id        3ACC 
_struct_keywords.pdbx_keywords   TRANSFERASE 
_struct_keywords.text            
;Rossmann fold, Structural Genomics, NPPSFA, National Project on Protein Structural and Functional Analyses, RIKEN Structural Genomics/Proteomics Initiative, RSGI, TRANSFERASE
;
# 
loop_
_struct_asym.id 
_struct_asym.pdbx_blank_PDB_chainid_flag 
_struct_asym.pdbx_modified 
_struct_asym.entity_id 
_struct_asym.details 
A N N 1 ? 
B N N 2 ? 
C N N 3 ? 
D N N 3 ? 
E N N 4 ? 
# 
_struct_biol.id        1 
_struct_biol.details   ? 
# 
loop_
_struct_conf.conf_type_id 
_struct_conf.id 
_struct_conf.pdbx_PDB_helix_id 
_struct_conf.beg_label_comp_id 
_struct_conf.beg_label_asym_id 
_struct_conf.beg_label_seq_id 
_struct_conf.pdbx_beg_PDB_ins_code 
_struct_conf.end_label_comp_id 
_struct_conf.end_label_asym_id 
_struct_conf.end_label_seq_id 
_struct_conf.pdbx_end_PDB_ins_code 
_struct_conf.beg_auth_comp_id 
_struct_conf.beg_auth_asym_id 
_struct_conf.beg_auth_seq_id 
_struct_conf.end_auth_comp_id 
_struct_conf.end_auth_asym_id 
_struct_conf.end_auth_seq_id 
_struct_conf.pdbx_PDB_helix_class 
_struct_conf.details 
_struct_conf.pdbx_PDB_helix_length 
HELX_P HELX_P1 1 SER A 15  ? TYR A 34  ? SER A 15  TYR A 34  1 ? 20 
HELX_P HELX_P2 2 ALA A 48  ? ARG A 57  ? ALA A 48  ARG A 57  1 ? 10 
HELX_P HELX_P3 3 GLY A 108 ? ARG A 121 ? GLY A 108 ARG A 121 1 ? 14 
HELX_P HELX_P4 4 PRO A 135 ? ARG A 138 ? PRO A 135 ARG A 138 5 ? 4  
# 
_struct_conf_type.id          HELX_P 
_struct_conf_type.criteria    ? 
_struct_conf_type.reference   ? 
# 
_struct_mon_prot_cis.pdbx_id                1 
_struct_mon_prot_cis.label_comp_id          LEU 
_struct_mon_prot_cis.label_seq_id           45 
_struct_mon_prot_cis.label_asym_id          A 
_struct_mon_prot_cis.label_alt_id           . 
_struct_mon_prot_cis.pdbx_PDB_ins_code      ? 
_struct_mon_prot_cis.auth_comp_id           LEU 
_struct_mon_prot_cis.auth_seq_id            45 
_struct_mon_prot_cis.auth_asym_id           A 
_struct_mon_prot_cis.pdbx_label_comp_id_2   ASN 
_struct_mon_prot_cis.pdbx_label_seq_id_2    46 
_struct_mon_prot_cis.pdbx_label_asym_id_2   A 
_struct_mon_prot_cis.pdbx_PDB_ins_code_2    ? 
_struct_mon_prot_cis.pdbx_auth_comp_id_2    ASN 
_struct_mon_prot_cis.pdbx_auth_seq_id_2     46 
_struct_mon_prot_cis.pdbx_auth_asym_id_2    A 
_struct_mon_prot_cis.pdbx_PDB_model_num     1 
_struct_mon_prot_cis.pdbx_omega_angle       0.41 
# 
loop_
_struct_sheet.id 
_struct_sheet.type 
_struct_sheet.number_strands 
_struct_sheet.details 
A ? 5 ? 
B ? 2 ? 
# 
loop_
_struct_sheet_order.sheet_id 
_struct_sheet_order.range_id_1 
_struct_sheet_order.range_id_2 
_struct_sheet_order.offset 
_struct_sheet_order.sense 
A 1 2 ? parallel      
A 2 3 ? parallel      
A 3 4 ? parallel      
A 4 5 ? parallel      
B 1 2 ? anti-parallel 
# 
loop_
_struct_sheet_range.sheet_id 
_struct_sheet_range.id 
_struct_sheet_range.beg_label_comp_id 
_struct_sheet_range.beg_label_asym_id 
_struct_sheet_range.beg_label_seq_id 
_struct_sheet_range.pdbx_beg_PDB_ins_code 
_struct_sheet_range.end_label_comp_id 
_struct_sheet_range.end_label_asym_id 
_struct_sheet_range.end_label_seq_id 
_struct_sheet_range.pdbx_end_PDB_ins_code 
_struct_sheet_range.beg_auth_comp_id 
_struct_sheet_range.beg_auth_asym_id 
_struct_sheet_range.beg_auth_seq_id 
_struct_sheet_range.end_auth_comp_id 
_struct_sheet_range.end_auth_asym_id 
_struct_sheet_range.end_auth_seq_id 
A 1 THR A 64  ? ALA A 69  ? THR A 64  ALA A 69  
A 2 HIS A 40  ? LEU A 45  ? HIS A 40  LEU A 45  
A 3 ASP A 97  ? VAL A 105 ? ASP A 97  VAL A 105 
A 4 SER A 125 ? SER A 133 ? SER A 125 SER A 133 
A 5 TYR A 146 ? GLU A 150 ? TYR A 146 GLU A 150 
B 1 VAL A 156 ? TYR A 157 ? VAL A 156 TYR A 157 
B 2 THR A 174 ? SER A 175 ? THR A 174 SER A 175 
# 
loop_
_pdbx_struct_sheet_hbond.sheet_id 
_pdbx_struct_sheet_hbond.range_id_1 
_pdbx_struct_sheet_hbond.range_id_2 
_pdbx_struct_sheet_hbond.range_1_label_atom_id 
_pdbx_struct_sheet_hbond.range_1_label_comp_id 
_pdbx_struct_sheet_hbond.range_1_label_asym_id 
_pdbx_struct_sheet_hbond.range_1_label_seq_id 
_pdbx_struct_sheet_hbond.range_1_PDB_ins_code 
_pdbx_struct_sheet_hbond.range_1_auth_atom_id 
_pdbx_struct_sheet_hbond.range_1_auth_comp_id 
_pdbx_struct_sheet_hbond.range_1_auth_asym_id 
_pdbx_struct_sheet_hbond.range_1_auth_seq_id 
_pdbx_struct_sheet_hbond.range_2_label_atom_id 
_pdbx_struct_sheet_hbond.range_2_label_comp_id 
_pdbx_struct_sheet_hbond.range_2_label_asym_id 
_pdbx_struct_sheet_hbond.range_2_label_seq_id 
_pdbx_struct_sheet_hbond.range_2_PDB_ins_code 
_pdbx_struct_sheet_hbond.range_2_auth_atom_id 
_pdbx_struct_sheet_hbond.range_2_auth_comp_id 
_pdbx_struct_sheet_hbond.range_2_auth_asym_id 
_pdbx_struct_sheet_hbond.range_2_auth_seq_id 
A 1 2 O ILE A 68  ? O ILE A 68  N LEU A 45  ? N LEU A 45  
A 2 3 N ILE A 42  ? N ILE A 42  O VAL A 101 ? O VAL A 101 
A 3 4 N GLU A 102 ? N GLU A 102 O ALA A 129 ? O ALA A 129 
A 4 5 N VAL A 128 ? N VAL A 128 O TYR A 146 ? O TYR A 146 
B 1 2 N TYR A 157 ? N TYR A 157 O THR A 174 ? O THR A 174 
# 
loop_
_struct_site.id 
_struct_site.pdbx_evidence_code 
_struct_site.pdbx_auth_asym_id 
_struct_site.pdbx_auth_comp_id 
_struct_site.pdbx_auth_seq_id 
_struct_site.pdbx_auth_ins_code 
_struct_site.pdbx_num_residues 
_struct_site.details 
AC1 Software A 5GP 817 ? 19 'BINDING SITE FOR RESIDUE 5GP A 817' 
AC2 Software A DIO 991 ? 5  'BINDING SITE FOR RESIDUE DIO A 991' 
AC3 Software A DIO 992 ? 7  'BINDING SITE FOR RESIDUE DIO A 992' 
# 
loop_
_struct_site_gen.id 
_struct_site_gen.site_id 
_struct_site_gen.pdbx_num_res 
_struct_site_gen.label_comp_id 
_struct_site_gen.label_asym_id 
_struct_site_gen.label_seq_id 
_struct_site_gen.pdbx_auth_ins_code 
_struct_site_gen.auth_comp_id 
_struct_site_gen.auth_asym_id 
_struct_site_gen.auth_seq_id 
_struct_site_gen.label_atom_id 
_struct_site_gen.label_alt_id 
_struct_site_gen.symmetry 
_struct_site_gen.details 
1  AC1 19 GLU A 102 ? GLU A 102  . ? 1_555  ? 
2  AC1 19 ASP A 103 ? ASP A 103  . ? 1_555  ? 
3  AC1 19 ILE A 104 ? ILE A 104  . ? 1_555  ? 
4  AC1 19 ASP A 106 ? ASP A 106  . ? 1_555  ? 
5  AC1 19 THR A 107 ? THR A 107  . ? 1_555  ? 
6  AC1 19 GLY A 108 ? GLY A 108  . ? 1_555  ? 
7  AC1 19 LEU A 109 ? LEU A 109  . ? 1_555  ? 
8  AC1 19 THR A 110 ? THR A 110  . ? 1_555  ? 
9  AC1 19 LYS A 134 ? LYS A 134  . ? 1_555  ? 
10 AC1 19 ALA A 154 ? ALA A 154  . ? 1_555  ? 
11 AC1 19 TYR A 155 ? TYR A 155  . ? 1_555  ? 
12 AC1 19 VAL A 156 ? VAL A 156  . ? 1_555  ? 
13 AC1 19 LEU A 161 ? LEU A 161  . ? 1_555  ? 
14 AC1 19 ASP A 162 ? ASP A 162  . ? 1_555  ? 
15 AC1 19 HOH E .   ? HOH A 1009 . ? 1_555  ? 
16 AC1 19 HOH E .   ? HOH A 1061 . ? 1_555  ? 
17 AC1 19 HOH E .   ? HOH A 1063 . ? 1_555  ? 
18 AC1 19 HOH E .   ? HOH A 1079 . ? 1_555  ? 
19 AC1 19 HOH E .   ? HOH A 1096 . ? 1_555  ? 
20 AC2 5  ASP A 33  ? ASP A 33   . ? 1_555  ? 
21 AC2 5  TYR A 34  ? TYR A 34   . ? 1_555  ? 
22 AC2 5  LYS A 37  ? LYS A 37   . ? 1_555  ? 
23 AC2 5  SER A 125 ? SER A 125  . ? 1_555  ? 
24 AC2 5  ARG A 127 ? ARG A 127  . ? 1_555  ? 
25 AC3 7  MET A 4   ? MET A 4    . ? 10_665 ? 
26 AC3 7  PHE A 5   ? PHE A 5    . ? 10_665 ? 
27 AC3 7  PRO A 60  ? PRO A 60   . ? 1_555  ? 
28 AC3 7  LEU A 61  ? LEU A 61   . ? 1_555  ? 
29 AC3 7  PRO A 62  ? PRO A 62   . ? 1_555  ? 
30 AC3 7  LEU A 170 ? LEU A 170  . ? 10_665 ? 
31 AC3 7  HOH E .   ? HOH A 1042 . ? 10_665 ? 
# 
_atom_sites.entry_id                    3ACC 
_atom_sites.fract_transf_matrix[1][1]   -0.01616808 
_atom_sites.fract_transf_matrix[1][2]   -0.00232579 
_atom_sites.fract_transf_matrix[1][3]   -0.00538125 
_atom_sites.fract_transf_matrix[2][1]   -0.00619600 
_atom_sites.fract_transf_matrix[2][2]   -0.01592074 
_atom_sites.fract_transf_matrix[2][3]   -0.00198624 
_atom_sites.fract_transf_matrix[3][1]   -0.00207443 
_atom_sites.fract_transf_matrix[3][2]   0.00003144 
_atom_sites.fract_transf_matrix[3][3]   0.00621908 
_atom_sites.fract_transf_vector[1]      0.360813 
_atom_sites.fract_transf_vector[2]      0.410497 
_atom_sites.fract_transf_vector[3]      0.028202 
# 
loop_
_atom_type.symbol 
C 
N 
O 
P 
S 
# 
loop_
_atom_site.group_PDB 
_atom_site.id 
_atom_site.type_symbol 
_atom_site.label_atom_id 
_atom_site.label_alt_id 
_atom_site.label_comp_id 
_atom_site.label_asym_id 
_atom_site.label_entity_id 
_atom_site.label_seq_id 
_atom_site.pdbx_PDB_ins_code 
_atom_site.Cartn_x 
_atom_site.Cartn_y 
_atom_site.Cartn_z 
_atom_site.occupancy 
_atom_site.B_iso_or_equiv 
_atom_site.pdbx_formal_charge 
_atom_site.auth_seq_id 
_atom_site.auth_comp_id 
_atom_site.auth_asym_id 
_atom_site.auth_atom_id 
_atom_site.pdbx_PDB_model_num 
ATOM   1    N N     . GLY A 1 3   ? -12.760 -26.112 -5.699  1.00 48.20 ? 3    GLY A N     1 
ATOM   2    C CA    . GLY A 1 3   ? -12.446 -24.697 -5.341  1.00 46.06 ? 3    GLY A CA    1 
ATOM   3    C C     . GLY A 1 3   ? -11.051 -24.531 -4.769  1.00 45.10 ? 3    GLY A C     1 
ATOM   4    O O     . GLY A 1 3   ? -10.779 -24.943 -3.641  1.00 44.54 ? 3    GLY A O     1 
ATOM   5    N N     . MET A 1 4   ? -10.161 -23.929 -5.552  1.00 44.18 ? 4    MET A N     1 
ATOM   6    C CA    . MET A 1 4   ? -8.785  -23.705 -5.119  1.00 42.73 ? 4    MET A CA    1 
ATOM   7    C C     . MET A 1 4   ? -8.244  -22.404 -5.694  1.00 38.62 ? 4    MET A C     1 
ATOM   8    O O     . MET A 1 4   ? -8.676  -21.962 -6.756  1.00 39.36 ? 4    MET A O     1 
ATOM   9    C CB    . MET A 1 4   ? -7.885  -24.861 -5.567  1.00 46.26 ? 4    MET A CB    1 
ATOM   10   C CG    . MET A 1 4   ? -8.233  -26.211 -4.963  1.00 52.51 ? 4    MET A CG    1 
ATOM   11   S SD    . MET A 1 4   ? -7.067  -27.502 -5.458  1.00 60.74 ? 4    MET A SD    1 
ATOM   12   C CE    . MET A 1 4   ? -7.826  -28.086 -6.976  1.00 57.35 ? 4    MET A CE    1 
ATOM   13   N N     . PHE A 1 5   ? -7.300  -21.794 -4.984  1.00 34.80 ? 5    PHE A N     1 
ATOM   14   C CA    . PHE A 1 5   ? -6.691  -20.552 -5.441  1.00 30.48 ? 5    PHE A CA    1 
ATOM   15   C C     . PHE A 1 5   ? -5.733  -20.877 -6.579  1.00 30.67 ? 5    PHE A C     1 
ATOM   16   O O     . PHE A 1 5   ? -4.811  -21.677 -6.416  1.00 30.74 ? 5    PHE A O     1 
ATOM   17   C CB    . PHE A 1 5   ? -5.943  -19.871 -4.290  1.00 25.51 ? 5    PHE A CB    1 
ATOM   18   C CG    . PHE A 1 5   ? -6.844  -19.386 -3.183  1.00 24.18 ? 5    PHE A CG    1 
ATOM   19   C CD1   . PHE A 1 5   ? -7.895  -18.516 -3.458  1.00 19.92 ? 5    PHE A CD1   1 
ATOM   20   C CD2   . PHE A 1 5   ? -6.638  -19.793 -1.866  1.00 20.70 ? 5    PHE A CD2   1 
ATOM   21   C CE1   . PHE A 1 5   ? -8.731  -18.054 -2.439  1.00 19.28 ? 5    PHE A CE1   1 
ATOM   22   C CE2   . PHE A 1 5   ? -7.466  -19.337 -0.841  1.00 19.61 ? 5    PHE A CE2   1 
ATOM   23   C CZ    . PHE A 1 5   ? -8.514  -18.466 -1.129  1.00 19.35 ? 5    PHE A CZ    1 
ATOM   24   N N     . THR A 1 6   ? -5.954  -20.253 -7.731  1.00 29.25 ? 6    THR A N     1 
ATOM   25   C CA    . THR A 1 6   ? -5.122  -20.499 -8.902  1.00 29.40 ? 6    THR A CA    1 
ATOM   26   C C     . THR A 1 6   ? -4.471  -19.232 -9.452  1.00 27.54 ? 6    THR A C     1 
ATOM   27   O O     . THR A 1 6   ? -5.130  -18.209 -9.611  1.00 26.26 ? 6    THR A O     1 
ATOM   28   C CB    . THR A 1 6   ? -5.955  -21.130 -10.035 1.00 30.72 ? 6    THR A CB    1 
ATOM   29   O OG1   . THR A 1 6   ? -6.603  -22.311 -9.552  1.00 34.94 ? 6    THR A OG1   1 
ATOM   30   C CG2   . THR A 1 6   ? -5.065  -21.491 -11.217 1.00 31.09 ? 6    THR A CG2   1 
ATOM   31   N N     . PRO A 1 7   ? -3.163  -19.292 -9.752  1.00 26.53 ? 7    PRO A N     1 
ATOM   32   C CA    . PRO A 1 7   ? -2.426  -18.146 -10.295 1.00 26.35 ? 7    PRO A CA    1 
ATOM   33   C C     . PRO A 1 7   ? -2.720  -17.879 -11.773 1.00 26.13 ? 7    PRO A C     1 
ATOM   34   O O     . PRO A 1 7   ? -2.943  -18.807 -12.550 1.00 25.92 ? 7    PRO A O     1 
ATOM   35   C CB    . PRO A 1 7   ? -0.968  -18.541 -10.071 1.00 26.79 ? 7    PRO A CB    1 
ATOM   36   C CG    . PRO A 1 7   ? -1.001  -20.021 -10.206 1.00 26.55 ? 7    PRO A CG    1 
ATOM   37   C CD    . PRO A 1 7   ? -2.236  -20.384 -9.406  1.00 27.03 ? 7    PRO A CD    1 
ATOM   38   N N     . GLY A 1 8   ? -2.726  -16.606 -12.155 1.00 26.60 ? 8    GLY A N     1 
ATOM   39   C CA    . GLY A 1 8   ? -2.960  -16.260 -13.546 1.00 26.01 ? 8    GLY A CA    1 
ATOM   40   C C     . GLY A 1 8   ? -1.681  -16.583 -14.299 1.00 25.05 ? 8    GLY A C     1 
ATOM   41   O O     . GLY A 1 8   ? -0.729  -17.071 -13.696 1.00 24.59 ? 8    GLY A O     1 
ATOM   42   N N     . ASN A 1 9   ? -1.636  -16.309 -15.597 1.00 25.46 ? 9    ASN A N     1 
ATOM   43   C CA    . ASN A 1 9   ? -0.434  -16.614 -16.371 1.00 28.44 ? 9    ASN A CA    1 
ATOM   44   C C     . ASN A 1 9   ? 0.429   -15.403 -16.698 1.00 26.63 ? 9    ASN A C     1 
ATOM   45   O O     . ASN A 1 9   ? 1.303   -15.482 -17.557 1.00 26.61 ? 9    ASN A O     1 
ATOM   46   C CB    . ASN A 1 9   ? -0.806  -17.327 -17.672 1.00 31.77 ? 9    ASN A CB    1 
ATOM   47   C CG    . ASN A 1 9   ? -1.664  -16.472 -18.584 1.00 34.38 ? 9    ASN A CG    1 
ATOM   48   O OD1   . ASN A 1 9   ? -2.094  -16.921 -19.646 1.00 40.15 ? 9    ASN A OD1   1 
ATOM   49   N ND2   . ASN A 1 9   ? -1.914  -15.234 -18.179 1.00 38.37 ? 9    ASN A ND2   1 
ATOM   50   N N     . GLY A 1 10  ? 0.182   -14.288 -16.019 1.00 24.53 ? 10   GLY A N     1 
ATOM   51   C CA    . GLY A 1 10  ? 0.961   -13.088 -16.266 1.00 23.26 ? 10   GLY A CA    1 
ATOM   52   C C     . GLY A 1 10  ? 2.412   -13.253 -15.856 1.00 22.62 ? 10   GLY A C     1 
ATOM   53   O O     . GLY A 1 10  ? 2.772   -14.257 -15.240 1.00 23.68 ? 10   GLY A O     1 
ATOM   54   N N     . PRO A 1 11  ? 3.272   -12.273 -16.165 1.00 22.25 ? 11   PRO A N     1 
ATOM   55   C CA    . PRO A 1 11  ? 4.694   -12.342 -15.818 1.00 22.41 ? 11   PRO A CA    1 
ATOM   56   C C     . PRO A 1 11  ? 5.046   -12.133 -14.347 1.00 22.84 ? 11   PRO A C     1 
ATOM   57   O O     . PRO A 1 11  ? 6.152   -12.464 -13.932 1.00 22.42 ? 11   PRO A O     1 
ATOM   58   C CB    . PRO A 1 11  ? 5.314   -11.276 -16.718 1.00 22.44 ? 11   PRO A CB    1 
ATOM   59   C CG    . PRO A 1 11  ? 4.244   -10.239 -16.763 1.00 22.40 ? 11   PRO A CG    1 
ATOM   60   C CD    . PRO A 1 11  ? 2.986   -11.062 -16.955 1.00 21.27 ? 11   PRO A CD    1 
ATOM   61   N N     . VAL A 1 12  ? 4.115   -11.592 -13.563 1.00 23.15 ? 12   VAL A N     1 
ATOM   62   C CA    . VAL A 1 12  ? 4.362   -11.333 -12.144 1.00 20.83 ? 12   VAL A CA    1 
ATOM   63   C C     . VAL A 1 12  ? 3.659   -12.326 -11.219 1.00 21.17 ? 12   VAL A C     1 
ATOM   64   O O     . VAL A 1 12  ? 2.439   -12.492 -11.273 1.00 20.69 ? 12   VAL A O     1 
ATOM   65   C CB    . VAL A 1 12  ? 3.919   -9.901  -11.761 1.00 20.65 ? 12   VAL A CB    1 
ATOM   66   C CG1   . VAL A 1 12  ? 4.168   -9.653  -10.279 1.00 20.85 ? 12   VAL A CG1   1 
ATOM   67   C CG2   . VAL A 1 12  ? 4.685   -8.885  -12.593 1.00 19.13 ? 12   VAL A CG2   1 
ATOM   68   N N     . GLN A 1 13  ? 4.445   -12.982 -10.369 1.00 20.49 ? 13   GLN A N     1 
ATOM   69   C CA    . GLN A 1 13  ? 3.924   -13.967 -9.429  1.00 20.26 ? 13   GLN A CA    1 
ATOM   70   C C     . GLN A 1 13  ? 4.704   -13.838 -8.122  1.00 21.81 ? 13   GLN A C     1 
ATOM   71   O O     . GLN A 1 13  ? 5.938   -13.870 -8.117  1.00 21.87 ? 13   GLN A O     1 
ATOM   72   C CB    . GLN A 1 13  ? 4.111   -15.389 -9.982  1.00 20.34 ? 13   GLN A CB    1 
ATOM   73   C CG    . GLN A 1 13  ? 3.667   -15.622 -11.433 1.00 17.19 ? 13   GLN A CG    1 
ATOM   74   C CD    . GLN A 1 13  ? 2.158   -15.666 -11.614 1.00 19.54 ? 13   GLN A CD    1 
ATOM   75   O OE1   . GLN A 1 13  ? 1.418   -16.004 -10.685 1.00 18.84 ? 13   GLN A OE1   1 
ATOM   76   N NE2   . GLN A 1 13  ? 1.695   -15.350 -12.824 1.00 16.54 ? 13   GLN A NE2   1 
ATOM   77   N N     . ILE A 1 14  ? 3.995   -13.682 -7.010  1.00 21.82 ? 14   ILE A N     1 
ATOM   78   C CA    . ILE A 1 14  ? 4.660   -13.564 -5.716  1.00 21.53 ? 14   ILE A CA    1 
ATOM   79   C C     . ILE A 1 14  ? 3.852   -14.360 -4.699  1.00 21.42 ? 14   ILE A C     1 
ATOM   80   O O     . ILE A 1 14  ? 2.676   -14.077 -4.469  1.00 22.15 ? 14   ILE A O     1 
ATOM   81   C CB    . ILE A 1 14  ? 4.775   -12.087 -5.274  1.00 20.12 ? 14   ILE A CB    1 
ATOM   82   C CG1   . ILE A 1 14  ? 5.285   -11.238 -6.444  1.00 21.73 ? 14   ILE A CG1   1 
ATOM   83   C CG2   . ILE A 1 14  ? 5.747   -11.964 -4.108  1.00 16.83 ? 14   ILE A CG2   1 
ATOM   84   C CD1   . ILE A 1 14  ? 5.437   -9.767  -6.130  1.00 22.16 ? 14   ILE A CD1   1 
ATOM   85   N N     . SER A 1 15  ? 4.492   -15.359 -4.100  1.00 20.00 ? 15   SER A N     1 
ATOM   86   C CA    . SER A 1 15  ? 3.835   -16.239 -3.139  1.00 19.23 ? 15   SER A CA    1 
ATOM   87   C C     . SER A 1 15  ? 3.459   -15.607 -1.804  1.00 19.28 ? 15   SER A C     1 
ATOM   88   O O     . SER A 1 15  ? 4.041   -14.608 -1.377  1.00 20.22 ? 15   SER A O     1 
ATOM   89   C CB    . SER A 1 15  ? 4.718   -17.454 -2.868  1.00 17.57 ? 15   SER A CB    1 
ATOM   90   O OG    . SER A 1 15  ? 5.821   -17.095 -2.052  1.00 18.96 ? 15   SER A OG    1 
ATOM   91   N N     . ALA A 1 16  ? 2.482   -16.216 -1.141  1.00 19.59 ? 16   ALA A N     1 
ATOM   92   C CA    . ALA A 1 16  ? 2.023   -15.748 0.158   1.00 19.33 ? 16   ALA A CA    1 
ATOM   93   C C     . ALA A 1 16  ? 3.191   -15.727 1.142   1.00 19.22 ? 16   ALA A C     1 
ATOM   94   O O     . ALA A 1 16  ? 3.292   -14.832 1.985   1.00 17.86 ? 16   ALA A O     1 
ATOM   95   C CB    . ALA A 1 16  ? 0.918   -16.669 0.676   1.00 19.40 ? 16   ALA A CB    1 
ATOM   96   N N     . GLU A 1 17  ? 4.073   -16.717 1.024   1.00 19.22 ? 17   GLU A N     1 
ATOM   97   C CA    . GLU A 1 17  ? 5.233   -16.835 1.905   1.00 22.08 ? 17   GLU A CA    1 
ATOM   98   C C     . GLU A 1 17  ? 6.217   -15.702 1.650   1.00 21.67 ? 17   GLU A C     1 
ATOM   99   O O     . GLU A 1 17  ? 6.743   -15.092 2.592   1.00 20.40 ? 17   GLU A O     1 
ATOM   100  C CB    . GLU A 1 17  ? 5.936   -18.183 1.695   1.00 26.11 ? 17   GLU A CB    1 
ATOM   101  C CG    . GLU A 1 17  ? 5.026   -19.405 1.835   1.00 32.23 ? 17   GLU A CG    1 
ATOM   102  C CD    . GLU A 1 17  ? 4.087   -19.594 0.647   1.00 37.42 ? 17   GLU A CD    1 
ATOM   103  O OE1   . GLU A 1 17  ? 3.241   -20.512 0.690   1.00 41.62 ? 17   GLU A OE1   1 
ATOM   104  O OE2   . GLU A 1 17  ? 4.195   -18.830 -0.335  1.00 38.33 ? 17   GLU A OE2   1 
ATOM   105  N N     . ALA A 1 18  ? 6.468   -15.424 0.376   1.00 20.89 ? 18   ALA A N     1 
ATOM   106  C CA    . ALA A 1 18  ? 7.378   -14.348 0.018   1.00 20.55 ? 18   ALA A CA    1 
ATOM   107  C C     . ALA A 1 18  ? 6.764   -13.036 0.499   1.00 19.23 ? 18   ALA A C     1 
ATOM   108  O O     . ALA A 1 18  ? 7.446   -12.207 1.098   1.00 18.28 ? 18   ALA A O     1 
ATOM   109  C CB    . ALA A 1 18  ? 7.596   -14.320 -1.489  1.00 18.29 ? 18   ALA A CB    1 
ATOM   110  N N     . ILE A 1 19  ? 5.469   -12.851 0.250   1.00 19.29 ? 19   ILE A N     1 
ATOM   111  C CA    . ILE A 1 19  ? 4.803   -11.627 0.692   1.00 19.07 ? 19   ILE A CA    1 
ATOM   112  C C     . ILE A 1 19  ? 4.893   -11.507 2.211   1.00 19.27 ? 19   ILE A C     1 
ATOM   113  O O     . ILE A 1 19  ? 5.235   -10.452 2.741   1.00 20.67 ? 19   ILE A O     1 
ATOM   114  C CB    . ILE A 1 19  ? 3.308   -11.600 0.278   1.00 16.49 ? 19   ILE A CB    1 
ATOM   115  C CG1   . ILE A 1 19  ? 3.187   -11.445 -1.242  1.00 13.16 ? 19   ILE A CG1   1 
ATOM   116  C CG2   . ILE A 1 19  ? 2.596   -10.446 0.989   1.00 15.38 ? 19   ILE A CG2   1 
ATOM   117  C CD1   . ILE A 1 19  ? 1.797   -11.699 -1.787  1.00 9.66  ? 19   ILE A CD1   1 
ATOM   118  N N     . LYS A 1 20  ? 4.593   -12.601 2.906   1.00 19.00 ? 20   LYS A N     1 
ATOM   119  C CA    . LYS A 1 20  ? 4.632   -12.620 4.365   1.00 19.29 ? 20   LYS A CA    1 
ATOM   120  C C     . LYS A 1 20  ? 5.975   -12.174 4.917   1.00 20.20 ? 20   LYS A C     1 
ATOM   121  O O     . LYS A 1 20  ? 6.041   -11.363 5.844   1.00 19.47 ? 20   LYS A O     1 
ATOM   122  C CB    . LYS A 1 20  ? 4.319   -14.027 4.881   1.00 20.06 ? 20   LYS A CB    1 
ATOM   123  C CG    . LYS A 1 20  ? 4.441   -14.180 6.389   1.00 21.07 ? 20   LYS A CG    1 
ATOM   124  C CD    . LYS A 1 20  ? 4.170   -15.618 6.810   1.00 25.75 ? 20   LYS A CD    1 
ATOM   125  C CE    . LYS A 1 20  ? 4.411   -15.827 8.296   1.00 27.65 ? 20   LYS A CE    1 
ATOM   126  N NZ    . LYS A 1 20  ? 3.502   -14.991 9.122   1.00 33.36 ? 20   LYS A NZ    1 
ATOM   127  N N     . LYS A 1 21  ? 7.049   -12.721 4.354   1.00 21.63 ? 21   LYS A N     1 
ATOM   128  C CA    . LYS A 1 21  ? 8.400   -12.391 4.790   1.00 20.20 ? 21   LYS A CA    1 
ATOM   129  C C     . LYS A 1 21  ? 8.742   -10.926 4.520   1.00 19.20 ? 21   LYS A C     1 
ATOM   130  O O     . LYS A 1 21  ? 9.341   -10.260 5.359   1.00 18.21 ? 21   LYS A O     1 
ATOM   131  C CB    . LYS A 1 21  ? 9.412   -13.290 4.081   1.00 23.76 ? 21   LYS A CB    1 
ATOM   132  C CG    . LYS A 1 21  ? 10.862  -12.999 4.447   1.00 29.02 ? 21   LYS A CG    1 
ATOM   133  C CD    . LYS A 1 21  ? 11.823  -13.918 3.707   1.00 32.29 ? 21   LYS A CD    1 
ATOM   134  C CE    . LYS A 1 21  ? 13.262  -13.654 4.121   1.00 34.44 ? 21   LYS A CE    1 
ATOM   135  N NZ    . LYS A 1 21  ? 14.215  -14.589 3.459   1.00 37.12 ? 21   LYS A NZ    1 
ATOM   136  N N     . ARG A 1 22  ? 8.369   -10.425 3.348   1.00 18.62 ? 22   ARG A N     1 
ATOM   137  C CA    . ARG A 1 22  ? 8.661   -9.040  3.016   1.00 18.28 ? 22   ARG A CA    1 
ATOM   138  C C     . ARG A 1 22  ? 7.880   -8.073  3.910   1.00 17.98 ? 22   ARG A C     1 
ATOM   139  O O     . ARG A 1 22  ? 8.432   -7.080  4.379   1.00 18.13 ? 22   ARG A O     1 
ATOM   140  C CB    . ARG A 1 22  ? 8.346   -8.768  1.544   1.00 19.85 ? 22   ARG A CB    1 
ATOM   141  C CG    . ARG A 1 22  ? 8.747   -7.377  1.067   1.00 20.47 ? 22   ARG A CG    1 
ATOM   142  C CD    . ARG A 1 22  ? 10.230  -7.110  1.309   1.00 22.45 ? 22   ARG A CD    1 
ATOM   143  N NE    . ARG A 1 22  ? 10.616  -5.754  0.927   1.00 19.95 ? 22   ARG A NE    1 
ATOM   144  C CZ    . ARG A 1 22  ? 11.525  -5.028  1.570   1.00 20.88 ? 22   ARG A CZ    1 
ATOM   145  N NH1   . ARG A 1 22  ? 12.145  -5.530  2.630   1.00 20.06 ? 22   ARG A NH1   1 
ATOM   146  N NH2   . ARG A 1 22  ? 11.807  -3.797  1.164   1.00 20.41 ? 22   ARG A NH2   1 
ATOM   147  N N     . VAL A 1 23  ? 6.607   -8.364  4.161   1.00 16.77 ? 23   VAL A N     1 
ATOM   148  C CA    . VAL A 1 23  ? 5.796   -7.488  5.008   1.00 16.81 ? 23   VAL A CA    1 
ATOM   149  C C     . VAL A 1 23  ? 6.361   -7.420  6.425   1.00 18.89 ? 23   VAL A C     1 
ATOM   150  O O     . VAL A 1 23  ? 6.342   -6.361  7.053   1.00 18.79 ? 23   VAL A O     1 
ATOM   151  C CB    . VAL A 1 23  ? 4.318   -7.957  5.046   1.00 17.71 ? 23   VAL A CB    1 
ATOM   152  C CG1   . VAL A 1 23  ? 3.504   -7.074  5.987   1.00 17.87 ? 23   VAL A CG1   1 
ATOM   153  C CG2   . VAL A 1 23  ? 3.733   -7.899  3.649   1.00 15.60 ? 23   VAL A CG2   1 
ATOM   154  N N     . GLU A 1 24  ? 6.878   -8.544  6.919   1.00 21.43 ? 24   GLU A N     1 
ATOM   155  C CA    . GLU A 1 24  ? 7.469   -8.593  8.257   1.00 22.02 ? 24   GLU A CA    1 
ATOM   156  C C     . GLU A 1 24  ? 8.736   -7.737  8.328   1.00 21.54 ? 24   GLU A C     1 
ATOM   157  O O     . GLU A 1 24  ? 9.018   -7.110  9.349   1.00 22.12 ? 24   GLU A O     1 
ATOM   158  C CB    . GLU A 1 24  ? 7.809   -10.038 8.644   1.00 23.93 ? 24   GLU A CB    1 
ATOM   159  C CG    . GLU A 1 24  ? 6.607   -10.976 8.680   1.00 29.77 ? 24   GLU A CG    1 
ATOM   160  C CD    . GLU A 1 24  ? 6.966   -12.376 9.153   1.00 32.17 ? 24   GLU A CD    1 
ATOM   161  O OE1   . GLU A 1 24  ? 7.942   -12.957 8.635   1.00 33.49 ? 24   GLU A OE1   1 
ATOM   162  O OE2   . GLU A 1 24  ? 6.265   -12.900 10.039  1.00 35.45 ? 24   GLU A OE2   1 
ATOM   163  N N     . GLU A 1 25  ? 9.506   -7.713  7.245   1.00 19.28 ? 25   GLU A N     1 
ATOM   164  C CA    . GLU A 1 25  ? 10.725  -6.910  7.218   1.00 19.50 ? 25   GLU A CA    1 
ATOM   165  C C     . GLU A 1 25  ? 10.359  -5.425  7.228   1.00 19.70 ? 25   GLU A C     1 
ATOM   166  O O     . GLU A 1 25  ? 10.984  -4.624  7.930   1.00 18.66 ? 25   GLU A O     1 
ATOM   167  C CB    . GLU A 1 25  ? 11.549  -7.240  5.967   1.00 19.24 ? 25   GLU A CB    1 
ATOM   168  C CG    . GLU A 1 25  ? 11.809  -8.730  5.789   1.00 24.11 ? 25   GLU A CG    1 
ATOM   169  C CD    . GLU A 1 25  ? 12.601  -9.056  4.531   1.00 26.17 ? 25   GLU A CD    1 
ATOM   170  O OE1   . GLU A 1 25  ? 12.303  -8.487  3.458   1.00 25.82 ? 25   GLU A OE1   1 
ATOM   171  O OE2   . GLU A 1 25  ? 13.516  -9.898  4.618   1.00 28.29 ? 25   GLU A OE2   1 
ATOM   172  N N     . LEU A 1 26  ? 9.344   -5.060  6.443   1.00 19.06 ? 26   LEU A N     1 
ATOM   173  C CA    . LEU A 1 26  ? 8.901   -3.670  6.376   1.00 18.33 ? 26   LEU A CA    1 
ATOM   174  C C     . LEU A 1 26  ? 8.375   -3.221  7.734   1.00 18.39 ? 26   LEU A C     1 
ATOM   175  O O     . LEU A 1 26  ? 8.633   -2.097  8.170   1.00 17.15 ? 26   LEU A O     1 
ATOM   176  C CB    . LEU A 1 26  ? 7.805   -3.504  5.317   1.00 18.21 ? 26   LEU A CB    1 
ATOM   177  C CG    . LEU A 1 26  ? 8.240   -3.668  3.858   1.00 19.04 ? 26   LEU A CG    1 
ATOM   178  C CD1   . LEU A 1 26  ? 7.034   -3.481  2.947   1.00 17.80 ? 26   LEU A CD1   1 
ATOM   179  C CD2   . LEU A 1 26  ? 9.326   -2.644  3.525   1.00 18.24 ? 26   LEU A CD2   1 
ATOM   180  N N     . GLY A 1 27  ? 7.631   -4.104  8.394   1.00 17.70 ? 27   GLY A N     1 
ATOM   181  C CA    . GLY A 1 27  ? 7.098   -3.784  9.704   1.00 20.22 ? 27   GLY A CA    1 
ATOM   182  C C     . GLY A 1 27  ? 8.242   -3.527  10.668  1.00 20.65 ? 27   GLY A C     1 
ATOM   183  O O     . GLY A 1 27  ? 8.200   -2.582  11.453  1.00 21.40 ? 27   GLY A O     1 
ATOM   184  N N     . GLY A 1 28  ? 9.270   -4.369  10.603  1.00 22.52 ? 28   GLY A N     1 
ATOM   185  C CA    . GLY A 1 28  ? 10.424  -4.204  11.475  1.00 22.46 ? 28   GLY A CA    1 
ATOM   186  C C     . GLY A 1 28  ? 11.159  -2.908  11.181  1.00 23.50 ? 28   GLY A C     1 
ATOM   187  O O     . GLY A 1 28  ? 11.685  -2.259  12.088  1.00 22.63 ? 28   GLY A O     1 
ATOM   188  N N     . GLU A 1 29  ? 11.197  -2.529  9.904   1.00 22.47 ? 29   GLU A N     1 
ATOM   189  C CA    . GLU A 1 29  ? 11.855  -1.292  9.489   1.00 23.35 ? 29   GLU A CA    1 
ATOM   190  C C     . GLU A 1 29  ? 11.121  -0.086  10.062  1.00 21.50 ? 29   GLU A C     1 
ATOM   191  O O     . GLU A 1 29  ? 11.740  0.827   10.616  1.00 20.23 ? 29   GLU A O     1 
ATOM   192  C CB    . GLU A 1 29  ? 11.890  -1.187  7.961   1.00 25.35 ? 29   GLU A CB    1 
ATOM   193  C CG    . GLU A 1 29  ? 13.088  -1.861  7.312   1.00 30.21 ? 29   GLU A CG    1 
ATOM   194  C CD    . GLU A 1 29  ? 13.074  -1.752  5.792   1.00 33.44 ? 29   GLU A CD    1 
ATOM   195  O OE1   . GLU A 1 29  ? 12.769  -0.658  5.271   1.00 34.56 ? 29   GLU A OE1   1 
ATOM   196  O OE2   . GLU A 1 29  ? 13.384  -2.759  5.121   1.00 37.93 ? 29   GLU A OE2   1 
ATOM   197  N N     . ILE A 1 30  ? 9.799   -0.086  9.922   1.00 20.75 ? 30   ILE A N     1 
ATOM   198  C CA    . ILE A 1 30  ? 8.983   1.006   10.440  1.00 19.65 ? 30   ILE A CA    1 
ATOM   199  C C     . ILE A 1 30  ? 9.144   1.112   11.954  1.00 19.03 ? 30   ILE A C     1 
ATOM   200  O O     . ILE A 1 30  ? 9.372   2.198   12.483  1.00 18.55 ? 30   ILE A O     1 
ATOM   201  C CB    . ILE A 1 30  ? 7.487   0.798   10.093  1.00 20.99 ? 30   ILE A CB    1 
ATOM   202  C CG1   . ILE A 1 30  ? 7.278   1.005   8.590   1.00 22.31 ? 30   ILE A CG1   1 
ATOM   203  C CG2   . ILE A 1 30  ? 6.614   1.762   10.900  1.00 18.08 ? 30   ILE A CG2   1 
ATOM   204  C CD1   . ILE A 1 30  ? 5.875   0.705   8.108   1.00 25.81 ? 30   ILE A CD1   1 
ATOM   205  N N     . ALA A 1 31  ? 9.022   -0.017  12.645  1.00 18.41 ? 31   ALA A N     1 
ATOM   206  C CA    . ALA A 1 31  ? 9.160   -0.040  14.096  1.00 20.67 ? 31   ALA A CA    1 
ATOM   207  C C     . ALA A 1 31  ? 10.475  0.622   14.505  1.00 22.22 ? 31   ALA A C     1 
ATOM   208  O O     . ALA A 1 31  ? 10.513  1.455   15.414  1.00 21.10 ? 31   ALA A O     1 
ATOM   209  C CB    . ALA A 1 31  ? 9.107   -1.480  14.605  1.00 19.38 ? 31   ALA A CB    1 
ATOM   210  N N     . ARG A 1 32  ? 11.550  0.260   13.815  1.00 24.08 ? 32   ARG A N     1 
ATOM   211  C CA    . ARG A 1 32  ? 12.867  0.825   14.097  1.00 25.37 ? 32   ARG A CA    1 
ATOM   212  C C     . ARG A 1 32  ? 12.920  2.331   13.807  1.00 24.63 ? 32   ARG A C     1 
ATOM   213  O O     . ARG A 1 32  ? 13.351  3.115   14.654  1.00 23.80 ? 32   ARG A O     1 
ATOM   214  C CB    . ARG A 1 32  ? 13.931  0.093   13.269  1.00 27.73 ? 32   ARG A CB    1 
ATOM   215  C CG    . ARG A 1 32  ? 15.337  0.663   13.391  1.00 32.33 ? 32   ARG A CG    1 
ATOM   216  C CD    . ARG A 1 32  ? 16.327  -0.125  12.539  1.00 36.69 ? 32   ARG A CD    1 
ATOM   217  N NE    . ARG A 1 32  ? 15.977  -0.114  11.120  1.00 40.55 ? 32   ARG A NE    1 
ATOM   218  C CZ    . ARG A 1 32  ? 15.981  0.973   10.352  1.00 41.68 ? 32   ARG A CZ    1 
ATOM   219  N NH1   . ARG A 1 32  ? 16.321  2.146   10.868  1.00 45.12 ? 32   ARG A NH1   1 
ATOM   220  N NH2   . ARG A 1 32  ? 15.652  0.887   9.070   1.00 39.08 ? 32   ARG A NH2   1 
ATOM   221  N N     . ASP A 1 33  ? 12.480  2.736   12.617  1.00 22.98 ? 33   ASP A N     1 
ATOM   222  C CA    . ASP A 1 33  ? 12.504  4.151   12.252  1.00 21.57 ? 33   ASP A CA    1 
ATOM   223  C C     . ASP A 1 33  ? 11.618  5.048   13.114  1.00 21.57 ? 33   ASP A C     1 
ATOM   224  O O     . ASP A 1 33  ? 11.966  6.200   13.373  1.00 20.15 ? 33   ASP A O     1 
ATOM   225  C CB    . ASP A 1 33  ? 12.091  4.340   10.790  1.00 21.56 ? 33   ASP A CB    1 
ATOM   226  C CG    . ASP A 1 33  ? 13.051  3.689   9.825   1.00 22.79 ? 33   ASP A CG    1 
ATOM   227  O OD1   . ASP A 1 33  ? 14.166  3.329   10.257  1.00 20.03 ? 33   ASP A OD1   1 
ATOM   228  O OD2   . ASP A 1 33  ? 12.692  3.550   8.635   1.00 20.42 ? 33   ASP A OD2   1 
ATOM   229  N N     . TYR A 1 34  ? 10.474  4.522   13.547  1.00 20.27 ? 34   TYR A N     1 
ATOM   230  C CA    . TYR A 1 34  ? 9.524   5.296   14.346  1.00 20.79 ? 34   TYR A CA    1 
ATOM   231  C C     . TYR A 1 34  ? 9.590   5.056   15.842  1.00 23.13 ? 34   TYR A C     1 
ATOM   232  O O     . TYR A 1 34  ? 8.655   5.401   16.574  1.00 24.05 ? 34   TYR A O     1 
ATOM   233  C CB    . TYR A 1 34  ? 8.097   5.025   13.857  1.00 17.88 ? 34   TYR A CB    1 
ATOM   234  C CG    . TYR A 1 34  ? 7.790   5.688   12.539  1.00 16.66 ? 34   TYR A CG    1 
ATOM   235  C CD1   . TYR A 1 34  ? 7.083   6.887   12.490  1.00 16.08 ? 34   TYR A CD1   1 
ATOM   236  C CD2   . TYR A 1 34  ? 8.251   5.143   11.341  1.00 16.67 ? 34   TYR A CD2   1 
ATOM   237  C CE1   . TYR A 1 34  ? 6.846   7.533   11.279  1.00 17.58 ? 34   TYR A CE1   1 
ATOM   238  C CE2   . TYR A 1 34  ? 8.022   5.778   10.124  1.00 17.85 ? 34   TYR A CE2   1 
ATOM   239  C CZ    . TYR A 1 34  ? 7.320   6.973   10.099  1.00 17.42 ? 34   TYR A CZ    1 
ATOM   240  O OH    . TYR A 1 34  ? 7.101   7.609   8.897   1.00 18.31 ? 34   TYR A OH    1 
ATOM   241  N N     . GLN A 1 35  ? 10.688  4.470   16.301  1.00 25.67 ? 35   GLN A N     1 
ATOM   242  C CA    . GLN A 1 35  ? 10.846  4.201   17.721  1.00 27.70 ? 35   GLN A CA    1 
ATOM   243  C C     . GLN A 1 35  ? 10.672  5.519   18.472  1.00 27.18 ? 35   GLN A C     1 
ATOM   244  O O     . GLN A 1 35  ? 11.134  6.569   18.020  1.00 25.66 ? 35   GLN A O     1 
ATOM   245  C CB    . GLN A 1 35  ? 12.230  3.605   17.996  1.00 31.05 ? 35   GLN A CB    1 
ATOM   246  C CG    . GLN A 1 35  ? 12.285  2.725   19.236  1.00 36.21 ? 35   GLN A CG    1 
ATOM   247  C CD    . GLN A 1 35  ? 11.317  1.552   19.159  1.00 39.56 ? 35   GLN A CD    1 
ATOM   248  O OE1   . GLN A 1 35  ? 11.420  0.698   18.274  1.00 38.11 ? 35   GLN A OE1   1 
ATOM   249  N NE2   . GLN A 1 35  ? 10.366  1.510   20.090  1.00 41.04 ? 35   GLN A NE2   1 
ATOM   250  N N     . GLY A 1 36  ? 9.981   5.464   19.605  1.00 27.84 ? 36   GLY A N     1 
ATOM   251  C CA    . GLY A 1 36  ? 9.756   6.661   20.391  1.00 28.69 ? 36   GLY A CA    1 
ATOM   252  C C     . GLY A 1 36  ? 8.639   7.534   19.851  1.00 30.49 ? 36   GLY A C     1 
ATOM   253  O O     . GLY A 1 36  ? 8.380   8.615   20.383  1.00 30.60 ? 36   GLY A O     1 
ATOM   254  N N     . LYS A 1 37  ? 7.972   7.076   18.792  1.00 29.95 ? 37   LYS A N     1 
ATOM   255  C CA    . LYS A 1 37  ? 6.885   7.852   18.209  1.00 28.89 ? 37   LYS A CA    1 
ATOM   256  C C     . LYS A 1 37  ? 5.577   7.076   18.112  1.00 26.79 ? 37   LYS A C     1 
ATOM   257  O O     . LYS A 1 37  ? 5.538   5.874   18.372  1.00 25.03 ? 37   LYS A O     1 
ATOM   258  C CB    . LYS A 1 37  ? 7.304   8.383   16.838  1.00 31.85 ? 37   LYS A CB    1 
ATOM   259  C CG    . LYS A 1 37  ? 8.509   9.300   16.923  1.00 33.88 ? 37   LYS A CG    1 
ATOM   260  C CD    . LYS A 1 37  ? 8.742   10.074  15.649  1.00 34.96 ? 37   LYS A CD    1 
ATOM   261  C CE    . LYS A 1 37  ? 9.899   11.040  15.834  1.00 36.63 ? 37   LYS A CE    1 
ATOM   262  N NZ    . LYS A 1 37  ? 10.103  11.916  14.647  1.00 40.54 ? 37   LYS A NZ    1 
ATOM   263  N N     . THR A 1 38  ? 4.508   7.776   17.744  1.00 24.96 ? 38   THR A N     1 
ATOM   264  C CA    . THR A 1 38  ? 3.181   7.177   17.632  1.00 23.71 ? 38   THR A CA    1 
ATOM   265  C C     . THR A 1 38  ? 2.616   7.452   16.245  1.00 22.55 ? 38   THR A C     1 
ATOM   266  O O     . THR A 1 38  ? 1.857   8.403   16.050  1.00 20.98 ? 38   THR A O     1 
ATOM   267  C CB    . THR A 1 38  ? 2.229   7.776   18.691  1.00 25.37 ? 38   THR A CB    1 
ATOM   268  O OG1   . THR A 1 38  ? 2.786   7.571   19.994  1.00 27.26 ? 38   THR A OG1   1 
ATOM   269  C CG2   . THR A 1 38  ? 0.864   7.116   18.630  1.00 25.70 ? 38   THR A CG2   1 
ATOM   270  N N     . PRO A 1 39  ? 2.974   6.617   15.260  1.00 21.38 ? 39   PRO A N     1 
ATOM   271  C CA    . PRO A 1 39  ? 2.482   6.817   13.894  1.00 21.02 ? 39   PRO A CA    1 
ATOM   272  C C     . PRO A 1 39  ? 0.980   6.665   13.699  1.00 19.74 ? 39   PRO A C     1 
ATOM   273  O O     . PRO A 1 39  ? 0.291   6.013   14.485  1.00 18.95 ? 39   PRO A O     1 
ATOM   274  C CB    . PRO A 1 39  ? 3.267   5.782   13.090  1.00 20.64 ? 39   PRO A CB    1 
ATOM   275  C CG    . PRO A 1 39  ? 3.434   4.668   14.071  1.00 22.89 ? 39   PRO A CG    1 
ATOM   276  C CD    . PRO A 1 39  ? 3.803   5.401   15.349  1.00 19.88 ? 39   PRO A CD    1 
ATOM   277  N N     . HIS A 1 40  ? 0.486   7.288   12.636  1.00 19.18 ? 40   HIS A N     1 
ATOM   278  C CA    . HIS A 1 40  ? -0.922  7.221   12.267  1.00 17.98 ? 40   HIS A CA    1 
ATOM   279  C C     . HIS A 1 40  ? -0.926  6.660   10.854  1.00 18.74 ? 40   HIS A C     1 
ATOM   280  O O     . HIS A 1 40  ? -0.584  7.362   9.901   1.00 19.42 ? 40   HIS A O     1 
ATOM   281  C CB    . HIS A 1 40  ? -1.546  8.617   12.279  1.00 16.14 ? 40   HIS A CB    1 
ATOM   282  C CG    . HIS A 1 40  ? -2.961  8.656   11.787  1.00 16.56 ? 40   HIS A CG    1 
ATOM   283  N ND1   . HIS A 1 40  ? -3.992  7.992   12.418  1.00 12.59 ? 40   HIS A ND1   1 
ATOM   284  C CD2   . HIS A 1 40  ? -3.519  9.299   10.732  1.00 15.10 ? 40   HIS A CD2   1 
ATOM   285  C CE1   . HIS A 1 40  ? -5.122  8.225   11.776  1.00 13.66 ? 40   HIS A CE1   1 
ATOM   286  N NE2   . HIS A 1 40  ? -4.863  9.015   10.748  1.00 14.35 ? 40   HIS A NE2   1 
ATOM   287  N N     . LEU A 1 41  ? -1.293  5.389   10.721  1.00 17.94 ? 41   LEU A N     1 
ATOM   288  C CA    . LEU A 1 41  ? -1.319  4.743   9.416   1.00 18.81 ? 41   LEU A CA    1 
ATOM   289  C C     . LEU A 1 41  ? -2.644  4.898   8.680   1.00 17.47 ? 41   LEU A C     1 
ATOM   290  O O     . LEU A 1 41  ? -3.696  4.506   9.180   1.00 16.43 ? 41   LEU A O     1 
ATOM   291  C CB    . LEU A 1 41  ? -0.980  3.255   9.550   1.00 20.49 ? 41   LEU A CB    1 
ATOM   292  C CG    . LEU A 1 41  ? 0.474   2.911   9.882   1.00 24.05 ? 41   LEU A CG    1 
ATOM   293  C CD1   . LEU A 1 41  ? 0.815   3.369   11.290  1.00 25.17 ? 41   LEU A CD1   1 
ATOM   294  C CD2   . LEU A 1 41  ? 0.677   1.411   9.752   1.00 25.10 ? 41   LEU A CD2   1 
ATOM   295  N N     . ILE A 1 42  ? -2.575  5.463   7.480   1.00 15.79 ? 42   ILE A N     1 
ATOM   296  C CA    . ILE A 1 42  ? -3.764  5.666   6.660   1.00 16.98 ? 42   ILE A CA    1 
ATOM   297  C C     . ILE A 1 42  ? -3.809  4.653   5.510   1.00 16.77 ? 42   ILE A C     1 
ATOM   298  O O     . ILE A 1 42  ? -2.999  4.716   4.586   1.00 16.41 ? 42   ILE A O     1 
ATOM   299  C CB    . ILE A 1 42  ? -3.791  7.090   6.066   1.00 16.44 ? 42   ILE A CB    1 
ATOM   300  C CG1   . ILE A 1 42  ? -3.773  8.125   7.192   1.00 17.59 ? 42   ILE A CG1   1 
ATOM   301  C CG2   . ILE A 1 42  ? -5.035  7.277   5.212   1.00 17.66 ? 42   ILE A CG2   1 
ATOM   302  C CD1   . ILE A 1 42  ? -3.848  9.562   6.704   1.00 16.58 ? 42   ILE A CD1   1 
ATOM   303  N N     . CYS A 1 43  ? -4.755  3.722   5.585   1.00 15.70 ? 43   CYS A N     1 
ATOM   304  C CA    . CYS A 1 43  ? -4.932  2.694   4.560   1.00 16.26 ? 43   CYS A CA    1 
ATOM   305  C C     . CYS A 1 43  ? -5.753  3.219   3.383   1.00 16.42 ? 43   CYS A C     1 
ATOM   306  O O     . CYS A 1 43  ? -6.831  3.794   3.573   1.00 15.59 ? 43   CYS A O     1 
ATOM   307  C CB    . CYS A 1 43  ? -5.638  1.467   5.160   1.00 15.98 ? 43   CYS A CB    1 
ATOM   308  S SG    . CYS A 1 43  ? -6.080  0.155   3.961   1.00 17.71 ? 43   CYS A SG    1 
ATOM   309  N N     . VAL A 1 44  ? -5.246  3.020   2.168   1.00 16.50 ? 44   VAL A N     1 
ATOM   310  C CA    . VAL A 1 44  ? -5.962  3.460   0.976   1.00 15.33 ? 44   VAL A CA    1 
ATOM   311  C C     . VAL A 1 44  ? -6.802  2.290   0.489   1.00 15.83 ? 44   VAL A C     1 
ATOM   312  O O     . VAL A 1 44  ? -6.281  1.330   -0.073  1.00 16.72 ? 44   VAL A O     1 
ATOM   313  C CB    . VAL A 1 44  ? -4.990  3.913   -0.147  1.00 15.78 ? 44   VAL A CB    1 
ATOM   314  C CG1   . VAL A 1 44  ? -5.774  4.380   -1.368  1.00 16.34 ? 44   VAL A CG1   1 
ATOM   315  C CG2   . VAL A 1 44  ? -4.110  5.057   0.350   1.00 16.23 ? 44   VAL A CG2   1 
ATOM   316  N N     . LEU A 1 45  ? -8.107  2.364   0.731   1.00 15.97 ? 45   LEU A N     1 
ATOM   317  C CA    . LEU A 1 45  ? -9.037  1.316   0.320   1.00 17.51 ? 45   LEU A CA    1 
ATOM   318  C C     . LEU A 1 45  ? -9.279  1.381   -1.192  1.00 18.51 ? 45   LEU A C     1 
ATOM   319  O O     . LEU A 1 45  ? -9.115  2.438   -1.801  1.00 18.75 ? 45   LEU A O     1 
ATOM   320  C CB    . LEU A 1 45  ? -10.367 1.474   1.073   1.00 19.20 ? 45   LEU A CB    1 
ATOM   321  C CG    . LEU A 1 45  ? -10.344 1.181   2.578   1.00 18.07 ? 45   LEU A CG    1 
ATOM   322  C CD1   . LEU A 1 45  ? -11.650 1.631   3.217   1.00 18.92 ? 45   LEU A CD1   1 
ATOM   323  C CD2   . LEU A 1 45  ? -10.109 -0.304  2.803   1.00 17.31 ? 45   LEU A CD2   1 
ATOM   324  N N     . ASN A 1 46  ? -9.673  0.265   -1.803  1.00 19.81 ? 46   ASN A N     1 
ATOM   325  C CA    . ASN A 1 46  ? -9.894  -1.008  -1.119  1.00 20.67 ? 46   ASN A CA    1 
ATOM   326  C C     . ASN A 1 46  ? -8.698  -1.953  -1.214  1.00 20.02 ? 46   ASN A C     1 
ATOM   327  O O     . ASN A 1 46  ? -8.509  -2.822  -0.362  1.00 21.24 ? 46   ASN A O     1 
ATOM   328  C CB    . ASN A 1 46  ? -11.105 -1.716  -1.733  1.00 22.46 ? 46   ASN A CB    1 
ATOM   329  C CG    . ASN A 1 46  ? -12.417 -1.006  -1.451  1.00 24.60 ? 46   ASN A CG    1 
ATOM   330  O OD1   . ASN A 1 46  ? -13.453 -1.356  -2.019  1.00 27.21 ? 46   ASN A OD1   1 
ATOM   331  N ND2   . ASN A 1 46  ? -12.382 -0.016  -0.571  1.00 23.85 ? 46   ASN A ND2   1 
ATOM   332  N N     . GLY A 1 47  ? -7.893  -1.775  -2.255  1.00 18.50 ? 47   GLY A N     1 
ATOM   333  C CA    . GLY A 1 47  ? -6.758  -2.651  -2.495  1.00 17.65 ? 47   GLY A CA    1 
ATOM   334  C C     . GLY A 1 47  ? -5.700  -2.899  -1.434  1.00 16.59 ? 47   GLY A C     1 
ATOM   335  O O     . GLY A 1 47  ? -5.078  -3.964  -1.435  1.00 14.46 ? 47   GLY A O     1 
ATOM   336  N N     . ALA A 1 48  ? -5.483  -1.948  -0.532  1.00 13.71 ? 48   ALA A N     1 
ATOM   337  C CA    . ALA A 1 48  ? -4.443  -2.111  0.481   1.00 14.47 ? 48   ALA A CA    1 
ATOM   338  C C     . ALA A 1 48  ? -4.865  -2.662  1.838   1.00 13.00 ? 48   ALA A C     1 
ATOM   339  O O     . ALA A 1 48  ? -4.026  -2.775  2.732   1.00 14.44 ? 48   ALA A O     1 
ATOM   340  C CB    . ALA A 1 48  ? -3.723  -0.781  0.686   1.00 11.82 ? 48   ALA A CB    1 
ATOM   341  N N     . PHE A 1 49  ? -6.132  -3.031  1.999   1.00 12.39 ? 49   PHE A N     1 
ATOM   342  C CA    . PHE A 1 49  ? -6.596  -3.504  3.300   1.00 14.16 ? 49   PHE A CA    1 
ATOM   343  C C     . PHE A 1 49  ? -5.957  -4.794  3.831   1.00 14.28 ? 49   PHE A C     1 
ATOM   344  O O     . PHE A 1 49  ? -5.887  -4.982  5.045   1.00 13.68 ? 49   PHE A O     1 
ATOM   345  C CB    . PHE A 1 49  ? -8.129  -3.613  3.309   1.00 13.93 ? 49   PHE A CB    1 
ATOM   346  C CG    . PHE A 1 49  ? -8.661  -4.956  2.899   1.00 13.78 ? 49   PHE A CG    1 
ATOM   347  C CD1   . PHE A 1 49  ? -9.020  -5.897  3.860   1.00 14.78 ? 49   PHE A CD1   1 
ATOM   348  C CD2   . PHE A 1 49  ? -8.841  -5.266  1.558   1.00 15.86 ? 49   PHE A CD2   1 
ATOM   349  C CE1   . PHE A 1 49  ? -9.558  -7.128  3.485   1.00 14.27 ? 49   PHE A CE1   1 
ATOM   350  C CE2   . PHE A 1 49  ? -9.379  -6.495  1.175   1.00 14.43 ? 49   PHE A CE2   1 
ATOM   351  C CZ    . PHE A 1 49  ? -9.739  -7.424  2.142   1.00 12.58 ? 49   PHE A CZ    1 
ATOM   352  N N     . ILE A 1 50  ? -5.497  -5.680  2.949   1.00 12.59 ? 50   ILE A N     1 
ATOM   353  C CA    . ILE A 1 50  ? -4.859  -6.906  3.414   1.00 13.29 ? 50   ILE A CA    1 
ATOM   354  C C     . ILE A 1 50  ? -3.407  -6.579  3.754   1.00 14.10 ? 50   ILE A C     1 
ATOM   355  O O     . ILE A 1 50  ? -2.877  -7.028  4.772   1.00 15.53 ? 50   ILE A O     1 
ATOM   356  C CB    . ILE A 1 50  ? -4.921  -8.038  2.356   1.00 15.14 ? 50   ILE A CB    1 
ATOM   357  C CG1   . ILE A 1 50  ? -6.386  -8.449  2.130   1.00 15.40 ? 50   ILE A CG1   1 
ATOM   358  C CG2   . ILE A 1 50  ? -4.093  -9.236  2.828   1.00 13.14 ? 50   ILE A CG2   1 
ATOM   359  C CD1   . ILE A 1 50  ? -6.579  -9.687  1.271   1.00 14.62 ? 50   ILE A CD1   1 
ATOM   360  N N     . PHE A 1 51  ? -2.762  -5.789  2.900   1.00 12.58 ? 51   PHE A N     1 
ATOM   361  C CA    . PHE A 1 51  ? -1.390  -5.375  3.158   1.00 13.74 ? 51   PHE A CA    1 
ATOM   362  C C     . PHE A 1 51  ? -1.386  -4.649  4.513   1.00 13.78 ? 51   PHE A C     1 
ATOM   363  O O     . PHE A 1 51  ? -0.522  -4.880  5.358   1.00 14.70 ? 51   PHE A O     1 
ATOM   364  C CB    . PHE A 1 51  ? -0.908  -4.445  2.033   1.00 15.62 ? 51   PHE A CB    1 
ATOM   365  C CG    . PHE A 1 51  ? 0.460   -3.854  2.265   1.00 15.98 ? 51   PHE A CG    1 
ATOM   366  C CD1   . PHE A 1 51  ? 1.509   -4.641  2.726   1.00 14.99 ? 51   PHE A CD1   1 
ATOM   367  C CD2   . PHE A 1 51  ? 0.705   -2.513  1.974   1.00 17.54 ? 51   PHE A CD2   1 
ATOM   368  C CE1   . PHE A 1 51  ? 2.786   -4.102  2.891   1.00 15.83 ? 51   PHE A CE1   1 
ATOM   369  C CE2   . PHE A 1 51  ? 1.975   -1.964  2.133   1.00 17.28 ? 51   PHE A CE2   1 
ATOM   370  C CZ    . PHE A 1 51  ? 3.019   -2.763  2.593   1.00 16.35 ? 51   PHE A CZ    1 
ATOM   371  N N     . MET A 1 52  ? -2.379  -3.788  4.718   1.00 14.11 ? 52   MET A N     1 
ATOM   372  C CA    . MET A 1 52  ? -2.520  -3.037  5.965   1.00 12.78 ? 52   MET A CA    1 
ATOM   373  C C     . MET A 1 52  ? -2.655  -3.982  7.164   1.00 13.14 ? 52   MET A C     1 
ATOM   374  O O     . MET A 1 52  ? -1.966  -3.821  8.174   1.00 12.77 ? 52   MET A O     1 
ATOM   375  C CB    . MET A 1 52  ? -3.760  -2.143  5.891   1.00 14.49 ? 52   MET A CB    1 
ATOM   376  C CG    . MET A 1 52  ? -4.036  -1.324  7.145   1.00 15.23 ? 52   MET A CG    1 
ATOM   377  S SD    . MET A 1 52  ? -2.987  0.136   7.247   1.00 17.72 ? 52   MET A SD    1 
ATOM   378  C CE    . MET A 1 52  ? -3.786  1.047   8.587   1.00 16.07 ? 52   MET A CE    1 
ATOM   379  N N     . ALA A 1 53  ? -3.545  -4.966  7.044   1.00 12.89 ? 53   ALA A N     1 
ATOM   380  C CA    . ALA A 1 53  ? -3.792  -5.932  8.118   1.00 13.88 ? 53   ALA A CA    1 
ATOM   381  C C     . ALA A 1 53  ? -2.530  -6.654  8.558   1.00 14.50 ? 53   ALA A C     1 
ATOM   382  O O     . ALA A 1 53  ? -2.258  -6.751  9.749   1.00 16.21 ? 53   ALA A O     1 
ATOM   383  C CB    . ALA A 1 53  ? -4.842  -6.949  7.685   1.00 8.15  ? 53   ALA A CB    1 
ATOM   384  N N     . ASP A 1 54  ? -1.761  -7.165  7.602   1.00 16.42 ? 54   ASP A N     1 
ATOM   385  C CA    . ASP A 1 54  ? -0.526  -7.870  7.934   1.00 17.15 ? 54   ASP A CA    1 
ATOM   386  C C     . ASP A 1 54  ? 0.572   -6.928  8.410   1.00 17.10 ? 54   ASP A C     1 
ATOM   387  O O     . ASP A 1 54  ? 1.296   -7.238  9.349   1.00 17.50 ? 54   ASP A O     1 
ATOM   388  C CB    . ASP A 1 54  ? -0.020  -8.670  6.730   1.00 16.42 ? 54   ASP A CB    1 
ATOM   389  C CG    . ASP A 1 54  ? -0.950  -9.799  6.353   1.00 16.55 ? 54   ASP A CG    1 
ATOM   390  O OD1   . ASP A 1 54  ? -1.947  -10.014 7.076   1.00 19.41 ? 54   ASP A OD1   1 
ATOM   391  O OD2   . ASP A 1 54  ? -0.689  -10.474 5.335   1.00 17.79 ? 54   ASP A OD2   1 
ATOM   392  N N     . LEU A 1 55  ? 0.695   -5.773  7.763   1.00 16.67 ? 55   LEU A N     1 
ATOM   393  C CA    . LEU A 1 55  ? 1.724   -4.807  8.135   1.00 16.01 ? 55   LEU A CA    1 
ATOM   394  C C     . LEU A 1 55  ? 1.628   -4.299  9.576   1.00 17.70 ? 55   LEU A C     1 
ATOM   395  O O     . LEU A 1 55  ? 2.618   -4.323  10.320  1.00 16.62 ? 55   LEU A O     1 
ATOM   396  C CB    . LEU A 1 55  ? 1.695   -3.607  7.180   1.00 16.42 ? 55   LEU A CB    1 
ATOM   397  C CG    . LEU A 1 55  ? 2.791   -2.558  7.404   1.00 16.70 ? 55   LEU A CG    1 
ATOM   398  C CD1   . LEU A 1 55  ? 4.157   -3.205  7.220   1.00 16.90 ? 55   LEU A CD1   1 
ATOM   399  C CD2   . LEU A 1 55  ? 2.621   -1.400  6.433   1.00 12.44 ? 55   LEU A CD2   1 
ATOM   400  N N     . VAL A 1 56  ? 0.447   -3.833  9.973   1.00 15.64 ? 56   VAL A N     1 
ATOM   401  C CA    . VAL A 1 56  ? 0.275   -3.301  11.321  1.00 16.33 ? 56   VAL A CA    1 
ATOM   402  C C     . VAL A 1 56  ? 0.599   -4.321  12.410  1.00 17.30 ? 56   VAL A C     1 
ATOM   403  O O     . VAL A 1 56  ? 1.092   -3.960  13.482  1.00 17.31 ? 56   VAL A O     1 
ATOM   404  C CB    . VAL A 1 56  ? -1.159  -2.767  11.540  1.00 16.61 ? 56   VAL A CB    1 
ATOM   405  C CG1   . VAL A 1 56  ? -1.464  -1.666  10.518  1.00 13.89 ? 56   VAL A CG1   1 
ATOM   406  C CG2   . VAL A 1 56  ? -2.173  -3.910  11.438  1.00 13.01 ? 56   VAL A CG2   1 
ATOM   407  N N     . ARG A 1 57  ? 0.331   -5.592  12.136  1.00 18.19 ? 57   ARG A N     1 
ATOM   408  C CA    . ARG A 1 57  ? 0.607   -6.644  13.104  1.00 19.02 ? 57   ARG A CA    1 
ATOM   409  C C     . ARG A 1 57  ? 2.101   -6.937  13.195  1.00 19.40 ? 57   ARG A C     1 
ATOM   410  O O     . ARG A 1 57  ? 2.536   -7.737  14.025  1.00 18.52 ? 57   ARG A O     1 
ATOM   411  C CB    . ARG A 1 57  ? -0.168  -7.910  12.732  1.00 19.89 ? 57   ARG A CB    1 
ATOM   412  C CG    . ARG A 1 57  ? -1.659  -7.804  13.035  1.00 18.93 ? 57   ARG A CG    1 
ATOM   413  C CD    . ARG A 1 57  ? -2.403  -9.073  12.683  1.00 17.47 ? 57   ARG A CD    1 
ATOM   414  N NE    . ARG A 1 57  ? -2.610  -9.230  11.249  1.00 15.76 ? 57   ARG A NE    1 
ATOM   415  C CZ    . ARG A 1 57  ? -3.296  -10.235 10.716  1.00 14.64 ? 57   ARG A CZ    1 
ATOM   416  N NH1   . ARG A 1 57  ? -3.826  -11.152 11.508  1.00 11.77 ? 57   ARG A NH1   1 
ATOM   417  N NH2   . ARG A 1 57  ? -3.456  -10.322 9.399   1.00 12.45 ? 57   ARG A NH2   1 
ATOM   418  N N     . ALA A 1 58  ? 2.882   -6.276  12.345  1.00 18.29 ? 58   ALA A N     1 
ATOM   419  C CA    . ALA A 1 58  ? 4.333   -6.450  12.341  1.00 19.06 ? 58   ALA A CA    1 
ATOM   420  C C     . ALA A 1 58  ? 5.025   -5.162  12.783  1.00 18.98 ? 58   ALA A C     1 
ATOM   421  O O     . ALA A 1 58  ? 6.215   -4.974  12.542  1.00 20.60 ? 58   ALA A O     1 
ATOM   422  C CB    . ALA A 1 58  ? 4.816   -6.854  10.947  1.00 18.10 ? 58   ALA A CB    1 
ATOM   423  N N     . ILE A 1 59  ? 4.269   -4.270  13.416  1.00 20.63 ? 59   ILE A N     1 
ATOM   424  C CA    . ILE A 1 59  ? 4.808   -3.006  13.907  1.00 20.43 ? 59   ILE A CA    1 
ATOM   425  C C     . ILE A 1 59  ? 4.505   -2.885  15.397  1.00 22.15 ? 59   ILE A C     1 
ATOM   426  O O     . ILE A 1 59  ? 3.442   -2.390  15.785  1.00 22.30 ? 59   ILE A O     1 
ATOM   427  C CB    . ILE A 1 59  ? 4.177   -1.795  13.188  1.00 18.31 ? 59   ILE A CB    1 
ATOM   428  C CG1   . ILE A 1 59  ? 4.450   -1.871  11.688  1.00 16.11 ? 59   ILE A CG1   1 
ATOM   429  C CG2   . ILE A 1 59  ? 4.746   -0.503  13.757  1.00 17.42 ? 59   ILE A CG2   1 
ATOM   430  C CD1   . ILE A 1 59  ? 3.784   -0.758  10.894  1.00 15.15 ? 59   ILE A CD1   1 
ATOM   431  N N     . PRO A 1 60  ? 5.438   -3.338  16.250  1.00 24.33 ? 60   PRO A N     1 
ATOM   432  C CA    . PRO A 1 60  ? 5.328   -3.310  17.715  1.00 23.46 ? 60   PRO A CA    1 
ATOM   433  C C     . PRO A 1 60  ? 5.415   -1.910  18.320  1.00 23.00 ? 60   PRO A C     1 
ATOM   434  O O     . PRO A 1 60  ? 6.285   -1.648  19.149  1.00 23.84 ? 60   PRO A O     1 
ATOM   435  C CB    . PRO A 1 60  ? 6.501   -4.184  18.171  1.00 25.79 ? 60   PRO A CB    1 
ATOM   436  C CG    . PRO A 1 60  ? 6.775   -5.067  16.989  1.00 24.86 ? 60   PRO A CG    1 
ATOM   437  C CD    . PRO A 1 60  ? 6.621   -4.113  15.839  1.00 23.71 ? 60   PRO A CD    1 
ATOM   438  N N     . LEU A 1 61  ? 4.514   -1.020  17.913  1.00 20.26 ? 61   LEU A N     1 
ATOM   439  C CA    . LEU A 1 61  ? 4.497   0.350   18.420  1.00 19.37 ? 61   LEU A CA    1 
ATOM   440  C C     . LEU A 1 61  ? 3.074   0.819   18.693  1.00 18.93 ? 61   LEU A C     1 
ATOM   441  O O     . LEU A 1 61  ? 2.120   0.279   18.143  1.00 19.17 ? 61   LEU A O     1 
ATOM   442  C CB    . LEU A 1 61  ? 5.097   1.320   17.392  1.00 18.04 ? 61   LEU A CB    1 
ATOM   443  C CG    . LEU A 1 61  ? 6.574   1.308   17.018  1.00 19.47 ? 61   LEU A CG    1 
ATOM   444  C CD1   . LEU A 1 61  ? 6.796   2.329   15.909  1.00 17.94 ? 61   LEU A CD1   1 
ATOM   445  C CD2   . LEU A 1 61  ? 7.434   1.642   18.239  1.00 20.11 ? 61   LEU A CD2   1 
ATOM   446  N N     . PRO A 1 62  ? 2.913   1.830   19.561  1.00 18.43 ? 62   PRO A N     1 
ATOM   447  C CA    . PRO A 1 62  ? 1.556   2.314   19.821  1.00 18.99 ? 62   PRO A CA    1 
ATOM   448  C C     . PRO A 1 62  ? 1.226   3.147   18.583  1.00 19.14 ? 62   PRO A C     1 
ATOM   449  O O     . PRO A 1 62  ? 2.017   4.002   18.178  1.00 19.26 ? 62   PRO A O     1 
ATOM   450  C CB    . PRO A 1 62  ? 1.729   3.165   21.073  1.00 19.77 ? 62   PRO A CB    1 
ATOM   451  C CG    . PRO A 1 62  ? 3.120   3.742   20.885  1.00 20.40 ? 62   PRO A CG    1 
ATOM   452  C CD    . PRO A 1 62  ? 3.905   2.536   20.394  1.00 18.59 ? 62   PRO A CD    1 
ATOM   453  N N     . LEU A 1 63  ? 0.090   2.883   17.957  1.00 18.20 ? 63   LEU A N     1 
ATOM   454  C CA    . LEU A 1 63  ? -0.266  3.625   16.757  1.00 17.33 ? 63   LEU A CA    1 
ATOM   455  C C     . LEU A 1 63  ? -1.766  3.668   16.542  1.00 16.60 ? 63   LEU A C     1 
ATOM   456  O O     . LEU A 1 63  ? -2.520  2.943   17.199  1.00 14.62 ? 63   LEU A O     1 
ATOM   457  C CB    . LEU A 1 63  ? 0.422   2.992   15.538  1.00 17.02 ? 63   LEU A CB    1 
ATOM   458  C CG    . LEU A 1 63  ? 0.133   1.515   15.253  1.00 18.83 ? 63   LEU A CG    1 
ATOM   459  C CD1   . LEU A 1 63  ? -1.155  1.379   14.441  1.00 18.16 ? 63   LEU A CD1   1 
ATOM   460  C CD2   . LEU A 1 63  ? 1.299   0.905   14.472  1.00 17.24 ? 63   LEU A CD2   1 
ATOM   461  N N     . THR A 1 64  ? -2.191  4.541   15.634  1.00 14.57 ? 64   THR A N     1 
ATOM   462  C CA    . THR A 1 64  ? -3.598  4.678   15.300  1.00 15.71 ? 64   THR A CA    1 
ATOM   463  C C     . THR A 1 64  ? -3.736  4.503   13.799  1.00 16.21 ? 64   THR A C     1 
ATOM   464  O O     . THR A 1 64  ? -2.743  4.504   13.065  1.00 16.83 ? 64   THR A O     1 
ATOM   465  C CB    . THR A 1 64  ? -4.156  6.069   15.672  1.00 16.35 ? 64   THR A CB    1 
ATOM   466  O OG1   . THR A 1 64  ? -3.443  7.076   14.947  1.00 17.76 ? 64   THR A OG1   1 
ATOM   467  C CG2   . THR A 1 64  ? -4.027  6.322   17.166  1.00 18.20 ? 64   THR A CG2   1 
ATOM   468  N N     . MET A 1 65  ? -4.964  4.357   13.328  1.00 14.88 ? 65   MET A N     1 
ATOM   469  C CA    . MET A 1 65  ? -5.155  4.192   11.901  1.00 16.27 ? 65   MET A CA    1 
ATOM   470  C C     . MET A 1 65  ? -6.455  4.765   11.398  1.00 16.70 ? 65   MET A C     1 
ATOM   471  O O     . MET A 1 65  ? -7.353  5.077   12.174  1.00 15.12 ? 65   MET A O     1 
ATOM   472  C CB    . MET A 1 65  ? -5.038  2.709   11.508  1.00 17.72 ? 65   MET A CB    1 
ATOM   473  C CG    . MET A 1 65  ? -5.287  1.705   12.624  1.00 19.23 ? 65   MET A CG    1 
ATOM   474  S SD    . MET A 1 65  ? -5.034  -0.020  12.086  1.00 20.51 ? 65   MET A SD    1 
ATOM   475  C CE    . MET A 1 65  ? -3.784  -0.582  13.224  1.00 18.06 ? 65   MET A CE    1 
ATOM   476  N N     . ASP A 1 66  ? -6.527  4.939   10.083  1.00 18.33 ? 66   ASP A N     1 
ATOM   477  C CA    . ASP A 1 66  ? -7.724  5.447   9.440   1.00 18.71 ? 66   ASP A CA    1 
ATOM   478  C C     . ASP A 1 66  ? -7.810  4.805   8.058   1.00 18.88 ? 66   ASP A C     1 
ATOM   479  O O     . ASP A 1 66  ? -6.861  4.171   7.595   1.00 16.58 ? 66   ASP A O     1 
ATOM   480  C CB    . ASP A 1 66  ? -7.689  6.970   9.315   1.00 20.32 ? 66   ASP A CB    1 
ATOM   481  C CG    . ASP A 1 66  ? -9.077  7.584   9.370   1.00 22.32 ? 66   ASP A CG    1 
ATOM   482  O OD1   . ASP A 1 66  ? -10.063 6.847   9.157   1.00 20.78 ? 66   ASP A OD1   1 
ATOM   483  O OD2   . ASP A 1 66  ? -9.185  8.799   9.620   1.00 24.72 ? 66   ASP A OD2   1 
ATOM   484  N N     . PHE A 1 67  ? -8.954  4.969   7.410   1.00 19.85 ? 67   PHE A N     1 
ATOM   485  C CA    . PHE A 1 67  ? -9.186  4.380   6.101   1.00 23.27 ? 67   PHE A CA    1 
ATOM   486  C C     . PHE A 1 67  ? -9.836  5.400   5.181   1.00 25.53 ? 67   PHE A C     1 
ATOM   487  O O     . PHE A 1 67  ? -10.791 6.068   5.572   1.00 27.00 ? 67   PHE A O     1 
ATOM   488  C CB    . PHE A 1 67  ? -10.111 3.169   6.247   1.00 23.78 ? 67   PHE A CB    1 
ATOM   489  C CG    . PHE A 1 67  ? -9.516  2.041   7.040   1.00 24.65 ? 67   PHE A CG    1 
ATOM   490  C CD1   . PHE A 1 67  ? -8.994  0.922   6.396   1.00 25.63 ? 67   PHE A CD1   1 
ATOM   491  C CD2   . PHE A 1 67  ? -9.448  2.108   8.428   1.00 23.73 ? 67   PHE A CD2   1 
ATOM   492  C CE1   . PHE A 1 67  ? -8.411  -0.117  7.123   1.00 26.36 ? 67   PHE A CE1   1 
ATOM   493  C CE2   . PHE A 1 67  ? -8.867  1.080   9.165   1.00 25.69 ? 67   PHE A CE2   1 
ATOM   494  C CZ    . PHE A 1 67  ? -8.346  -0.037  8.513   1.00 25.62 ? 67   PHE A CZ    1 
ATOM   495  N N     . ILE A 1 68  ? -9.313  5.532   3.967   1.00 25.10 ? 68   ILE A N     1 
ATOM   496  C CA    . ILE A 1 68  ? -9.889  6.465   3.008   1.00 26.31 ? 68   ILE A CA    1 
ATOM   497  C C     . ILE A 1 68  ? -9.931  5.858   1.608   1.00 27.35 ? 68   ILE A C     1 
ATOM   498  O O     . ILE A 1 68  ? -9.211  4.906   1.308   1.00 24.97 ? 68   ILE A O     1 
ATOM   499  C CB    . ILE A 1 68  ? -9.105  7.805   2.959   1.00 26.77 ? 68   ILE A CB    1 
ATOM   500  C CG1   . ILE A 1 68  ? -7.809  7.654   2.159   1.00 26.38 ? 68   ILE A CG1   1 
ATOM   501  C CG2   . ILE A 1 68  ? -8.813  8.273   4.366   1.00 29.99 ? 68   ILE A CG2   1 
ATOM   502  C CD1   . ILE A 1 68  ? -6.843  6.664   2.719   1.00 30.46 ? 68   ILE A CD1   1 
ATOM   503  N N     . ALA A 1 69  ? -10.793 6.406   0.762   1.00 29.85 ? 69   ALA A N     1 
ATOM   504  C CA    . ALA A 1 69  ? -10.935 5.936   -0.607  1.00 33.69 ? 69   ALA A CA    1 
ATOM   505  C C     . ALA A 1 69  ? -10.655 7.106   -1.545  1.00 37.09 ? 69   ALA A C     1 
ATOM   506  O O     . ALA A 1 69  ? -11.053 8.238   -1.267  1.00 36.61 ? 69   ALA A O     1 
ATOM   507  C CB    . ALA A 1 69  ? -12.341 5.405   -0.829  1.00 31.94 ? 69   ALA A CB    1 
ATOM   508  N N     . ILE A 1 70  ? -9.963  6.839   -2.648  1.00 41.49 ? 70   ILE A N     1 
ATOM   509  C CA    . ILE A 1 70  ? -9.636  7.886   -3.610  1.00 46.21 ? 70   ILE A CA    1 
ATOM   510  C C     . ILE A 1 70  ? -9.513  7.329   -5.029  1.00 49.19 ? 70   ILE A C     1 
ATOM   511  O O     . ILE A 1 70  ? -9.105  6.183   -5.225  1.00 48.83 ? 70   ILE A O     1 
ATOM   512  C CB    . ILE A 1 70  ? -8.314  8.598   -3.225  1.00 46.70 ? 70   ILE A CB    1 
ATOM   513  C CG1   . ILE A 1 70  ? -8.025  9.733   -4.210  1.00 46.57 ? 70   ILE A CG1   1 
ATOM   514  C CG2   . ILE A 1 70  ? -7.167  7.596   -3.207  1.00 46.11 ? 70   ILE A CG2   1 
ATOM   515  C CD1   . ILE A 1 70  ? -6.779  10.528  -3.883  1.00 48.28 ? 70   ILE A CD1   1 
ATOM   516  N N     . SER A 1 71  ? -9.873  8.148   -6.014  1.00 52.60 ? 71   SER A N     1 
ATOM   517  C CA    . SER A 1 71  ? -9.806  7.741   -7.415  1.00 56.48 ? 71   SER A CA    1 
ATOM   518  C C     . SER A 1 71  ? -8.991  8.724   -8.248  1.00 59.02 ? 71   SER A C     1 
ATOM   519  O O     . SER A 1 71  ? -8.911  9.909   -7.923  1.00 59.97 ? 71   SER A O     1 
ATOM   520  C CB    . SER A 1 71  ? -11.217 7.620   -7.992  1.00 56.41 ? 71   SER A CB    1 
ATOM   521  O OG    . SER A 1 71  ? -11.968 6.648   -7.287  1.00 57.09 ? 71   SER A OG    1 
ATOM   522  N N     . SER A 1 72  ? -8.394  8.227   -9.328  1.00 62.58 ? 72   SER A N     1 
ATOM   523  C CA    . SER A 1 72  ? -7.575  9.054   -10.207 1.00 66.14 ? 72   SER A CA    1 
ATOM   524  C C     . SER A 1 72  ? -8.342  10.252  -10.763 1.00 67.95 ? 72   SER A C     1 
ATOM   525  O O     . SER A 1 72  ? -9.485  10.124  -11.200 1.00 68.76 ? 72   SER A O     1 
ATOM   526  C CB    . SER A 1 72  ? -7.031  8.209   -11.363 1.00 67.25 ? 72   SER A CB    1 
ATOM   527  O OG    . SER A 1 72  ? -6.116  8.950   -12.153 1.00 68.10 ? 72   SER A OG    1 
ATOM   528  N N     . TYR A 1 73  ? -7.691  11.413  -10.742 1.00 69.63 ? 73   TYR A N     1 
ATOM   529  C CA    . TYR A 1 73  ? -8.272  12.664  -11.225 1.00 70.25 ? 73   TYR A CA    1 
ATOM   530  C C     . TYR A 1 73  ? -9.382  13.150  -10.303 1.00 70.16 ? 73   TYR A C     1 
ATOM   531  O O     . TYR A 1 73  ? -9.138  13.932  -9.384  1.00 69.87 ? 73   TYR A O     1 
ATOM   532  C CB    . TYR A 1 73  ? -8.822  12.501  -12.647 1.00 71.58 ? 73   TYR A CB    1 
ATOM   533  C CG    . TYR A 1 73  ? -7.786  12.088  -13.671 1.00 72.62 ? 73   TYR A CG    1 
ATOM   534  C CD1   . TYR A 1 73  ? -7.544  10.741  -13.946 1.00 73.04 ? 73   TYR A CD1   1 
ATOM   535  C CD2   . TYR A 1 73  ? -7.041  13.045  -14.359 1.00 73.19 ? 73   TYR A CD2   1 
ATOM   536  C CE1   . TYR A 1 73  ? -6.585  10.356  -14.885 1.00 73.16 ? 73   TYR A CE1   1 
ATOM   537  C CE2   . TYR A 1 73  ? -6.079  12.673  -15.298 1.00 73.57 ? 73   TYR A CE2   1 
ATOM   538  C CZ    . TYR A 1 73  ? -5.856  11.330  -15.557 1.00 73.27 ? 73   TYR A CZ    1 
ATOM   539  O OH    . TYR A 1 73  ? -4.907  10.963  -16.483 1.00 71.80 ? 73   TYR A OH    1 
ATOM   540  N N     . LEU A 1 85  ? -11.549 11.619  -4.145  1.00 59.19 ? 85   LEU A N     1 
ATOM   541  C CA    . LEU A 1 85  ? -11.653 11.447  -2.700  1.00 59.46 ? 85   LEU A CA    1 
ATOM   542  C C     . LEU A 1 85  ? -13.036 10.924  -2.324  1.00 59.17 ? 85   LEU A C     1 
ATOM   543  O O     . LEU A 1 85  ? -13.917 11.689  -1.933  1.00 59.67 ? 85   LEU A O     1 
ATOM   544  C CB    . LEU A 1 85  ? -11.388 12.779  -1.992  1.00 59.24 ? 85   LEU A CB    1 
ATOM   545  C CG    . LEU A 1 85  ? -11.385 12.749  -0.462  1.00 59.70 ? 85   LEU A CG    1 
ATOM   546  C CD1   . LEU A 1 85  ? -10.347 11.757  0.036   1.00 58.33 ? 85   LEU A CD1   1 
ATOM   547  C CD2   . LEU A 1 85  ? -11.095 14.142  0.071   1.00 59.81 ? 85   LEU A CD2   1 
ATOM   548  N N     . LEU A 1 86  ? -13.212 9.611   -2.440  1.00 58.51 ? 86   LEU A N     1 
ATOM   549  C CA    . LEU A 1 86  ? -14.484 8.968   -2.136  1.00 57.07 ? 86   LEU A CA    1 
ATOM   550  C C     . LEU A 1 86  ? -14.785 8.860   -0.638  1.00 55.30 ? 86   LEU A C     1 
ATOM   551  O O     . LEU A 1 86  ? -15.906 9.128   -0.208  1.00 55.57 ? 86   LEU A O     1 
ATOM   552  C CB    . LEU A 1 86  ? -14.518 7.580   -2.781  1.00 58.51 ? 86   LEU A CB    1 
ATOM   553  C CG    . LEU A 1 86  ? -14.254 7.584   -4.292  1.00 59.62 ? 86   LEU A CG    1 
ATOM   554  C CD1   . LEU A 1 86  ? -14.245 6.160   -4.818  1.00 61.31 ? 86   LEU A CD1   1 
ATOM   555  C CD2   . LEU A 1 86  ? -15.319 8.408   -4.999  1.00 59.97 ? 86   LEU A CD2   1 
ATOM   556  N N     . LYS A 1 87  ? -13.790 8.466   0.152   1.00 52.78 ? 87   LYS A N     1 
ATOM   557  C CA    . LYS A 1 87  ? -13.967 8.342   1.599   1.00 51.07 ? 87   LYS A CA    1 
ATOM   558  C C     . LYS A 1 87  ? -13.018 9.290   2.332   1.00 48.98 ? 87   LYS A C     1 
ATOM   559  O O     . LYS A 1 87  ? -11.801 9.231   2.148   1.00 47.52 ? 87   LYS A O     1 
ATOM   560  C CB    . LYS A 1 87  ? -13.716 6.898   2.046   1.00 51.30 ? 87   LYS A CB    1 
ATOM   561  C CG    . LYS A 1 87  ? -13.883 6.685   3.541   1.00 52.72 ? 87   LYS A CG    1 
ATOM   562  C CD    . LYS A 1 87  ? -13.668 5.230   3.930   1.00 54.29 ? 87   LYS A CD    1 
ATOM   563  C CE    . LYS A 1 87  ? -13.691 5.062   5.445   1.00 55.17 ? 87   LYS A CE    1 
ATOM   564  N NZ    . LYS A 1 87  ? -14.965 5.545   6.048   1.00 56.31 ? 87   LYS A NZ    1 
ATOM   565  N N     . ASP A 1 88  ? -13.582 10.157  3.170   1.00 46.93 ? 88   ASP A N     1 
ATOM   566  C CA    . ASP A 1 88  ? -12.799 11.140  3.912   1.00 46.31 ? 88   ASP A CA    1 
ATOM   567  C C     . ASP A 1 88  ? -12.153 10.641  5.198   1.00 43.33 ? 88   ASP A C     1 
ATOM   568  O O     . ASP A 1 88  ? -12.485 9.571   5.711   1.00 42.60 ? 88   ASP A O     1 
ATOM   569  C CB    . ASP A 1 88  ? -13.662 12.361  4.238   1.00 49.55 ? 88   ASP A CB    1 
ATOM   570  C CG    . ASP A 1 88  ? -14.060 13.136  3.003   1.00 53.08 ? 88   ASP A CG    1 
ATOM   571  O OD1   . ASP A 1 88  ? -14.755 12.564  2.138   1.00 56.76 ? 88   ASP A OD1   1 
ATOM   572  O OD2   . ASP A 1 88  ? -13.673 14.318  2.898   1.00 56.47 ? 88   ASP A OD2   1 
ATOM   573  N N     . LEU A 1 89  ? -11.225 11.447  5.710   1.00 40.74 ? 89   LEU A N     1 
ATOM   574  C CA    . LEU A 1 89  ? -10.505 11.144  6.940   1.00 38.10 ? 89   LEU A CA    1 
ATOM   575  C C     . LEU A 1 89  ? -11.418 11.358  8.136   1.00 36.71 ? 89   LEU A C     1 
ATOM   576  O O     . LEU A 1 89  ? -12.278 12.237  8.118   1.00 36.82 ? 89   LEU A O     1 
ATOM   577  C CB    . LEU A 1 89  ? -9.282  12.051  7.075   1.00 37.36 ? 89   LEU A CB    1 
ATOM   578  C CG    . LEU A 1 89  ? -8.132  11.861  6.086   1.00 37.73 ? 89   LEU A CG    1 
ATOM   579  C CD1   . LEU A 1 89  ? -7.088  12.942  6.311   1.00 37.67 ? 89   LEU A CD1   1 
ATOM   580  C CD2   . LEU A 1 89  ? -7.520  10.484  6.271   1.00 36.98 ? 89   LEU A CD2   1 
ATOM   581  N N     . ARG A 1 90  ? -11.213 10.569  9.184   1.00 35.90 ? 90   ARG A N     1 
ATOM   582  C CA    . ARG A 1 90  ? -12.028 10.679  10.383  1.00 35.53 ? 90   ARG A CA    1 
ATOM   583  C C     . ARG A 1 90  ? -11.211 11.178  11.570  1.00 33.31 ? 90   ARG A C     1 
ATOM   584  O O     . ARG A 1 90  ? -11.707 11.939  12.397  1.00 34.45 ? 90   ARG A O     1 
ATOM   585  C CB    . ARG A 1 90  ? -12.651 9.321   10.696  1.00 39.60 ? 90   ARG A CB    1 
ATOM   586  C CG    . ARG A 1 90  ? -13.828 9.369   11.644  1.00 45.44 ? 90   ARG A CG    1 
ATOM   587  C CD    . ARG A 1 90  ? -14.745 8.195   11.370  1.00 48.91 ? 90   ARG A CD    1 
ATOM   588  N NE    . ARG A 1 90  ? -15.202 8.208   9.983   1.00 52.69 ? 90   ARG A NE    1 
ATOM   589  C CZ    . ARG A 1 90  ? -15.896 7.229   9.411   1.00 56.05 ? 90   ARG A CZ    1 
ATOM   590  N NH1   . ARG A 1 90  ? -16.219 6.147   10.107  1.00 57.26 ? 90   ARG A NH1   1 
ATOM   591  N NH2   . ARG A 1 90  ? -16.267 7.333   8.141   1.00 56.26 ? 90   ARG A NH2   1 
ATOM   592  N N     . LEU A 1 91  ? -9.955  10.748  11.654  1.00 30.25 ? 91   LEU A N     1 
ATOM   593  C CA    . LEU A 1 91  ? -9.079  11.162  12.746  1.00 25.73 ? 91   LEU A CA    1 
ATOM   594  C C     . LEU A 1 91  ? -8.155  12.276  12.276  1.00 23.54 ? 91   LEU A C     1 
ATOM   595  O O     . LEU A 1 91  ? -7.807  12.346  11.099  1.00 20.94 ? 91   LEU A O     1 
ATOM   596  C CB    . LEU A 1 91  ? -8.248  9.980   13.255  1.00 27.87 ? 91   LEU A CB    1 
ATOM   597  C CG    . LEU A 1 91  ? -8.969  8.923   14.099  1.00 29.18 ? 91   LEU A CG    1 
ATOM   598  C CD1   . LEU A 1 91  ? -10.025 8.230   13.262  1.00 31.32 ? 91   LEU A CD1   1 
ATOM   599  C CD2   . LEU A 1 91  ? -7.963  7.910   14.628  1.00 28.53 ? 91   LEU A CD2   1 
ATOM   600  N N     . PRO A 1 92  ? -7.759  13.173  13.193  1.00 22.67 ? 92   PRO A N     1 
ATOM   601  C CA    . PRO A 1 92  ? -6.872  14.291  12.860  1.00 21.89 ? 92   PRO A CA    1 
ATOM   602  C C     . PRO A 1 92  ? -5.484  13.825  12.440  1.00 20.03 ? 92   PRO A C     1 
ATOM   603  O O     . PRO A 1 92  ? -4.974  12.837  12.959  1.00 19.67 ? 92   PRO A O     1 
ATOM   604  C CB    . PRO A 1 92  ? -6.829  15.101  14.160  1.00 22.83 ? 92   PRO A CB    1 
ATOM   605  C CG    . PRO A 1 92  ? -8.146  14.783  14.810  1.00 24.20 ? 92   PRO A CG    1 
ATOM   606  C CD    . PRO A 1 92  ? -8.263  13.301  14.573  1.00 23.37 ? 92   PRO A CD    1 
ATOM   607  N N     . ILE A 1 93  ? -4.884  14.530  11.486  1.00 20.14 ? 93   ILE A N     1 
ATOM   608  C CA    . ILE A 1 93  ? -3.540  14.190  11.041  1.00 20.16 ? 93   ILE A CA    1 
ATOM   609  C C     . ILE A 1 93  ? -2.606  15.365  11.268  1.00 20.06 ? 93   ILE A C     1 
ATOM   610  O O     . ILE A 1 93  ? -1.392  15.241  11.109  1.00 19.06 ? 93   ILE A O     1 
ATOM   611  C CB    . ILE A 1 93  ? -3.484  13.811  9.541   1.00 20.60 ? 93   ILE A CB    1 
ATOM   612  C CG1   . ILE A 1 93  ? -3.908  14.998  8.681   1.00 21.21 ? 93   ILE A CG1   1 
ATOM   613  C CG2   . ILE A 1 93  ? -4.361  12.594  9.277   1.00 20.50 ? 93   ILE A CG2   1 
ATOM   614  C CD1   . ILE A 1 93  ? -3.655  14.786  7.203   1.00 21.60 ? 93   ILE A CD1   1 
ATOM   615  N N     . HIS A 1 94  ? -3.168  16.514  11.633  1.00 20.93 ? 94   HIS A N     1 
ATOM   616  C CA    . HIS A 1 94  ? -2.340  17.684  11.885  1.00 21.39 ? 94   HIS A CA    1 
ATOM   617  C C     . HIS A 1 94  ? -1.376  17.362  13.013  1.00 22.13 ? 94   HIS A C     1 
ATOM   618  O O     . HIS A 1 94  ? -1.792  16.910  14.082  1.00 23.09 ? 94   HIS A O     1 
ATOM   619  C CB    . HIS A 1 94  ? -3.187  18.889  12.292  1.00 22.13 ? 94   HIS A CB    1 
ATOM   620  C CG    . HIS A 1 94  ? -2.373  20.091  12.661  1.00 23.38 ? 94   HIS A CG    1 
ATOM   621  N ND1   . HIS A 1 94  ? -1.717  20.864  11.725  1.00 21.27 ? 94   HIS A ND1   1 
ATOM   622  C CD2   . HIS A 1 94  ? -2.079  20.634  13.867  1.00 23.47 ? 94   HIS A CD2   1 
ATOM   623  C CE1   . HIS A 1 94  ? -1.056  21.830  12.338  1.00 22.71 ? 94   HIS A CE1   1 
ATOM   624  N NE2   . HIS A 1 94  ? -1.259  21.713  13.639  1.00 23.40 ? 94   HIS A NE2   1 
ATOM   625  N N     . GLY A 1 95  ? -0.088  17.584  12.771  1.00 23.38 ? 95   GLY A N     1 
ATOM   626  C CA    . GLY A 1 95  ? 0.908   17.318  13.791  1.00 21.96 ? 95   GLY A CA    1 
ATOM   627  C C     . GLY A 1 95  ? 1.232   15.850  14.013  1.00 22.71 ? 95   GLY A C     1 
ATOM   628  O O     . GLY A 1 95  ? 2.056   15.536  14.865  1.00 22.65 ? 95   GLY A O     1 
ATOM   629  N N     . ARG A 1 96  ? 0.596   14.952  13.263  1.00 20.53 ? 96   ARG A N     1 
ATOM   630  C CA    . ARG A 1 96  ? 0.864   13.521  13.417  1.00 20.34 ? 96   ARG A CA    1 
ATOM   631  C C     . ARG A 1 96  ? 1.956   13.044  12.461  1.00 20.50 ? 96   ARG A C     1 
ATOM   632  O O     . ARG A 1 96  ? 2.214   13.673  11.433  1.00 19.27 ? 96   ARG A O     1 
ATOM   633  C CB    . ARG A 1 96  ? -0.398  12.687  13.144  1.00 19.75 ? 96   ARG A CB    1 
ATOM   634  C CG    . ARG A 1 96  ? -1.551  12.842  14.139  1.00 20.56 ? 96   ARG A CG    1 
ATOM   635  C CD    . ARG A 1 96  ? -1.157  12.449  15.561  1.00 20.62 ? 96   ARG A CD    1 
ATOM   636  N NE    . ARG A 1 96  ? -0.691  11.066  15.692  1.00 22.96 ? 96   ARG A NE    1 
ATOM   637  C CZ    . ARG A 1 96  ? -1.476  9.986   15.692  1.00 22.96 ? 96   ARG A CZ    1 
ATOM   638  N NH1   . ARG A 1 96  ? -2.793  10.111  15.564  1.00 17.05 ? 96   ARG A NH1   1 
ATOM   639  N NH2   . ARG A 1 96  ? -0.939  8.774   15.835  1.00 18.16 ? 96   ARG A NH2   1 
ATOM   640  N N     . ASP A 1 97  ? 2.607   11.942  12.821  1.00 19.13 ? 97   ASP A N     1 
ATOM   641  C CA    . ASP A 1 97  ? 3.622   11.335  11.965  1.00 18.90 ? 97   ASP A CA    1 
ATOM   642  C C     . ASP A 1 97  ? 2.830   10.303  11.167  1.00 18.14 ? 97   ASP A C     1 
ATOM   643  O O     . ASP A 1 97  ? 2.568   9.198   11.633  1.00 17.39 ? 97   ASP A O     1 
ATOM   644  C CB    . ASP A 1 97  ? 4.713   10.665  12.806  1.00 17.21 ? 97   ASP A CB    1 
ATOM   645  C CG    . ASP A 1 97  ? 5.594   11.680  13.521  1.00 17.75 ? 97   ASP A CG    1 
ATOM   646  O OD1   . ASP A 1 97  ? 6.050   12.639  12.863  1.00 15.22 ? 97   ASP A OD1   1 
ATOM   647  O OD2   . ASP A 1 97  ? 5.831   11.521  14.733  1.00 16.86 ? 97   ASP A OD2   1 
ATOM   648  N N     . VAL A 1 98  ? 2.433   10.705  9.968   1.00 18.26 ? 98   VAL A N     1 
ATOM   649  C CA    . VAL A 1 98  ? 1.614   9.896   9.081   1.00 15.93 ? 98   VAL A CA    1 
ATOM   650  C C     . VAL A 1 98  ? 2.330   8.923   8.153   1.00 16.89 ? 98   VAL A C     1 
ATOM   651  O O     . VAL A 1 98  ? 3.368   9.237   7.569   1.00 17.82 ? 98   VAL A O     1 
ATOM   652  C CB    . VAL A 1 98  ? 0.737   10.821  8.212   1.00 17.18 ? 98   VAL A CB    1 
ATOM   653  C CG1   . VAL A 1 98  ? -0.058  10.003  7.193   1.00 15.52 ? 98   VAL A CG1   1 
ATOM   654  C CG2   . VAL A 1 98  ? -0.190  11.633  9.107   1.00 14.74 ? 98   VAL A CG2   1 
ATOM   655  N N     . ILE A 1 99  ? 1.752   7.734   8.021   1.00 16.54 ? 99   ILE A N     1 
ATOM   656  C CA    . ILE A 1 99  ? 2.281   6.717   7.132   1.00 17.30 ? 99   ILE A CA    1 
ATOM   657  C C     . ILE A 1 99  ? 1.146   6.252   6.237   1.00 16.71 ? 99   ILE A C     1 
ATOM   658  O O     . ILE A 1 99  ? 0.181   5.649   6.709   1.00 16.82 ? 99   ILE A O     1 
ATOM   659  C CB    . ILE A 1 99  ? 2.815   5.484   7.882   1.00 17.26 ? 99   ILE A CB    1 
ATOM   660  C CG1   . ILE A 1 99  ? 3.991   5.874   8.781   1.00 13.53 ? 99   ILE A CG1   1 
ATOM   661  C CG2   . ILE A 1 99  ? 3.240   4.412   6.859   1.00 15.32 ? 99   ILE A CG2   1 
ATOM   662  C CD1   . ILE A 1 99  ? 4.539   4.716   9.579   1.00 13.66 ? 99   ILE A CD1   1 
ATOM   663  N N     . VAL A 1 100 ? 1.264   6.542   4.947   1.00 17.06 ? 100  VAL A N     1 
ATOM   664  C CA    . VAL A 1 100 ? 0.256   6.136   3.978   1.00 16.70 ? 100  VAL A CA    1 
ATOM   665  C C     . VAL A 1 100 ? 0.509   4.677   3.599   1.00 18.17 ? 100  VAL A C     1 
ATOM   666  O O     . VAL A 1 100 ? 1.650   4.283   3.337   1.00 16.86 ? 100  VAL A O     1 
ATOM   667  C CB    . VAL A 1 100 ? 0.329   7.005   2.701   1.00 17.76 ? 100  VAL A CB    1 
ATOM   668  C CG1   . VAL A 1 100 ? -0.661  6.498   1.660   1.00 18.86 ? 100  VAL A CG1   1 
ATOM   669  C CG2   . VAL A 1 100 ? 0.039   8.457   3.043   1.00 17.21 ? 100  VAL A CG2   1 
ATOM   670  N N     . VAL A 1 101 ? -0.547  3.870   3.600   1.00 15.33 ? 101  VAL A N     1 
ATOM   671  C CA    . VAL A 1 101 ? -0.415  2.463   3.228   1.00 14.88 ? 101  VAL A CA    1 
ATOM   672  C C     . VAL A 1 101 ? -1.174  2.249   1.927   1.00 14.83 ? 101  VAL A C     1 
ATOM   673  O O     . VAL A 1 101 ? -2.404  2.329   1.875   1.00 15.61 ? 101  VAL A O     1 
ATOM   674  C CB    . VAL A 1 101 ? -0.957  1.531   4.333   1.00 15.63 ? 101  VAL A CB    1 
ATOM   675  C CG1   . VAL A 1 101 ? -0.784  0.068   3.917   1.00 12.57 ? 101  VAL A CG1   1 
ATOM   676  C CG2   . VAL A 1 101 ? -0.208  1.799   5.631   1.00 12.60 ? 101  VAL A CG2   1 
ATOM   677  N N     . GLU A 1 102 ? -0.415  1.990   0.872   1.00 13.80 ? 102  GLU A N     1 
ATOM   678  C CA    . GLU A 1 102 ? -0.959  1.812   -0.463  1.00 15.67 ? 102  GLU A CA    1 
ATOM   679  C C     . GLU A 1 102 ? -0.763  0.389   -0.993  1.00 16.43 ? 102  GLU A C     1 
ATOM   680  O O     . GLU A 1 102 ? 0.091   -0.355  -0.497  1.00 13.87 ? 102  GLU A O     1 
ATOM   681  C CB    . GLU A 1 102 ? -0.267  2.808   -1.395  1.00 18.89 ? 102  GLU A CB    1 
ATOM   682  C CG    . GLU A 1 102 ? -0.851  2.861   -2.768  1.00 25.54 ? 102  GLU A CG    1 
ATOM   683  C CD    . GLU A 1 102 ? -2.240  3.439   -2.760  1.00 24.48 ? 102  GLU A CD    1 
ATOM   684  O OE1   . GLU A 1 102 ? -2.364  4.675   -2.638  1.00 26.87 ? 102  GLU A OE1   1 
ATOM   685  O OE2   . GLU A 1 102 ? -3.201  2.654   -2.863  1.00 24.65 ? 102  GLU A OE2   1 
ATOM   686  N N     . ASP A 1 103 ? -1.549  0.008   -2.001  1.00 15.75 ? 103  ASP A N     1 
ATOM   687  C CA    . ASP A 1 103 ? -1.406  -1.323  -2.582  1.00 16.10 ? 103  ASP A CA    1 
ATOM   688  C C     . ASP A 1 103 ? -0.304  -1.349  -3.641  1.00 16.33 ? 103  ASP A C     1 
ATOM   689  O O     . ASP A 1 103 ? 0.675   -2.083  -3.516  1.00 18.03 ? 103  ASP A O     1 
ATOM   690  C CB    . ASP A 1 103 ? -2.738  -1.816  -3.178  1.00 16.13 ? 103  ASP A CB    1 
ATOM   691  C CG    . ASP A 1 103 ? -3.372  -0.827  -4.147  1.00 18.90 ? 103  ASP A CG    1 
ATOM   692  O OD1   . ASP A 1 103 ? -2.846  0.290   -4.322  1.00 19.94 ? 103  ASP A OD1   1 
ATOM   693  O OD2   . ASP A 1 103 ? -4.421  -1.176  -4.736  1.00 18.58 ? 103  ASP A OD2   1 
ATOM   694  N N     . ILE A 1 104 ? -0.450  -0.537  -4.678  1.00 15.97 ? 104  ILE A N     1 
ATOM   695  C CA    . ILE A 1 104 ? 0.550   -0.500  -5.732  1.00 16.08 ? 104  ILE A CA    1 
ATOM   696  C C     . ILE A 1 104 ? 0.613   0.874   -6.383  1.00 15.65 ? 104  ILE A C     1 
ATOM   697  O O     . ILE A 1 104 ? -0.412  1.525   -6.575  1.00 16.30 ? 104  ILE A O     1 
ATOM   698  C CB    . ILE A 1 104 ? 0.252   -1.577  -6.804  1.00 15.83 ? 104  ILE A CB    1 
ATOM   699  C CG1   . ILE A 1 104 ? 1.266   -1.476  -7.945  1.00 16.49 ? 104  ILE A CG1   1 
ATOM   700  C CG2   . ILE A 1 104 ? -1.179  -1.429  -7.318  1.00 16.68 ? 104  ILE A CG2   1 
ATOM   701  C CD1   . ILE A 1 104 ? 1.199   -2.648  -8.907  1.00 17.67 ? 104  ILE A CD1   1 
ATOM   702  N N     . VAL A 1 105 ? 1.825   1.318   -6.696  1.00 15.31 ? 105  VAL A N     1 
ATOM   703  C CA    . VAL A 1 105 ? 2.026   2.609   -7.337  1.00 15.17 ? 105  VAL A CA    1 
ATOM   704  C C     . VAL A 1 105 ? 2.263   2.378   -8.825  1.00 16.58 ? 105  VAL A C     1 
ATOM   705  O O     . VAL A 1 105 ? 3.253   1.759   -9.219  1.00 16.00 ? 105  VAL A O     1 
ATOM   706  C CB    . VAL A 1 105 ? 3.231   3.349   -6.729  1.00 15.77 ? 105  VAL A CB    1 
ATOM   707  C CG1   . VAL A 1 105 ? 3.450   4.690   -7.453  1.00 13.62 ? 105  VAL A CG1   1 
ATOM   708  C CG2   . VAL A 1 105 ? 2.996   3.565   -5.227  1.00 12.01 ? 105  VAL A CG2   1 
ATOM   709  N N     . ASP A 1 106 ? 1.340   2.870   -9.645  1.00 17.76 ? 106  ASP A N     1 
ATOM   710  C CA    . ASP A 1 106 ? 1.424   2.711   -11.094 1.00 18.59 ? 106  ASP A CA    1 
ATOM   711  C C     . ASP A 1 106 ? 1.972   3.995   -11.725 1.00 19.18 ? 106  ASP A C     1 
ATOM   712  O O     . ASP A 1 106 ? 3.190   4.187   -11.784 1.00 18.80 ? 106  ASP A O     1 
ATOM   713  C CB    . ASP A 1 106 ? 0.034   2.365   -11.637 1.00 19.12 ? 106  ASP A CB    1 
ATOM   714  C CG    . ASP A 1 106 ? 0.054   1.938   -13.092 1.00 20.10 ? 106  ASP A CG    1 
ATOM   715  O OD1   . ASP A 1 106 ? 1.116   1.500   -13.588 1.00 20.70 ? 106  ASP A OD1   1 
ATOM   716  O OD2   . ASP A 1 106 ? -1.009  2.022   -13.736 1.00 19.52 ? 106  ASP A OD2   1 
ATOM   717  N N     . THR A 1 107 ? 1.092   4.878   -12.188 1.00 19.31 ? 107  THR A N     1 
ATOM   718  C CA    . THR A 1 107 ? 1.559   6.130   -12.783 1.00 20.10 ? 107  THR A CA    1 
ATOM   719  C C     . THR A 1 107 ? 2.006   7.073   -11.669 1.00 20.84 ? 107  THR A C     1 
ATOM   720  O O     . THR A 1 107 ? 2.823   7.968   -11.893 1.00 19.82 ? 107  THR A O     1 
ATOM   721  C CB    . THR A 1 107 ? 0.455   6.840   -13.602 1.00 21.43 ? 107  THR A CB    1 
ATOM   722  O OG1   . THR A 1 107 ? -0.608  7.242   -12.729 1.00 18.55 ? 107  THR A OG1   1 
ATOM   723  C CG2   . THR A 1 107 ? -0.090  5.911   -14.687 1.00 22.15 ? 107  THR A CG2   1 
ATOM   724  N N     . GLY A 1 108 ? 1.462   6.863   -10.470 1.00 18.22 ? 108  GLY A N     1 
ATOM   725  C CA    . GLY A 1 108 ? 1.802   7.701   -9.331  1.00 19.00 ? 108  GLY A CA    1 
ATOM   726  C C     . GLY A 1 108 ? 0.847   8.873   -9.128  1.00 19.91 ? 108  GLY A C     1 
ATOM   727  O O     . GLY A 1 108 ? 0.950   9.614   -8.144  1.00 18.78 ? 108  GLY A O     1 
ATOM   728  N N     . LEU A 1 109 ? -0.085  9.040   -10.062 1.00 21.27 ? 109  LEU A N     1 
ATOM   729  C CA    . LEU A 1 109 ? -1.058  10.131  -10.011 1.00 22.38 ? 109  LEU A CA    1 
ATOM   730  C C     . LEU A 1 109 ? -1.871  10.138  -8.720  1.00 21.48 ? 109  LEU A C     1 
ATOM   731  O O     . LEU A 1 109 ? -1.910  11.141  -8.012  1.00 21.86 ? 109  LEU A O     1 
ATOM   732  C CB    . LEU A 1 109 ? -2.019  10.040  -11.203 1.00 24.60 ? 109  LEU A CB    1 
ATOM   733  C CG    . LEU A 1 109 ? -2.332  11.317  -11.989 1.00 30.11 ? 109  LEU A CG    1 
ATOM   734  C CD1   . LEU A 1 109 ? -3.561  11.080  -12.865 1.00 30.53 ? 109  LEU A CD1   1 
ATOM   735  C CD2   . LEU A 1 109 ? -2.589  12.476  -11.049 1.00 31.85 ? 109  LEU A CD2   1 
ATOM   736  N N     . THR A 1 110 ? -2.524  9.017   -8.420  1.00 20.19 ? 110  THR A N     1 
ATOM   737  C CA    . THR A 1 110 ? -3.345  8.914   -7.217  1.00 20.56 ? 110  THR A CA    1 
ATOM   738  C C     . THR A 1 110 ? -2.573  9.256   -5.943  1.00 20.30 ? 110  THR A C     1 
ATOM   739  O O     . THR A 1 110 ? -3.028  10.064  -5.136  1.00 18.82 ? 110  THR A O     1 
ATOM   740  C CB    . THR A 1 110 ? -3.944  7.506   -7.069  1.00 21.67 ? 110  THR A CB    1 
ATOM   741  O OG1   . THR A 1 110 ? -4.775  7.218   -8.201  1.00 24.27 ? 110  THR A OG1   1 
ATOM   742  C CG2   . THR A 1 110 ? -4.783  7.416   -5.806  1.00 23.82 ? 110  THR A CG2   1 
ATOM   743  N N     . LEU A 1 111 ? -1.407  8.648   -5.766  1.00 19.13 ? 111  LEU A N     1 
ATOM   744  C CA    . LEU A 1 111 ? -0.603  8.912   -4.583  1.00 20.56 ? 111  LEU A CA    1 
ATOM   745  C C     . LEU A 1 111 ? -0.182  10.375  -4.532  1.00 21.20 ? 111  LEU A C     1 
ATOM   746  O O     . LEU A 1 111 ? -0.087  10.959  -3.454  1.00 21.84 ? 111  LEU A O     1 
ATOM   747  C CB    . LEU A 1 111 ? 0.638   8.014   -4.563  1.00 19.32 ? 111  LEU A CB    1 
ATOM   748  C CG    . LEU A 1 111 ? 1.564   8.201   -3.358  1.00 20.43 ? 111  LEU A CG    1 
ATOM   749  C CD1   . LEU A 1 111 ? 0.779   8.029   -2.059  1.00 17.46 ? 111  LEU A CD1   1 
ATOM   750  C CD2   . LEU A 1 111 ? 2.699   7.188   -3.434  1.00 19.04 ? 111  LEU A CD2   1 
ATOM   751  N N     . SER A 1 112 ? 0.069   10.966  -5.697  1.00 22.39 ? 112  SER A N     1 
ATOM   752  C CA    . SER A 1 112 ? 0.474   12.368  -5.767  1.00 23.15 ? 112  SER A CA    1 
ATOM   753  C C     . SER A 1 112 ? -0.627  13.275  -5.223  1.00 23.47 ? 112  SER A C     1 
ATOM   754  O O     . SER A 1 112 ? -0.354  14.207  -4.461  1.00 20.75 ? 112  SER A O     1 
ATOM   755  C CB    . SER A 1 112 ? 0.784   12.767  -7.208  1.00 24.48 ? 112  SER A CB    1 
ATOM   756  O OG    . SER A 1 112 ? 1.231   14.110  -7.264  1.00 28.25 ? 112  SER A OG    1 
ATOM   757  N N     . TYR A 1 113 ? -1.868  13.008  -5.629  1.00 23.19 ? 113  TYR A N     1 
ATOM   758  C CA    . TYR A 1 113 ? -3.005  13.800  -5.160  1.00 25.53 ? 113  TYR A CA    1 
ATOM   759  C C     . TYR A 1 113 ? -3.190  13.629  -3.660  1.00 23.24 ? 113  TYR A C     1 
ATOM   760  O O     . TYR A 1 113 ? -3.381  14.600  -2.938  1.00 22.65 ? 113  TYR A O     1 
ATOM   761  C CB    . TYR A 1 113 ? -4.298  13.386  -5.868  1.00 29.98 ? 113  TYR A CB    1 
ATOM   762  C CG    . TYR A 1 113 ? -4.456  13.925  -7.274  1.00 36.53 ? 113  TYR A CG    1 
ATOM   763  C CD1   . TYR A 1 113 ? -4.165  15.258  -7.570  1.00 39.49 ? 113  TYR A CD1   1 
ATOM   764  C CD2   . TYR A 1 113 ? -4.947  13.116  -8.300  1.00 37.80 ? 113  TYR A CD2   1 
ATOM   765  C CE1   . TYR A 1 113 ? -4.361  15.773  -8.851  1.00 42.95 ? 113  TYR A CE1   1 
ATOM   766  C CE2   . TYR A 1 113 ? -5.149  13.621  -9.583  1.00 41.69 ? 113  TYR A CE2   1 
ATOM   767  C CZ    . TYR A 1 113 ? -4.854  14.950  -9.853  1.00 43.30 ? 113  TYR A CZ    1 
ATOM   768  O OH    . TYR A 1 113 ? -5.052  15.454  -11.119 1.00 44.43 ? 113  TYR A OH    1 
ATOM   769  N N     . LEU A 1 114 ? -3.124  12.386  -3.198  1.00 22.49 ? 114  LEU A N     1 
ATOM   770  C CA    . LEU A 1 114 ? -3.293  12.081  -1.784  1.00 20.88 ? 114  LEU A CA    1 
ATOM   771  C C     . LEU A 1 114 ? -2.260  12.773  -0.901  1.00 20.83 ? 114  LEU A C     1 
ATOM   772  O O     . LEU A 1 114 ? -2.602  13.330  0.147   1.00 20.22 ? 114  LEU A O     1 
ATOM   773  C CB    . LEU A 1 114 ? -3.235  10.570  -1.568  1.00 19.13 ? 114  LEU A CB    1 
ATOM   774  C CG    . LEU A 1 114 ? -3.338  10.080  -0.123  1.00 21.06 ? 114  LEU A CG    1 
ATOM   775  C CD1   . LEU A 1 114 ? -4.573  10.690  0.555   1.00 17.42 ? 114  LEU A CD1   1 
ATOM   776  C CD2   . LEU A 1 114 ? -3.403  8.552   -0.121  1.00 17.67 ? 114  LEU A CD2   1 
ATOM   777  N N     . LEU A 1 115 ? -0.997  12.742  -1.316  1.00 18.34 ? 115  LEU A N     1 
ATOM   778  C CA    . LEU A 1 115 ? 0.050   13.391  -0.535  1.00 17.84 ? 115  LEU A CA    1 
ATOM   779  C C     . LEU A 1 115 ? -0.206  14.895  -0.433  1.00 18.87 ? 115  LEU A C     1 
ATOM   780  O O     . LEU A 1 115 ? -0.019  15.483  0.629   1.00 17.11 ? 115  LEU A O     1 
ATOM   781  C CB    . LEU A 1 115 ? 1.424   13.119  -1.155  1.00 16.79 ? 115  LEU A CB    1 
ATOM   782  C CG    . LEU A 1 115 ? 1.868   11.650  -1.108  1.00 19.06 ? 115  LEU A CG    1 
ATOM   783  C CD1   . LEU A 1 115 ? 3.204   11.485  -1.810  1.00 17.21 ? 115  LEU A CD1   1 
ATOM   784  C CD2   . LEU A 1 115 ? 1.966   11.189  0.351   1.00 16.00 ? 115  LEU A CD2   1 
ATOM   785  N N     . ASP A 1 116 ? -0.642  15.519  -1.526  1.00 21.05 ? 116  ASP A N     1 
ATOM   786  C CA    . ASP A 1 116 ? -0.923  16.954  -1.490  1.00 24.73 ? 116  ASP A CA    1 
ATOM   787  C C     . ASP A 1 116 ? -2.090  17.207  -0.546  1.00 24.69 ? 116  ASP A C     1 
ATOM   788  O O     . ASP A 1 116 ? -2.085  18.165  0.220   1.00 24.01 ? 116  ASP A O     1 
ATOM   789  C CB    . ASP A 1 116 ? -1.276  17.487  -2.880  1.00 28.07 ? 116  ASP A CB    1 
ATOM   790  C CG    . ASP A 1 116 ? -0.095  17.473  -3.825  1.00 32.60 ? 116  ASP A CG    1 
ATOM   791  O OD1   . ASP A 1 116 ? 1.037   17.720  -3.357  1.00 32.79 ? 116  ASP A OD1   1 
ATOM   792  O OD2   . ASP A 1 116 ? -0.302  17.232  -5.037  1.00 36.18 ? 116  ASP A OD2   1 
ATOM   793  N N     . TYR A 1 117 ? -3.091  16.337  -0.610  1.00 25.01 ? 117  TYR A N     1 
ATOM   794  C CA    . TYR A 1 117 ? -4.265  16.449  0.246   1.00 26.53 ? 117  TYR A CA    1 
ATOM   795  C C     . TYR A 1 117 ? -3.863  16.377  1.718   1.00 26.45 ? 117  TYR A C     1 
ATOM   796  O O     . TYR A 1 117 ? -4.267  17.215  2.527   1.00 26.22 ? 117  TYR A O     1 
ATOM   797  C CB    . TYR A 1 117 ? -5.247  15.320  -0.065  1.00 29.44 ? 117  TYR A CB    1 
ATOM   798  C CG    . TYR A 1 117 ? -6.506  15.361  0.766   1.00 33.75 ? 117  TYR A CG    1 
ATOM   799  C CD1   . TYR A 1 117 ? -7.480  16.334  0.545   1.00 36.43 ? 117  TYR A CD1   1 
ATOM   800  C CD2   . TYR A 1 117 ? -6.726  14.426  1.778   1.00 35.16 ? 117  TYR A CD2   1 
ATOM   801  C CE1   . TYR A 1 117 ? -8.643  16.374  1.310   1.00 37.39 ? 117  TYR A CE1   1 
ATOM   802  C CE2   . TYR A 1 117 ? -7.884  14.457  2.550   1.00 36.82 ? 117  TYR A CE2   1 
ATOM   803  C CZ    . TYR A 1 117 ? -8.838  15.432  2.311   1.00 37.48 ? 117  TYR A CZ    1 
ATOM   804  O OH    . TYR A 1 117 ? -9.987  15.462  3.063   1.00 39.60 ? 117  TYR A OH    1 
ATOM   805  N N     . LEU A 1 118 ? -3.066  15.370  2.057   1.00 24.56 ? 118  LEU A N     1 
ATOM   806  C CA    . LEU A 1 118 ? -2.621  15.184  3.432   1.00 23.38 ? 118  LEU A CA    1 
ATOM   807  C C     . LEU A 1 118 ? -1.716  16.313  3.912   1.00 24.23 ? 118  LEU A C     1 
ATOM   808  O O     . LEU A 1 118 ? -1.822  16.760  5.056   1.00 23.07 ? 118  LEU A O     1 
ATOM   809  C CB    . LEU A 1 118 ? -1.889  13.844  3.573   1.00 21.74 ? 118  LEU A CB    1 
ATOM   810  C CG    . LEU A 1 118 ? -2.727  12.585  3.317   1.00 20.75 ? 118  LEU A CG    1 
ATOM   811  C CD1   . LEU A 1 118 ? -1.856  11.347  3.457   1.00 18.36 ? 118  LEU A CD1   1 
ATOM   812  C CD2   . LEU A 1 118 ? -3.883  12.531  4.298   1.00 18.24 ? 118  LEU A CD2   1 
ATOM   813  N N     . GLU A 1 119 ? -0.833  16.781  3.035   1.00 24.58 ? 119  GLU A N     1 
ATOM   814  C CA    . GLU A 1 119 ? 0.094   17.844  3.394   1.00 25.30 ? 119  GLU A CA    1 
ATOM   815  C C     . GLU A 1 119 ? -0.624  19.161  3.698   1.00 23.96 ? 119  GLU A C     1 
ATOM   816  O O     . GLU A 1 119 ? -0.148  19.964  4.503   1.00 22.78 ? 119  GLU A O     1 
ATOM   817  C CB    . GLU A 1 119 ? 1.114   18.053  2.275   1.00 27.36 ? 119  GLU A CB    1 
ATOM   818  C CG    . GLU A 1 119 ? 2.434   18.612  2.770   1.00 35.36 ? 119  GLU A CG    1 
ATOM   819  C CD    . GLU A 1 119 ? 3.174   17.637  3.675   1.00 37.99 ? 119  GLU A CD    1 
ATOM   820  O OE1   . GLU A 1 119 ? 4.110   18.071  4.379   1.00 41.69 ? 119  GLU A OE1   1 
ATOM   821  O OE2   . GLU A 1 119 ? 2.828   16.438  3.678   1.00 40.63 ? 119  GLU A OE2   1 
ATOM   822  N N     . ALA A 1 120 ? -1.774  19.374  3.066   1.00 23.20 ? 120  ALA A N     1 
ATOM   823  C CA    . ALA A 1 120 ? -2.544  20.597  3.281   1.00 24.18 ? 120  ALA A CA    1 
ATOM   824  C C     . ALA A 1 120 ? -2.954  20.744  4.747   1.00 25.09 ? 120  ALA A C     1 
ATOM   825  O O     . ALA A 1 120 ? -3.095  21.863  5.250   1.00 25.71 ? 120  ALA A O     1 
ATOM   826  C CB    . ALA A 1 120 ? -3.779  20.598  2.392   1.00 25.01 ? 120  ALA A CB    1 
ATOM   827  N N     . ARG A 1 121 ? -3.141  19.613  5.426   1.00 24.21 ? 121  ARG A N     1 
ATOM   828  C CA    . ARG A 1 121 ? -3.521  19.616  6.836   1.00 23.77 ? 121  ARG A CA    1 
ATOM   829  C C     . ARG A 1 121 ? -2.323  19.728  7.769   1.00 23.25 ? 121  ARG A C     1 
ATOM   830  O O     . ARG A 1 121 ? -2.466  19.716  8.994   1.00 21.26 ? 121  ARG A O     1 
ATOM   831  C CB    . ARG A 1 121 ? -4.332  18.368  7.172   1.00 24.45 ? 121  ARG A CB    1 
ATOM   832  C CG    . ARG A 1 121 ? -5.649  18.327  6.430   1.00 25.50 ? 121  ARG A CG    1 
ATOM   833  C CD    . ARG A 1 121 ? -6.650  17.459  7.141   1.00 27.38 ? 121  ARG A CD    1 
ATOM   834  N NE    . ARG A 1 121 ? -7.916  17.419  6.422   1.00 28.38 ? 121  ARG A NE    1 
ATOM   835  C CZ    . ARG A 1 121 ? -9.030  16.896  6.914   1.00 28.74 ? 121  ARG A CZ    1 
ATOM   836  N NH1   . ARG A 1 121 ? -9.029  16.371  8.133   1.00 28.32 ? 121  ARG A NH1   1 
ATOM   837  N NH2   . ARG A 1 121 ? -10.140 16.896  6.189   1.00 30.08 ? 121  ARG A NH2   1 
ATOM   838  N N     . LYS A 1 122 ? -1.139  19.832  7.176   1.00 22.72 ? 122  LYS A N     1 
ATOM   839  C CA    . LYS A 1 122 ? 0.099   19.985  7.930   1.00 23.11 ? 122  LYS A CA    1 
ATOM   840  C C     . LYS A 1 122 ? 0.428   18.910  8.971   1.00 22.82 ? 122  LYS A C     1 
ATOM   841  O O     . LYS A 1 122 ? 0.429   19.172  10.177  1.00 21.75 ? 122  LYS A O     1 
ATOM   842  C CB    . LYS A 1 122 ? 0.116   21.363  8.605   1.00 24.00 ? 122  LYS A CB    1 
ATOM   843  C CG    . LYS A 1 122 ? -0.134  22.521  7.643   1.00 25.72 ? 122  LYS A CG    1 
ATOM   844  C CD    . LYS A 1 122 ? -0.317  23.835  8.392   1.00 30.23 ? 122  LYS A CD    1 
ATOM   845  C CE    . LYS A 1 122 ? -0.767  24.956  7.459   1.00 32.94 ? 122  LYS A CE    1 
ATOM   846  N NZ    . LYS A 1 122 ? 0.244   25.263  6.404   1.00 35.49 ? 122  LYS A NZ    1 
ATOM   847  N N     . PRO A 1 123 ? 0.688   17.674  8.520   1.00 23.32 ? 123  PRO A N     1 
ATOM   848  C CA    . PRO A 1 123 ? 1.029   16.621  9.482   1.00 22.52 ? 123  PRO A CA    1 
ATOM   849  C C     . PRO A 1 123 ? 2.483   16.876  9.899   1.00 22.89 ? 123  PRO A C     1 
ATOM   850  O O     . PRO A 1 123 ? 3.149   17.715  9.298   1.00 23.64 ? 123  PRO A O     1 
ATOM   851  C CB    . PRO A 1 123 ? 0.864   15.340  8.664   1.00 23.75 ? 123  PRO A CB    1 
ATOM   852  C CG    . PRO A 1 123 ? 1.202   15.793  7.264   1.00 23.25 ? 123  PRO A CG    1 
ATOM   853  C CD    . PRO A 1 123 ? 0.473   17.115  7.174   1.00 22.81 ? 123  PRO A CD    1 
ATOM   854  N N     . ALA A 1 124 ? 2.974   16.185  10.923  1.00 22.74 ? 124  ALA A N     1 
ATOM   855  C CA    . ALA A 1 124 ? 4.354   16.388  11.366  1.00 21.90 ? 124  ALA A CA    1 
ATOM   856  C C     . ALA A 1 124 ? 5.310   15.773  10.346  1.00 22.62 ? 124  ALA A C     1 
ATOM   857  O O     . ALA A 1 124 ? 6.416   16.273  10.124  1.00 21.13 ? 124  ALA A O     1 
ATOM   858  C CB    . ALA A 1 124 ? 4.572   15.759  12.742  1.00 23.81 ? 124  ALA A CB    1 
ATOM   859  N N     . SER A 1 125 ? 4.877   14.676  9.734   1.00 20.92 ? 125  SER A N     1 
ATOM   860  C CA    . SER A 1 125 ? 5.675   14.005  8.714   1.00 20.69 ? 125  SER A CA    1 
ATOM   861  C C     . SER A 1 125 ? 4.796   13.029  7.951   1.00 19.67 ? 125  SER A C     1 
ATOM   862  O O     . SER A 1 125 ? 3.733   12.620  8.429   1.00 17.66 ? 125  SER A O     1 
ATOM   863  C CB    . SER A 1 125 ? 6.863   13.260  9.340   1.00 19.78 ? 125  SER A CB    1 
ATOM   864  O OG    . SER A 1 125 ? 6.436   12.245  10.234  1.00 23.57 ? 125  SER A OG    1 
ATOM   865  N N     . VAL A 1 126 ? 5.229   12.682  6.746   1.00 18.37 ? 126  VAL A N     1 
ATOM   866  C CA    . VAL A 1 126 ? 4.492   11.736  5.927   1.00 17.40 ? 126  VAL A CA    1 
ATOM   867  C C     . VAL A 1 126 ? 5.463   10.815  5.214   1.00 18.83 ? 126  VAL A C     1 
ATOM   868  O O     . VAL A 1 126 ? 6.396   11.276  4.555   1.00 18.19 ? 126  VAL A O     1 
ATOM   869  C CB    . VAL A 1 126 ? 3.623   12.436  4.837   1.00 17.08 ? 126  VAL A CB    1 
ATOM   870  C CG1   . VAL A 1 126 ? 2.846   11.380  4.039   1.00 14.39 ? 126  VAL A CG1   1 
ATOM   871  C CG2   . VAL A 1 126 ? 2.654   13.417  5.469   1.00 12.69 ? 126  VAL A CG2   1 
ATOM   872  N N     . ARG A 1 127 ? 5.254   9.513   5.373   1.00 19.68 ? 127  ARG A N     1 
ATOM   873  C CA    . ARG A 1 127 ? 6.061   8.510   4.696   1.00 19.00 ? 127  ARG A CA    1 
ATOM   874  C C     . ARG A 1 127 ? 5.093   7.550   4.022   1.00 19.12 ? 127  ARG A C     1 
ATOM   875  O O     . ARG A 1 127 ? 3.929   7.442   4.421   1.00 18.48 ? 127  ARG A O     1 
ATOM   876  C CB    . ARG A 1 127 ? 6.979   7.774   5.669   1.00 18.98 ? 127  ARG A CB    1 
ATOM   877  C CG    . ARG A 1 127 ? 8.237   8.570   5.973   1.00 21.36 ? 127  ARG A CG    1 
ATOM   878  C CD    . ARG A 1 127 ? 9.285   7.756   6.696   1.00 21.69 ? 127  ARG A CD    1 
ATOM   879  N NE    . ARG A 1 127 ? 10.494  8.543   6.907   1.00 23.78 ? 127  ARG A NE    1 
ATOM   880  C CZ    . ARG A 1 127 ? 11.568  8.105   7.551   1.00 24.65 ? 127  ARG A CZ    1 
ATOM   881  N NH1   . ARG A 1 127 ? 11.589  6.876   8.054   1.00 22.04 ? 127  ARG A NH1   1 
ATOM   882  N NH2   . ARG A 1 127 ? 12.623  8.898   7.693   1.00 22.01 ? 127  ARG A NH2   1 
ATOM   883  N N     . VAL A 1 128 ? 5.569   6.854   3.000   1.00 18.42 ? 128  VAL A N     1 
ATOM   884  C CA    . VAL A 1 128 ? 4.711   5.956   2.254   1.00 17.37 ? 128  VAL A CA    1 
ATOM   885  C C     . VAL A 1 128 ? 5.151   4.506   2.256   1.00 16.98 ? 128  VAL A C     1 
ATOM   886  O O     . VAL A 1 128 ? 6.330   4.197   2.092   1.00 17.48 ? 128  VAL A O     1 
ATOM   887  C CB    . VAL A 1 128 ? 4.601   6.427   0.789   1.00 16.79 ? 128  VAL A CB    1 
ATOM   888  C CG1   . VAL A 1 128 ? 3.669   5.519   0.011   1.00 14.19 ? 128  VAL A CG1   1 
ATOM   889  C CG2   . VAL A 1 128 ? 4.121   7.872   0.747   1.00 15.04 ? 128  VAL A CG2   1 
ATOM   890  N N     . ALA A 1 129 ? 4.182   3.624   2.459   1.00 17.51 ? 129  ALA A N     1 
ATOM   891  C CA    . ALA A 1 129 ? 4.410   2.190   2.434   1.00 16.93 ? 129  ALA A CA    1 
ATOM   892  C C     . ALA A 1 129 ? 3.498   1.694   1.318   1.00 17.69 ? 129  ALA A C     1 
ATOM   893  O O     . ALA A 1 129 ? 2.310   2.016   1.302   1.00 18.44 ? 129  ALA A O     1 
ATOM   894  C CB    . ALA A 1 129 ? 4.008   1.563   3.756   1.00 17.05 ? 129  ALA A CB    1 
ATOM   895  N N     . ALA A 1 130 ? 4.061   0.948   0.371   1.00 15.74 ? 130  ALA A N     1 
ATOM   896  C CA    . ALA A 1 130 ? 3.291   0.402   -0.749  1.00 16.12 ? 130  ALA A CA    1 
ATOM   897  C C     . ALA A 1 130 ? 3.767   -1.017  -0.994  1.00 15.49 ? 130  ALA A C     1 
ATOM   898  O O     . ALA A 1 130 ? 4.969   -1.277  -1.015  1.00 15.81 ? 130  ALA A O     1 
ATOM   899  C CB    . ALA A 1 130 ? 3.500   1.245   -2.006  1.00 13.54 ? 130  ALA A CB    1 
ATOM   900  N N     . LEU A 1 131 ? 2.837   -1.945  -1.178  1.00 16.72 ? 131  LEU A N     1 
ATOM   901  C CA    . LEU A 1 131 ? 3.241   -3.322  -1.411  1.00 18.59 ? 131  LEU A CA    1 
ATOM   902  C C     . LEU A 1 131 ? 4.006   -3.469  -2.717  1.00 18.45 ? 131  LEU A C     1 
ATOM   903  O O     . LEU A 1 131 ? 5.005   -4.183  -2.774  1.00 18.75 ? 131  LEU A O     1 
ATOM   904  C CB    . LEU A 1 131 ? 2.030   -4.255  -1.441  1.00 19.54 ? 131  LEU A CB    1 
ATOM   905  C CG    . LEU A 1 131 ? 2.387   -5.716  -1.732  1.00 19.91 ? 131  LEU A CG    1 
ATOM   906  C CD1   . LEU A 1 131 ? 3.279   -6.259  -0.624  1.00 20.00 ? 131  LEU A CD1   1 
ATOM   907  C CD2   . LEU A 1 131 ? 1.121   -6.540  -1.841  1.00 22.98 ? 131  LEU A CD2   1 
ATOM   908  N N     . LEU A 1 132 ? 3.541   -2.773  -3.756  1.00 17.19 ? 132  LEU A N     1 
ATOM   909  C CA    . LEU A 1 132 ? 4.150   -2.866  -5.076  1.00 17.98 ? 132  LEU A CA    1 
ATOM   910  C C     . LEU A 1 132 ? 4.353   -1.538  -5.800  1.00 19.11 ? 132  LEU A C     1 
ATOM   911  O O     . LEU A 1 132 ? 3.720   -0.528  -5.477  1.00 18.19 ? 132  LEU A O     1 
ATOM   912  C CB    . LEU A 1 132 ? 3.284   -3.763  -5.960  1.00 19.88 ? 132  LEU A CB    1 
ATOM   913  C CG    . LEU A 1 132 ? 2.955   -5.159  -5.422  1.00 21.19 ? 132  LEU A CG    1 
ATOM   914  C CD1   . LEU A 1 132 ? 1.831   -5.775  -6.251  1.00 21.44 ? 132  LEU A CD1   1 
ATOM   915  C CD2   . LEU A 1 132 ? 4.207   -6.028  -5.459  1.00 19.49 ? 132  LEU A CD2   1 
ATOM   916  N N     . SER A 1 133 ? 5.230   -1.560  -6.801  1.00 17.87 ? 133  SER A N     1 
ATOM   917  C CA    . SER A 1 133 ? 5.511   -0.383  -7.615  1.00 18.38 ? 133  SER A CA    1 
ATOM   918  C C     . SER A 1 133 ? 5.974   -0.773  -9.026  1.00 19.01 ? 133  SER A C     1 
ATOM   919  O O     . SER A 1 133 ? 6.834   -1.643  -9.194  1.00 18.06 ? 133  SER A O     1 
ATOM   920  C CB    . SER A 1 133 ? 6.574   0.489   -6.943  1.00 16.36 ? 133  SER A CB    1 
ATOM   921  O OG    . SER A 1 133 ? 6.856   1.636   -7.728  1.00 16.38 ? 133  SER A OG    1 
ATOM   922  N N     . LYS A 1 134 ? 5.378   -0.139  -10.031 1.00 18.80 ? 134  LYS A N     1 
ATOM   923  C CA    . LYS A 1 134 ? 5.724   -0.381  -11.433 1.00 20.14 ? 134  LYS A CA    1 
ATOM   924  C C     . LYS A 1 134 ? 6.333   0.923   -11.966 1.00 18.59 ? 134  LYS A C     1 
ATOM   925  O O     . LYS A 1 134 ? 5.707   1.647   -12.736 1.00 18.33 ? 134  LYS A O     1 
ATOM   926  C CB    . LYS A 1 134 ? 4.466   -0.760  -12.232 1.00 20.59 ? 134  LYS A CB    1 
ATOM   927  C CG    . LYS A 1 134 ? 3.804   -2.054  -11.754 1.00 21.47 ? 134  LYS A CG    1 
ATOM   928  C CD    . LYS A 1 134 ? 2.523   -2.399  -12.526 1.00 20.13 ? 134  LYS A CD    1 
ATOM   929  C CE    . LYS A 1 134 ? 1.408   -1.385  -12.272 1.00 21.64 ? 134  LYS A CE    1 
ATOM   930  N NZ    . LYS A 1 134 ? 0.130   -1.791  -12.933 1.00 18.45 ? 134  LYS A NZ    1 
ATOM   931  N N     . PRO A 1 135 ? 7.576   1.226   -11.565 1.00 18.63 ? 135  PRO A N     1 
ATOM   932  C CA    . PRO A 1 135 ? 8.280   2.444   -11.980 1.00 18.89 ? 135  PRO A CA    1 
ATOM   933  C C     . PRO A 1 135 ? 8.395   2.734   -13.477 1.00 19.33 ? 135  PRO A C     1 
ATOM   934  O O     . PRO A 1 135 ? 8.590   3.888   -13.863 1.00 18.45 ? 135  PRO A O     1 
ATOM   935  C CB    . PRO A 1 135 ? 9.640   2.308   -11.296 1.00 17.50 ? 135  PRO A CB    1 
ATOM   936  C CG    . PRO A 1 135 ? 9.855   0.830   -11.280 1.00 18.14 ? 135  PRO A CG    1 
ATOM   937  C CD    . PRO A 1 135 ? 8.493   0.310   -10.859 1.00 18.83 ? 135  PRO A CD    1 
ATOM   938  N N     . SER A 1 136 ? 8.270   1.714   -14.322 1.00 18.76 ? 136  SER A N     1 
ATOM   939  C CA    . SER A 1 136 ? 8.367   1.946   -15.762 1.00 20.53 ? 136  SER A CA    1 
ATOM   940  C C     . SER A 1 136 ? 7.140   2.702   -16.244 1.00 21.58 ? 136  SER A C     1 
ATOM   941  O O     . SER A 1 136 ? 7.142   3.288   -17.325 1.00 21.68 ? 136  SER A O     1 
ATOM   942  C CB    . SER A 1 136 ? 8.503   0.621   -16.530 1.00 20.01 ? 136  SER A CB    1 
ATOM   943  O OG    . SER A 1 136 ? 7.385   -0.225  -16.348 1.00 21.61 ? 136  SER A OG    1 
ATOM   944  N N     . ARG A 1 137 ? 6.100   2.695   -15.417 1.00 23.08 ? 137  ARG A N     1 
ATOM   945  C CA    . ARG A 1 137 ? 4.838   3.356   -15.721 1.00 23.24 ? 137  ARG A CA    1 
ATOM   946  C C     . ARG A 1 137 ? 4.725   4.723   -15.041 1.00 23.07 ? 137  ARG A C     1 
ATOM   947  O O     . ARG A 1 137 ? 3.765   5.457   -15.268 1.00 21.52 ? 137  ARG A O     1 
ATOM   948  C CB    . ARG A 1 137 ? 3.683   2.466   -15.254 1.00 23.61 ? 137  ARG A CB    1 
ATOM   949  C CG    . ARG A 1 137 ? 3.499   1.186   -16.066 1.00 24.63 ? 137  ARG A CG    1 
ATOM   950  C CD    . ARG A 1 137 ? 2.432   1.389   -17.130 1.00 24.42 ? 137  ARG A CD    1 
ATOM   951  N NE    . ARG A 1 137 ? 1.168   1.803   -16.521 1.00 26.00 ? 137  ARG A NE    1 
ATOM   952  C CZ    . ARG A 1 137 ? 0.084   2.165   -17.199 1.00 28.65 ? 137  ARG A CZ    1 
ATOM   953  N NH1   . ARG A 1 137 ? 0.099   2.173   -18.526 1.00 30.06 ? 137  ARG A NH1   1 
ATOM   954  N NH2   . ARG A 1 137 ? -1.017  2.525   -16.549 1.00 28.71 ? 137  ARG A NH2   1 
ATOM   955  N N     . ARG A 1 138 ? 5.716   5.060   -14.219 1.00 22.48 ? 138  ARG A N     1 
ATOM   956  C CA    . ARG A 1 138 ? 5.720   6.313   -13.470 1.00 22.31 ? 138  ARG A CA    1 
ATOM   957  C C     . ARG A 1 138 ? 5.663   7.580   -14.333 1.00 24.70 ? 138  ARG A C     1 
ATOM   958  O O     . ARG A 1 138 ? 6.475   7.774   -15.238 1.00 24.32 ? 138  ARG A O     1 
ATOM   959  C CB    . ARG A 1 138 ? 6.955   6.351   -12.557 1.00 21.42 ? 138  ARG A CB    1 
ATOM   960  C CG    . ARG A 1 138 ? 6.852   7.291   -11.347 1.00 20.49 ? 138  ARG A CG    1 
ATOM   961  C CD    . ARG A 1 138 ? 5.587   7.020   -10.533 1.00 19.37 ? 138  ARG A CD    1 
ATOM   962  N NE    . ARG A 1 138 ? 5.267   5.595   -10.486 1.00 18.99 ? 138  ARG A NE    1 
ATOM   963  C CZ    . ARG A 1 138 ? 5.931   4.691   -9.771  1.00 17.96 ? 138  ARG A CZ    1 
ATOM   964  N NH1   . ARG A 1 138 ? 6.962   5.058   -9.019  1.00 16.89 ? 138  ARG A NH1   1 
ATOM   965  N NH2   . ARG A 1 138 ? 5.574   3.413   -9.828  1.00 16.34 ? 138  ARG A NH2   1 
ATOM   966  N N     . GLN A 1 139 ? 4.695   8.443   -14.040 1.00 24.39 ? 139  GLN A N     1 
ATOM   967  C CA    . GLN A 1 139 ? 4.537   9.695   -14.773 1.00 26.36 ? 139  GLN A CA    1 
ATOM   968  C C     . GLN A 1 139 ? 4.724   10.880  -13.832 1.00 25.09 ? 139  GLN A C     1 
ATOM   969  O O     . GLN A 1 139 ? 5.011   11.995  -14.263 1.00 24.71 ? 139  GLN A O     1 
ATOM   970  C CB    . GLN A 1 139 ? 3.158   9.749   -15.426 1.00 28.48 ? 139  GLN A CB    1 
ATOM   971  C CG    . GLN A 1 139 ? 2.885   8.558   -16.321 1.00 36.41 ? 139  GLN A CG    1 
ATOM   972  C CD    . GLN A 1 139 ? 1.643   8.734   -17.164 1.00 41.19 ? 139  GLN A CD    1 
ATOM   973  O OE1   . GLN A 1 139 ? 0.558   9.001   -16.646 1.00 42.65 ? 139  GLN A OE1   1 
ATOM   974  N NE2   . GLN A 1 139 ? 1.794   8.579   -18.475 1.00 43.59 ? 139  GLN A NE2   1 
ATOM   975  N N     . VAL A 1 140 ? 4.558   10.620  -12.540 1.00 22.59 ? 140  VAL A N     1 
ATOM   976  C CA    . VAL A 1 140 ? 4.722   11.635  -11.514 1.00 24.17 ? 140  VAL A CA    1 
ATOM   977  C C     . VAL A 1 140 ? 5.577   11.019  -10.417 1.00 24.07 ? 140  VAL A C     1 
ATOM   978  O O     . VAL A 1 140 ? 5.204   10.009  -9.825  1.00 23.12 ? 140  VAL A O     1 
ATOM   979  C CB    . VAL A 1 140 ? 3.370   12.057  -10.907 1.00 25.69 ? 140  VAL A CB    1 
ATOM   980  C CG1   . VAL A 1 140 ? 3.578   13.222  -9.951  1.00 27.45 ? 140  VAL A CG1   1 
ATOM   981  C CG2   . VAL A 1 140 ? 2.400   12.440  -12.010 1.00 26.86 ? 140  VAL A CG2   1 
ATOM   982  N N     . GLU A 1 141 ? 6.723   11.629  -10.149 1.00 24.57 ? 141  GLU A N     1 
ATOM   983  C CA    . GLU A 1 141 ? 7.633   11.118  -9.136  1.00 24.78 ? 141  GLU A CA    1 
ATOM   984  C C     . GLU A 1 141 ? 7.073   11.268  -7.725  1.00 24.19 ? 141  GLU A C     1 
ATOM   985  O O     . GLU A 1 141 ? 6.921   12.381  -7.217  1.00 24.28 ? 141  GLU A O     1 
ATOM   986  C CB    . GLU A 1 141 ? 8.982   11.835  -9.239  1.00 27.10 ? 141  GLU A CB    1 
ATOM   987  C CG    . GLU A 1 141 ? 10.106  11.162  -8.475  1.00 31.49 ? 141  GLU A CG    1 
ATOM   988  C CD    . GLU A 1 141 ? 10.251  9.692   -8.835  1.00 33.28 ? 141  GLU A CD    1 
ATOM   989  O OE1   . GLU A 1 141 ? 10.212  9.363   -10.039 1.00 33.53 ? 141  GLU A OE1   1 
ATOM   990  O OE2   . GLU A 1 141 ? 10.412  8.869   -7.910  1.00 33.68 ? 141  GLU A OE2   1 
ATOM   991  N N     . VAL A 1 142 ? 6.758   10.136  -7.104  1.00 21.29 ? 142  VAL A N     1 
ATOM   992  C CA    . VAL A 1 142 ? 6.231   10.118  -5.746  1.00 18.35 ? 142  VAL A CA    1 
ATOM   993  C C     . VAL A 1 142 ? 7.114   9.240   -4.868  1.00 19.21 ? 142  VAL A C     1 
ATOM   994  O O     . VAL A 1 142 ? 7.708   8.265   -5.329  1.00 19.35 ? 142  VAL A O     1 
ATOM   995  C CB    . VAL A 1 142 ? 4.783   9.601   -5.705  1.00 17.27 ? 142  VAL A CB    1 
ATOM   996  C CG1   . VAL A 1 142 ? 3.832   10.683  -6.219  1.00 14.70 ? 142  VAL A CG1   1 
ATOM   997  C CG2   . VAL A 1 142 ? 4.655   8.343   -6.546  1.00 15.73 ? 142  VAL A CG2   1 
ATOM   998  N N     . PRO A 1 143 ? 7.219   9.583   -3.583  1.00 18.13 ? 143  PRO A N     1 
ATOM   999  C CA    . PRO A 1 143 ? 8.052   8.800   -2.674  1.00 16.36 ? 143  PRO A CA    1 
ATOM   1000 C C     . PRO A 1 143 ? 7.443   7.514   -2.137  1.00 18.05 ? 143  PRO A C     1 
ATOM   1001 O O     . PRO A 1 143 ? 6.240   7.434   -1.882  1.00 16.89 ? 143  PRO A O     1 
ATOM   1002 C CB    . PRO A 1 143 ? 8.347   9.789   -1.551  1.00 17.31 ? 143  PRO A CB    1 
ATOM   1003 C CG    . PRO A 1 143 ? 7.052   10.560  -1.457  1.00 15.16 ? 143  PRO A CG    1 
ATOM   1004 C CD    . PRO A 1 143 ? 6.688   10.792  -2.919  1.00 16.35 ? 143  PRO A CD    1 
ATOM   1005 N N     . ILE A 1 144 ? 8.291   6.500   -1.995  1.00 16.42 ? 144  ILE A N     1 
ATOM   1006 C CA    . ILE A 1 144 ? 7.884   5.232   -1.413  1.00 16.74 ? 144  ILE A CA    1 
ATOM   1007 C C     . ILE A 1 144 ? 9.014   4.871   -0.459  1.00 17.23 ? 144  ILE A C     1 
ATOM   1008 O O     . ILE A 1 144 ? 10.056  4.379   -0.881  1.00 17.83 ? 144  ILE A O     1 
ATOM   1009 C CB    . ILE A 1 144 ? 7.725   4.112   -2.454  1.00 15.69 ? 144  ILE A CB    1 
ATOM   1010 C CG1   . ILE A 1 144 ? 6.732   4.529   -3.539  1.00 14.01 ? 144  ILE A CG1   1 
ATOM   1011 C CG2   . ILE A 1 144 ? 7.212   2.853   -1.759  1.00 14.84 ? 144  ILE A CG2   1 
ATOM   1012 C CD1   . ILE A 1 144 ? 6.372   3.406   -4.487  1.00 12.74 ? 144  ILE A CD1   1 
ATOM   1013 N N     . HIS A 1 145 ? 8.815   5.125   0.828   1.00 16.08 ? 145  HIS A N     1 
ATOM   1014 C CA    . HIS A 1 145 ? 9.851   4.846   1.815   1.00 18.81 ? 145  HIS A CA    1 
ATOM   1015 C C     . HIS A 1 145 ? 9.921   3.388   2.244   1.00 18.95 ? 145  HIS A C     1 
ATOM   1016 O O     . HIS A 1 145 ? 10.958  2.921   2.707   1.00 20.21 ? 145  HIS A O     1 
ATOM   1017 C CB    . HIS A 1 145 ? 9.644   5.727   3.049   1.00 19.28 ? 145  HIS A CB    1 
ATOM   1018 C CG    . HIS A 1 145 ? 9.457   7.175   2.725   1.00 21.30 ? 145  HIS A CG    1 
ATOM   1019 N ND1   . HIS A 1 145 ? 8.289   7.672   2.189   1.00 19.33 ? 145  HIS A ND1   1 
ATOM   1020 C CD2   . HIS A 1 145 ? 10.302  8.229   2.831   1.00 20.35 ? 145  HIS A CD2   1 
ATOM   1021 C CE1   . HIS A 1 145 ? 8.423   8.970   1.976   1.00 22.44 ? 145  HIS A CE1   1 
ATOM   1022 N NE2   . HIS A 1 145 ? 9.635   9.332   2.356   1.00 22.26 ? 145  HIS A NE2   1 
ATOM   1023 N N     . TYR A 1 146 ? 8.812   2.676   2.100   1.00 18.66 ? 146  TYR A N     1 
ATOM   1024 C CA    . TYR A 1 146 ? 8.747   1.277   2.489   1.00 18.23 ? 146  TYR A CA    1 
ATOM   1025 C C     . TYR A 1 146 ? 8.076   0.510   1.361   1.00 19.49 ? 146  TYR A C     1 
ATOM   1026 O O     . TYR A 1 146 ? 6.848   0.407   1.294   1.00 19.26 ? 146  TYR A O     1 
ATOM   1027 C CB    . TYR A 1 146 ? 7.961   1.147   3.796   1.00 17.43 ? 146  TYR A CB    1 
ATOM   1028 C CG    . TYR A 1 146 ? 8.550   1.986   4.908   1.00 18.93 ? 146  TYR A CG    1 
ATOM   1029 C CD1   . TYR A 1 146 ? 9.757   1.633   5.508   1.00 22.64 ? 146  TYR A CD1   1 
ATOM   1030 C CD2   . TYR A 1 146 ? 7.936   3.170   5.316   1.00 20.73 ? 146  TYR A CD2   1 
ATOM   1031 C CE1   . TYR A 1 146 ? 10.343  2.437   6.485   1.00 23.26 ? 146  TYR A CE1   1 
ATOM   1032 C CE2   . TYR A 1 146 ? 8.514   3.984   6.290   1.00 21.06 ? 146  TYR A CE2   1 
ATOM   1033 C CZ    . TYR A 1 146 ? 9.717   3.609   6.868   1.00 22.59 ? 146  TYR A CZ    1 
ATOM   1034 O OH    . TYR A 1 146 ? 10.298  4.402   7.825   1.00 24.04 ? 146  TYR A OH    1 
ATOM   1035 N N     . LEU A 1 147 ? 8.904   -0.021  0.469   1.00 18.72 ? 147  LEU A N     1 
ATOM   1036 C CA    . LEU A 1 147 ? 8.414   -0.756  -0.687  1.00 18.23 ? 147  LEU A CA    1 
ATOM   1037 C C     . LEU A 1 147 ? 8.553   -2.256  -0.531  1.00 18.83 ? 147  LEU A C     1 
ATOM   1038 O O     . LEU A 1 147 ? 9.602   -2.757  -0.124  1.00 16.32 ? 147  LEU A O     1 
ATOM   1039 C CB    . LEU A 1 147 ? 9.160   -0.309  -1.947  1.00 18.86 ? 147  LEU A CB    1 
ATOM   1040 C CG    . LEU A 1 147 ? 8.810   -1.051  -3.240  1.00 19.49 ? 147  LEU A CG    1 
ATOM   1041 C CD1   . LEU A 1 147 ? 7.318   -0.935  -3.510  1.00 16.51 ? 147  LEU A CD1   1 
ATOM   1042 C CD2   . LEU A 1 147 ? 9.616   -0.468  -4.398  1.00 17.44 ? 147  LEU A CD2   1 
ATOM   1043 N N     . GLY A 1 148 ? 7.482   -2.972  -0.858  1.00 18.45 ? 148  GLY A N     1 
ATOM   1044 C CA    . GLY A 1 148 ? 7.520   -4.416  -0.764  1.00 18.96 ? 148  GLY A CA    1 
ATOM   1045 C C     . GLY A 1 148 ? 8.355   -4.978  -1.901  1.00 19.17 ? 148  GLY A C     1 
ATOM   1046 O O     . GLY A 1 148 ? 9.424   -5.546  -1.680  1.00 18.33 ? 148  GLY A O     1 
ATOM   1047 N N     . PHE A 1 149 ? 7.872   -4.793  -3.125  1.00 18.19 ? 149  PHE A N     1 
ATOM   1048 C CA    . PHE A 1 149 ? 8.549   -5.300  -4.310  1.00 18.22 ? 149  PHE A CA    1 
ATOM   1049 C C     . PHE A 1 149 ? 8.379   -4.343  -5.479  1.00 18.72 ? 149  PHE A C     1 
ATOM   1050 O O     . PHE A 1 149 ? 7.302   -3.778  -5.671  1.00 17.11 ? 149  PHE A O     1 
ATOM   1051 C CB    . PHE A 1 149 ? 7.947   -6.640  -4.747  1.00 17.12 ? 149  PHE A CB    1 
ATOM   1052 C CG    . PHE A 1 149 ? 7.832   -7.659  -3.651  1.00 19.10 ? 149  PHE A CG    1 
ATOM   1053 C CD1   . PHE A 1 149 ? 8.825   -8.617  -3.465  1.00 17.40 ? 149  PHE A CD1   1 
ATOM   1054 C CD2   . PHE A 1 149 ? 6.710   -7.682  -2.824  1.00 15.75 ? 149  PHE A CD2   1 
ATOM   1055 C CE1   . PHE A 1 149 ? 8.700   -9.589  -2.473  1.00 17.74 ? 149  PHE A CE1   1 
ATOM   1056 C CE2   . PHE A 1 149 ? 6.577   -8.650  -1.827  1.00 17.21 ? 149  PHE A CE2   1 
ATOM   1057 C CZ    . PHE A 1 149 ? 7.572   -9.605  -1.652  1.00 16.80 ? 149  PHE A CZ    1 
ATOM   1058 N N     . GLU A 1 150 ? 9.443   -4.162  -6.255  1.00 18.67 ? 150  GLU A N     1 
ATOM   1059 C CA    . GLU A 1 150 ? 9.382   -3.333  -7.452  1.00 19.08 ? 150  GLU A CA    1 
ATOM   1060 C C     . GLU A 1 150 ? 9.165   -4.380  -8.546  1.00 19.93 ? 150  GLU A C     1 
ATOM   1061 O O     . GLU A 1 150 ? 9.866   -5.393  -8.578  1.00 20.03 ? 150  GLU A O     1 
ATOM   1062 C CB    . GLU A 1 150 ? 10.707  -2.596  -7.672  1.00 20.09 ? 150  GLU A CB    1 
ATOM   1063 C CG    . GLU A 1 150 ? 10.788  -1.831  -8.991  1.00 18.19 ? 150  GLU A CG    1 
ATOM   1064 C CD    . GLU A 1 150 ? 12.121  -1.134  -9.168  1.00 19.02 ? 150  GLU A CD    1 
ATOM   1065 O OE1   . GLU A 1 150 ? 12.342  -0.078  -8.533  1.00 16.03 ? 150  GLU A OE1   1 
ATOM   1066 O OE2   . GLU A 1 150 ? 12.956  -1.650  -9.935  1.00 18.71 ? 150  GLU A OE2   1 
ATOM   1067 N N     . ILE A 1 151 ? 8.195   -4.153  -9.424  1.00 17.83 ? 151  ILE A N     1 
ATOM   1068 C CA    . ILE A 1 151 ? 7.893   -5.123  -10.477 1.00 19.00 ? 151  ILE A CA    1 
ATOM   1069 C C     . ILE A 1 151 ? 7.831   -4.522  -11.878 1.00 21.03 ? 151  ILE A C     1 
ATOM   1070 O O     . ILE A 1 151 ? 7.772   -3.299  -12.052 1.00 17.93 ? 151  ILE A O     1 
ATOM   1071 C CB    . ILE A 1 151 ? 6.532   -5.814  -10.218 1.00 18.57 ? 151  ILE A CB    1 
ATOM   1072 C CG1   . ILE A 1 151 ? 5.421   -4.757  -10.202 1.00 15.51 ? 151  ILE A CG1   1 
ATOM   1073 C CG2   . ILE A 1 151 ? 6.572   -6.590  -8.893  1.00 13.83 ? 151  ILE A CG2   1 
ATOM   1074 C CD1   . ILE A 1 151 ? 4.024   -5.310  -10.041 1.00 17.45 ? 151  ILE A CD1   1 
ATOM   1075 N N     . GLU A 1 152 ? 7.840   -5.399  -12.877 1.00 22.52 ? 152  GLU A N     1 
ATOM   1076 C CA    . GLU A 1 152 ? 7.750   -4.966  -14.263 1.00 25.76 ? 152  GLU A CA    1 
ATOM   1077 C C     . GLU A 1 152 ? 6.311   -4.545  -14.519 1.00 26.21 ? 152  GLU A C     1 
ATOM   1078 O O     . GLU A 1 152 ? 5.428   -4.769  -13.687 1.00 25.19 ? 152  GLU A O     1 
ATOM   1079 C CB    . GLU A 1 152 ? 8.123   -6.106  -15.215 1.00 26.24 ? 152  GLU A CB    1 
ATOM   1080 C CG    . GLU A 1 152 ? 7.232   -7.335  -15.109 1.00 28.59 ? 152  GLU A CG    1 
ATOM   1081 C CD    . GLU A 1 152 ? 7.553   -8.379  -16.170 1.00 30.90 ? 152  GLU A CD    1 
ATOM   1082 O OE1   . GLU A 1 152 ? 7.254   -8.138  -17.363 1.00 29.21 ? 152  GLU A OE1   1 
ATOM   1083 O OE2   . GLU A 1 152 ? 8.115   -9.437  -15.807 1.00 32.40 ? 152  GLU A OE2   1 
ATOM   1084 N N     . ASP A 1 153 ? 6.074   -3.942  -15.677 1.00 26.48 ? 153  ASP A N     1 
ATOM   1085 C CA    . ASP A 1 153 ? 4.738   -3.497  -16.028 1.00 28.18 ? 153  ASP A CA    1 
ATOM   1086 C C     . ASP A 1 153 ? 3.807   -4.671  -16.320 1.00 29.41 ? 153  ASP A C     1 
ATOM   1087 O O     . ASP A 1 153 ? 4.038   -5.446  -17.253 1.00 30.14 ? 153  ASP A O     1 
ATOM   1088 C CB    . ASP A 1 153 ? 4.804   -2.564  -17.235 1.00 30.79 ? 153  ASP A CB    1 
ATOM   1089 C CG    . ASP A 1 153 ? 3.440   -2.091  -17.672 1.00 32.75 ? 153  ASP A CG    1 
ATOM   1090 O OD1   . ASP A 1 153 ? 2.528   -2.054  -16.822 1.00 35.95 ? 153  ASP A OD1   1 
ATOM   1091 O OD2   . ASP A 1 153 ? 3.284   -1.744  -18.859 1.00 36.23 ? 153  ASP A OD2   1 
ATOM   1092 N N     . ALA A 1 154 ? 2.759   -4.803  -15.512 1.00 27.28 ? 154  ALA A N     1 
ATOM   1093 C CA    . ALA A 1 154 ? 1.783   -5.875  -15.681 1.00 26.52 ? 154  ALA A CA    1 
ATOM   1094 C C     . ALA A 1 154 ? 0.586   -5.610  -14.783 1.00 25.35 ? 154  ALA A C     1 
ATOM   1095 O O     . ALA A 1 154 ? 0.706   -4.919  -13.774 1.00 27.37 ? 154  ALA A O     1 
ATOM   1096 C CB    . ALA A 1 154 ? 2.412   -7.221  -15.321 1.00 25.53 ? 154  ALA A CB    1 
ATOM   1097 N N     . TYR A 1 155 ? -0.575  -6.141  -15.147 1.00 23.89 ? 155  TYR A N     1 
ATOM   1098 C CA    . TYR A 1 155 ? -1.744  -5.944  -14.305 1.00 23.59 ? 155  TYR A CA    1 
ATOM   1099 C C     . TYR A 1 155 ? -1.809  -7.104  -13.327 1.00 23.28 ? 155  TYR A C     1 
ATOM   1100 O O     . TYR A 1 155 ? -2.123  -8.235  -13.700 1.00 23.47 ? 155  TYR A O     1 
ATOM   1101 C CB    . TYR A 1 155 ? -3.034  -5.873  -15.123 1.00 24.25 ? 155  TYR A CB    1 
ATOM   1102 C CG    . TYR A 1 155 ? -4.232  -5.483  -14.276 1.00 26.16 ? 155  TYR A CG    1 
ATOM   1103 C CD1   . TYR A 1 155 ? -4.931  -6.437  -13.530 1.00 28.99 ? 155  TYR A CD1   1 
ATOM   1104 C CD2   . TYR A 1 155 ? -4.638  -4.153  -14.181 1.00 27.66 ? 155  TYR A CD2   1 
ATOM   1105 C CE1   . TYR A 1 155 ? -5.998  -6.074  -12.712 1.00 29.02 ? 155  TYR A CE1   1 
ATOM   1106 C CE2   . TYR A 1 155 ? -5.704  -3.777  -13.363 1.00 29.86 ? 155  TYR A CE2   1 
ATOM   1107 C CZ    . TYR A 1 155 ? -6.378  -4.744  -12.632 1.00 31.06 ? 155  TYR A CZ    1 
ATOM   1108 O OH    . TYR A 1 155 ? -7.420  -4.374  -11.810 1.00 34.32 ? 155  TYR A OH    1 
ATOM   1109 N N     . VAL A 1 156 ? -1.499  -6.805  -12.070 1.00 20.56 ? 156  VAL A N     1 
ATOM   1110 C CA    . VAL A 1 156 ? -1.496  -7.807  -11.017 1.00 18.92 ? 156  VAL A CA    1 
ATOM   1111 C C     . VAL A 1 156 ? -2.817  -7.804  -10.260 1.00 18.03 ? 156  VAL A C     1 
ATOM   1112 O O     . VAL A 1 156 ? -3.645  -6.913  -10.437 1.00 17.97 ? 156  VAL A O     1 
ATOM   1113 C CB    . VAL A 1 156 ? -0.343  -7.539  -10.019 1.00 20.18 ? 156  VAL A CB    1 
ATOM   1114 C CG1   . VAL A 1 156 ? 0.992   -7.516  -10.761 1.00 16.62 ? 156  VAL A CG1   1 
ATOM   1115 C CG2   . VAL A 1 156 ? -0.568  -6.204  -9.305  1.00 18.82 ? 156  VAL A CG2   1 
ATOM   1116 N N     . TYR A 1 157 ? -3.019  -8.823  -9.438  1.00 16.08 ? 157  TYR A N     1 
ATOM   1117 C CA    . TYR A 1 157 ? -4.221  -8.924  -8.628  1.00 15.91 ? 157  TYR A CA    1 
ATOM   1118 C C     . TYR A 1 157 ? -3.981  -9.955  -7.538  1.00 15.99 ? 157  TYR A C     1 
ATOM   1119 O O     . TYR A 1 157 ? -3.005  -10.709 -7.592  1.00 17.04 ? 157  TYR A O     1 
ATOM   1120 C CB    . TYR A 1 157 ? -5.439  -9.283  -9.488  1.00 17.57 ? 157  TYR A CB    1 
ATOM   1121 C CG    . TYR A 1 157 ? -5.364  -10.607 -10.218 1.00 19.35 ? 157  TYR A CG    1 
ATOM   1122 C CD1   . TYR A 1 157 ? -5.882  -11.770 -9.646  1.00 19.23 ? 157  TYR A CD1   1 
ATOM   1123 C CD2   . TYR A 1 157 ? -4.809  -10.690 -11.496 1.00 20.18 ? 157  TYR A CD2   1 
ATOM   1124 C CE1   . TYR A 1 157 ? -5.857  -12.981 -10.334 1.00 19.89 ? 157  TYR A CE1   1 
ATOM   1125 C CE2   . TYR A 1 157 ? -4.775  -11.902 -12.193 1.00 20.83 ? 157  TYR A CE2   1 
ATOM   1126 C CZ    . TYR A 1 157 ? -5.302  -13.041 -11.606 1.00 20.29 ? 157  TYR A CZ    1 
ATOM   1127 O OH    . TYR A 1 157 ? -5.281  -14.237 -12.288 1.00 18.49 ? 157  TYR A OH    1 
ATOM   1128 N N     . GLY A 1 158 ? -4.857  -9.971  -6.541  1.00 15.38 ? 158  GLY A N     1 
ATOM   1129 C CA    . GLY A 1 158 ? -4.702  -10.892 -5.435  1.00 15.55 ? 158  GLY A CA    1 
ATOM   1130 C C     . GLY A 1 158 ? -4.184  -10.128 -4.232  1.00 15.76 ? 158  GLY A C     1 
ATOM   1131 O O     . GLY A 1 158 ? -3.770  -8.973  -4.361  1.00 17.00 ? 158  GLY A O     1 
ATOM   1132 N N     . TYR A 1 159 ? -4.219  -10.761 -3.064  1.00 14.83 ? 159  TYR A N     1 
ATOM   1133 C CA    . TYR A 1 159 ? -3.744  -10.148 -1.826  1.00 13.99 ? 159  TYR A CA    1 
ATOM   1134 C C     . TYR A 1 159 ? -4.353  -8.750  -1.621  1.00 15.93 ? 159  TYR A C     1 
ATOM   1135 O O     . TYR A 1 159 ? -3.654  -7.795  -1.257  1.00 13.56 ? 159  TYR A O     1 
ATOM   1136 C CB    . TYR A 1 159 ? -2.208  -10.066 -1.842  1.00 11.92 ? 159  TYR A CB    1 
ATOM   1137 C CG    . TYR A 1 159 ? -1.577  -9.773  -0.492  1.00 9.53  ? 159  TYR A CG    1 
ATOM   1138 C CD1   . TYR A 1 159 ? -1.524  -10.748 0.507   1.00 12.52 ? 159  TYR A CD1   1 
ATOM   1139 C CD2   . TYR A 1 159 ? -1.051  -8.516  -0.208  1.00 11.38 ? 159  TYR A CD2   1 
ATOM   1140 C CE1   . TYR A 1 159 ? -0.955  -10.474 1.764   1.00 12.55 ? 159  TYR A CE1   1 
ATOM   1141 C CE2   . TYR A 1 159 ? -0.490  -8.226  1.042   1.00 11.22 ? 159  TYR A CE2   1 
ATOM   1142 C CZ    . TYR A 1 159 ? -0.446  -9.207  2.023   1.00 13.03 ? 159  TYR A CZ    1 
ATOM   1143 O OH    . TYR A 1 159 ? 0.077   -8.903  3.268   1.00 14.38 ? 159  TYR A OH    1 
ATOM   1144 N N     . GLY A 1 160 ? -5.659  -8.639  -1.857  1.00 16.49 ? 160  GLY A N     1 
ATOM   1145 C CA    . GLY A 1 160 ? -6.338  -7.364  -1.698  1.00 16.68 ? 160  GLY A CA    1 
ATOM   1146 C C     . GLY A 1 160 ? -6.623  -6.649  -3.012  1.00 18.74 ? 160  GLY A C     1 
ATOM   1147 O O     . GLY A 1 160 ? -7.624  -5.941  -3.133  1.00 17.96 ? 160  GLY A O     1 
ATOM   1148 N N     . LEU A 1 161 ? -5.744  -6.828  -3.996  1.00 17.73 ? 161  LEU A N     1 
ATOM   1149 C CA    . LEU A 1 161 ? -5.916  -6.191  -5.296  1.00 18.50 ? 161  LEU A CA    1 
ATOM   1150 C C     . LEU A 1 161 ? -6.901  -6.989  -6.145  1.00 18.75 ? 161  LEU A C     1 
ATOM   1151 O O     . LEU A 1 161 ? -6.879  -8.219  -6.163  1.00 20.02 ? 161  LEU A O     1 
ATOM   1152 C CB    . LEU A 1 161 ? -4.569  -6.053  -6.015  1.00 18.59 ? 161  LEU A CB    1 
ATOM   1153 C CG    . LEU A 1 161 ? -3.566  -5.081  -5.372  1.00 19.70 ? 161  LEU A CG    1 
ATOM   1154 C CD1   . LEU A 1 161 ? -3.067  -5.637  -4.039  1.00 16.95 ? 161  LEU A CD1   1 
ATOM   1155 C CD2   . LEU A 1 161 ? -2.393  -4.859  -6.310  1.00 18.47 ? 161  LEU A CD2   1 
ATOM   1156 N N     . ASP A 1 162 ? -7.756  -6.277  -6.864  1.00 18.14 ? 162  ASP A N     1 
ATOM   1157 C CA    . ASP A 1 162 ? -8.787  -6.919  -7.657  1.00 19.15 ? 162  ASP A CA    1 
ATOM   1158 C C     . ASP A 1 162 ? -8.555  -7.024  -9.154  1.00 20.24 ? 162  ASP A C     1 
ATOM   1159 O O     . ASP A 1 162 ? -7.639  -6.427  -9.733  1.00 17.76 ? 162  ASP A O     1 
ATOM   1160 C CB    . ASP A 1 162 ? -10.108 -6.183  -7.450  1.00 18.24 ? 162  ASP A CB    1 
ATOM   1161 C CG    . ASP A 1 162 ? -10.129 -4.841  -8.160  1.00 19.96 ? 162  ASP A CG    1 
ATOM   1162 O OD1   . ASP A 1 162 ? -9.248  -4.010  -7.871  1.00 20.15 ? 162  ASP A OD1   1 
ATOM   1163 O OD2   . ASP A 1 162 ? -11.014 -4.619  -9.012  1.00 19.80 ? 162  ASP A OD2   1 
ATOM   1164 N N     . ARG A 1 163 ? -9.442  -7.801  -9.760  1.00 21.00 ? 163  ARG A N     1 
ATOM   1165 C CA    . ARG A 1 163 ? -9.486  -8.015  -11.191 1.00 23.76 ? 163  ARG A CA    1 
ATOM   1166 C C     . ARG A 1 163 ? -10.990 -7.904  -11.417 1.00 23.72 ? 163  ARG A C     1 
ATOM   1167 O O     . ARG A 1 163 ? -11.728 -8.875  -11.247 1.00 23.79 ? 163  ARG A O     1 
ATOM   1168 C CB    . ARG A 1 163 ? -8.972  -9.412  -11.548 1.00 25.74 ? 163  ARG A CB    1 
ATOM   1169 C CG    . ARG A 1 163 ? -8.915  -9.677  -13.042 1.00 28.62 ? 163  ARG A CG    1 
ATOM   1170 C CD    . ARG A 1 163 ? -8.177  -10.966 -13.373 1.00 30.60 ? 163  ARG A CD    1 
ATOM   1171 N NE    . ARG A 1 163 ? -8.717  -12.114 -12.651 1.00 34.52 ? 163  ARG A NE    1 
ATOM   1172 C CZ    . ARG A 1 163 ? -8.500  -13.380 -12.993 1.00 36.01 ? 163  ARG A CZ    1 
ATOM   1173 N NH1   . ARG A 1 163 ? -7.753  -13.666 -14.054 1.00 38.06 ? 163  ARG A NH1   1 
ATOM   1174 N NH2   . ARG A 1 163 ? -9.022  -14.363 -12.274 1.00 35.58 ? 163  ARG A NH2   1 
ATOM   1175 N N     . ALA A 1 164 ? -11.446 -6.698  -11.746 1.00 23.73 ? 164  ALA A N     1 
ATOM   1176 C CA    . ALA A 1 164 ? -12.866 -6.446  -11.956 1.00 23.92 ? 164  ALA A CA    1 
ATOM   1177 C C     . ALA A 1 164 ? -13.642 -6.808  -10.687 1.00 24.58 ? 164  ALA A C     1 
ATOM   1178 O O     . ALA A 1 164 ? -14.668 -7.486  -10.751 1.00 24.58 ? 164  ALA A O     1 
ATOM   1179 C CB    . ALA A 1 164 ? -13.381 -7.263  -13.149 1.00 23.55 ? 164  ALA A CB    1 
ATOM   1180 N N     . GLN A 1 165 ? -13.128 -6.358  -9.538  1.00 21.96 ? 165  GLN A N     1 
ATOM   1181 C CA    . GLN A 1 165 ? -13.737 -6.602  -8.230  1.00 22.52 ? 165  GLN A CA    1 
ATOM   1182 C C     . GLN A 1 165 ? -13.552 -8.014  -7.655  1.00 22.63 ? 165  GLN A C     1 
ATOM   1183 O O     . GLN A 1 165 ? -13.827 -8.249  -6.476  1.00 23.22 ? 165  GLN A O     1 
ATOM   1184 C CB    . GLN A 1 165 ? -15.231 -6.254  -8.264  1.00 22.09 ? 165  GLN A CB    1 
ATOM   1185 C CG    . GLN A 1 165 ? -15.523 -4.769  -8.477  1.00 23.86 ? 165  GLN A CG    1 
ATOM   1186 C CD    . GLN A 1 165 ? -14.777 -3.868  -7.495  1.00 24.58 ? 165  GLN A CD    1 
ATOM   1187 O OE1   . GLN A 1 165 ? -14.584 -4.219  -6.327  1.00 23.91 ? 165  GLN A OE1   1 
ATOM   1188 N NE2   . GLN A 1 165 ? -14.364 -2.696  -7.965  1.00 22.79 ? 165  GLN A NE2   1 
ATOM   1189 N N     . PHE A 1 166 ? -13.082 -8.943  -8.479  1.00 22.05 ? 166  PHE A N     1 
ATOM   1190 C CA    . PHE A 1 166 ? -12.857 -10.322 -8.049  1.00 21.04 ? 166  PHE A CA    1 
ATOM   1191 C C     . PHE A 1 166 ? -11.388 -10.573 -7.698  1.00 19.74 ? 166  PHE A C     1 
ATOM   1192 O O     . PHE A 1 166 ? -10.523 -9.740  -7.959  1.00 18.40 ? 166  PHE A O     1 
ATOM   1193 C CB    . PHE A 1 166 ? -13.266 -11.292 -9.165  1.00 20.70 ? 166  PHE A CB    1 
ATOM   1194 C CG    . PHE A 1 166 ? -14.748 -11.470 -9.308  1.00 24.27 ? 166  PHE A CG    1 
ATOM   1195 C CD1   . PHE A 1 166 ? -15.446 -12.320 -8.447  1.00 24.14 ? 166  PHE A CD1   1 
ATOM   1196 C CD2   . PHE A 1 166 ? -15.455 -10.781 -10.288 1.00 22.88 ? 166  PHE A CD2   1 
ATOM   1197 C CE1   . PHE A 1 166 ? -16.821 -12.478 -8.561  1.00 22.22 ? 166  PHE A CE1   1 
ATOM   1198 C CE2   . PHE A 1 166 ? -16.838 -10.934 -10.409 1.00 24.66 ? 166  PHE A CE2   1 
ATOM   1199 C CZ    . PHE A 1 166 ? -17.519 -11.784 -9.545  1.00 23.71 ? 166  PHE A CZ    1 
ATOM   1200 N N     . ASP A 1 167 ? -11.127 -11.725 -7.093  1.00 19.25 ? 167  ASP A N     1 
ATOM   1201 C CA    . ASP A 1 167 ? -9.774  -12.153 -6.739  1.00 18.61 ? 167  ASP A CA    1 
ATOM   1202 C C     . ASP A 1 167 ? -8.983  -11.365 -5.696  1.00 18.03 ? 167  ASP A C     1 
ATOM   1203 O O     . ASP A 1 167 ? -7.752  -11.484 -5.639  1.00 14.93 ? 167  ASP A O     1 
ATOM   1204 C CB    . ASP A 1 167 ? -8.928  -12.276 -8.007  1.00 22.27 ? 167  ASP A CB    1 
ATOM   1205 C CG    . ASP A 1 167 ? -9.540  -13.227 -9.022  1.00 25.38 ? 167  ASP A CG    1 
ATOM   1206 O OD1   . ASP A 1 167 ? -9.877  -14.369 -8.644  1.00 26.15 ? 167  ASP A OD1   1 
ATOM   1207 O OD2   . ASP A 1 167 ? -9.679  -12.829 -10.197 1.00 27.93 ? 167  ASP A OD2   1 
ATOM   1208 N N     . ARG A 1 168 ? -9.663  -10.564 -4.882  1.00 14.92 ? 168  ARG A N     1 
ATOM   1209 C CA    . ARG A 1 168 ? -8.961  -9.824  -3.835  1.00 16.08 ? 168  ARG A CA    1 
ATOM   1210 C C     . ARG A 1 168 ? -8.594  -10.816 -2.729  1.00 16.43 ? 168  ARG A C     1 
ATOM   1211 O O     . ARG A 1 168 ? -7.714  -10.543 -1.916  1.00 16.25 ? 168  ARG A O     1 
ATOM   1212 C CB    . ARG A 1 168 ? -9.846  -8.734  -3.215  1.00 14.64 ? 168  ARG A CB    1 
ATOM   1213 C CG    . ARG A 1 168 ? -10.216 -7.554  -4.110  1.00 10.94 ? 168  ARG A CG    1 
ATOM   1214 C CD    . ARG A 1 168 ? -11.027 -6.551  -3.278  1.00 12.87 ? 168  ARG A CD    1 
ATOM   1215 N NE    . ARG A 1 168 ? -11.647 -5.492  -4.070  1.00 10.11 ? 168  ARG A NE    1 
ATOM   1216 C CZ    . ARG A 1 168 ? -10.988 -4.463  -4.593  1.00 12.45 ? 168  ARG A CZ    1 
ATOM   1217 N NH1   . ARG A 1 168 ? -9.680  -4.349  -4.413  1.00 14.96 ? 168  ARG A NH1   1 
ATOM   1218 N NH2   . ARG A 1 168 ? -11.642 -3.543  -5.286  1.00 12.90 ? 168  ARG A NH2   1 
ATOM   1219 N N     . ASN A 1 169 ? -9.273  -11.966 -2.710  1.00 16.44 ? 169  ASN A N     1 
ATOM   1220 C CA    . ASN A 1 169 ? -9.039  -12.977 -1.680  1.00 16.14 ? 169  ASN A CA    1 
ATOM   1221 C C     . ASN A 1 169 ? -7.891  -13.963 -1.906  1.00 17.22 ? 169  ASN A C     1 
ATOM   1222 O O     . ASN A 1 169 ? -7.573  -14.748 -1.013  1.00 17.01 ? 169  ASN A O     1 
ATOM   1223 C CB    . ASN A 1 169 ? -10.343 -13.737 -1.379  1.00 15.58 ? 169  ASN A CB    1 
ATOM   1224 C CG    . ASN A 1 169 ? -10.937 -14.421 -2.605  1.00 18.01 ? 169  ASN A CG    1 
ATOM   1225 O OD1   . ASN A 1 169 ? -10.988 -13.847 -3.695  1.00 17.51 ? 169  ASN A OD1   1 
ATOM   1226 N ND2   . ASN A 1 169 ? -11.421 -15.646 -2.418  1.00 16.06 ? 169  ASN A ND2   1 
ATOM   1227 N N     . LEU A 1 170 ? -7.268  -13.939 -3.080  1.00 17.59 ? 170  LEU A N     1 
ATOM   1228 C CA    . LEU A 1 170 ? -6.133  -14.831 -3.322  1.00 18.70 ? 170  LEU A CA    1 
ATOM   1229 C C     . LEU A 1 170 ? -5.048  -14.439 -2.314  1.00 18.55 ? 170  LEU A C     1 
ATOM   1230 O O     . LEU A 1 170 ? -4.717  -13.260 -2.178  1.00 19.03 ? 170  LEU A O     1 
ATOM   1231 C CB    . LEU A 1 170 ? -5.607  -14.666 -4.750  1.00 19.53 ? 170  LEU A CB    1 
ATOM   1232 C CG    . LEU A 1 170 ? -6.205  -15.552 -5.852  1.00 23.12 ? 170  LEU A CG    1 
ATOM   1233 C CD1   . LEU A 1 170 ? -7.728  -15.490 -5.833  1.00 21.66 ? 170  LEU A CD1   1 
ATOM   1234 C CD2   . LEU A 1 170 ? -5.659  -15.095 -7.200  1.00 21.04 ? 170  LEU A CD2   1 
ATOM   1235 N N     . PRO A 1 171 ? -4.487  -15.419 -1.585  1.00 19.27 ? 171  PRO A N     1 
ATOM   1236 C CA    . PRO A 1 171 ? -3.444  -15.123 -0.594  1.00 20.43 ? 171  PRO A CA    1 
ATOM   1237 C C     . PRO A 1 171 ? -2.089  -14.733 -1.185  1.00 19.66 ? 171  PRO A C     1 
ATOM   1238 O O     . PRO A 1 171 ? -1.152  -14.383 -0.460  1.00 19.27 ? 171  PRO A O     1 
ATOM   1239 C CB    . PRO A 1 171 ? -3.380  -16.409 0.225   1.00 21.60 ? 171  PRO A CB    1 
ATOM   1240 C CG    . PRO A 1 171 ? -3.720  -17.459 -0.777  1.00 21.74 ? 171  PRO A CG    1 
ATOM   1241 C CD    . PRO A 1 171 ? -4.866  -16.842 -1.541  1.00 21.24 ? 171  PRO A CD    1 
ATOM   1242 N N     . PHE A 1 172 ? -1.996  -14.777 -2.507  1.00 18.60 ? 172  PHE A N     1 
ATOM   1243 C CA    . PHE A 1 172 ? -0.754  -14.444 -3.192  1.00 18.44 ? 172  PHE A CA    1 
ATOM   1244 C C     . PHE A 1 172 ? -0.990  -13.403 -4.275  1.00 17.38 ? 172  PHE A C     1 
ATOM   1245 O O     . PHE A 1 172 ? -2.132  -13.138 -4.652  1.00 18.04 ? 172  PHE A O     1 
ATOM   1246 C CB    . PHE A 1 172 ? -0.167  -15.709 -3.819  1.00 18.73 ? 172  PHE A CB    1 
ATOM   1247 C CG    . PHE A 1 172 ? -1.129  -16.441 -4.714  1.00 21.29 ? 172  PHE A CG    1 
ATOM   1248 C CD1   . PHE A 1 172 ? -1.445  -15.948 -5.979  1.00 21.55 ? 172  PHE A CD1   1 
ATOM   1249 C CD2   . PHE A 1 172 ? -1.734  -17.623 -4.287  1.00 21.80 ? 172  PHE A CD2   1 
ATOM   1250 C CE1   . PHE A 1 172 ? -2.343  -16.618 -6.805  1.00 19.36 ? 172  PHE A CE1   1 
ATOM   1251 C CE2   . PHE A 1 172 ? -2.633  -18.300 -5.106  1.00 19.83 ? 172  PHE A CE2   1 
ATOM   1252 C CZ    . PHE A 1 172 ? -2.936  -17.796 -6.369  1.00 20.41 ? 172  PHE A CZ    1 
ATOM   1253 N N     . ILE A 1 173 ? 0.095   -12.809 -4.761  1.00 17.27 ? 173  ILE A N     1 
ATOM   1254 C CA    . ILE A 1 173 ? 0.012   -11.828 -5.833  1.00 16.66 ? 173  ILE A CA    1 
ATOM   1255 C C     . ILE A 1 173 ? 0.277   -12.566 -7.145  1.00 18.24 ? 173  ILE A C     1 
ATOM   1256 O O     . ILE A 1 173 ? 1.246   -13.321 -7.259  1.00 17.35 ? 173  ILE A O     1 
ATOM   1257 C CB    . ILE A 1 173 ? 1.072   -10.702 -5.667  1.00 16.91 ? 173  ILE A CB    1 
ATOM   1258 C CG1   . ILE A 1 173 ? 0.603   -9.671  -4.633  1.00 16.07 ? 173  ILE A CG1   1 
ATOM   1259 C CG2   . ILE A 1 173 ? 1.329   -10.022 -7.009  1.00 17.48 ? 173  ILE A CG2   1 
ATOM   1260 C CD1   . ILE A 1 173 ? -0.574  -8.807  -5.096  1.00 17.18 ? 173  ILE A CD1   1 
ATOM   1261 N N     . THR A 1 174 ? -0.598  -12.366 -8.124  1.00 17.40 ? 174  THR A N     1 
ATOM   1262 C CA    . THR A 1 174 ? -0.429  -12.996 -9.425  1.00 18.16 ? 174  THR A CA    1 
ATOM   1263 C C     . THR A 1 174 ? -0.727  -11.941 -10.498 1.00 19.56 ? 174  THR A C     1 
ATOM   1264 O O     . THR A 1 174 ? -0.809  -10.750 -10.191 1.00 18.01 ? 174  THR A O     1 
ATOM   1265 C CB    . THR A 1 174 ? -1.364  -14.221 -9.582  1.00 17.72 ? 174  THR A CB    1 
ATOM   1266 O OG1   . THR A 1 174 ? -1.049  -14.921 -10.795 1.00 17.93 ? 174  THR A OG1   1 
ATOM   1267 C CG2   . THR A 1 174 ? -2.816  -13.789 -9.607  1.00 15.33 ? 174  THR A CG2   1 
ATOM   1268 N N     . SER A 1 175 ? -0.889  -12.363 -11.746 1.00 19.92 ? 175  SER A N     1 
ATOM   1269 C CA    . SER A 1 175 ? -1.150  -11.407 -12.817 1.00 23.33 ? 175  SER A CA    1 
ATOM   1270 C C     . SER A 1 175 ? -1.641  -12.089 -14.084 1.00 24.94 ? 175  SER A C     1 
ATOM   1271 O O     . SER A 1 175 ? -1.645  -13.315 -14.176 1.00 24.47 ? 175  SER A O     1 
ATOM   1272 C CB    . SER A 1 175 ? 0.129   -10.626 -13.133 1.00 24.19 ? 175  SER A CB    1 
ATOM   1273 O OG    . SER A 1 175 ? 1.173   -11.510 -13.524 1.00 21.31 ? 175  SER A OG    1 
ATOM   1274 N N     . ILE A 1 176 ? -2.058  -11.281 -15.056 1.00 27.33 ? 176  ILE A N     1 
ATOM   1275 C CA    . ILE A 1 176 ? -2.538  -11.788 -16.337 1.00 31.59 ? 176  ILE A CA    1 
ATOM   1276 C C     . ILE A 1 176 ? -1.587  -11.316 -17.430 1.00 34.16 ? 176  ILE A C     1 
ATOM   1277 O O     . ILE A 1 176 ? -0.722  -10.473 -17.187 1.00 32.72 ? 176  ILE A O     1 
ATOM   1278 C CB    . ILE A 1 176 ? -3.947  -11.252 -16.676 1.00 31.98 ? 176  ILE A CB    1 
ATOM   1279 C CG1   . ILE A 1 176 ? -3.924  -9.720  -16.701 1.00 33.79 ? 176  ILE A CG1   1 
ATOM   1280 C CG2   . ILE A 1 176 ? -4.963  -11.769 -15.667 1.00 33.14 ? 176  ILE A CG2   1 
ATOM   1281 C CD1   . ILE A 1 176 ? -5.218  -9.085  -17.175 1.00 33.13 ? 176  ILE A CD1   1 
ATOM   1282 N N     . ARG A 1 177 ? -1.750  -11.861 -18.631 1.00 37.77 ? 177  ARG A N     1 
ATOM   1283 C CA    . ARG A 1 177 ? -0.912  -11.475 -19.760 1.00 41.77 ? 177  ARG A CA    1 
ATOM   1284 C C     . ARG A 1 177 ? -1.498  -10.215 -20.390 1.00 44.51 ? 177  ARG A C     1 
ATOM   1285 O O     . ARG A 1 177 ? -2.710  -9.995  -20.342 1.00 43.67 ? 177  ARG A O     1 
ATOM   1286 C CB    . ARG A 1 177 ? -0.863  -12.593 -20.808 1.00 41.60 ? 177  ARG A CB    1 
ATOM   1287 C CG    . ARG A 1 177 ? -0.220  -13.880 -20.324 1.00 42.63 ? 177  ARG A CG    1 
ATOM   1288 C CD    . ARG A 1 177 ? -0.130  -14.912 -21.441 1.00 42.27 ? 177  ARG A CD    1 
ATOM   1289 N NE    . ARG A 1 177 ? 0.525   -16.137 -20.989 1.00 43.41 ? 177  ARG A NE    1 
ATOM   1290 C CZ    . ARG A 1 177 ? 0.807   -17.175 -21.772 1.00 43.48 ? 177  ARG A CZ    1 
ATOM   1291 N NH1   . ARG A 1 177 ? 0.495   -17.148 -23.062 1.00 42.23 ? 177  ARG A NH1   1 
ATOM   1292 N NH2   . ARG A 1 177 ? 1.400   -18.247 -21.261 1.00 42.09 ? 177  ARG A NH2   1 
ATOM   1293 N N     . PRO A 1 178 ? -0.644  -9.367  -20.981 1.00 47.23 ? 178  PRO A N     1 
ATOM   1294 C CA    . PRO A 1 178 ? -1.125  -8.133  -21.613 1.00 50.22 ? 178  PRO A CA    1 
ATOM   1295 C C     . PRO A 1 178 ? -2.283  -8.388  -22.585 1.00 53.57 ? 178  PRO A C     1 
ATOM   1296 O O     . PRO A 1 178 ? -3.165  -7.542  -22.751 1.00 54.01 ? 178  PRO A O     1 
ATOM   1297 C CB    . PRO A 1 178 ? 0.122   -7.603  -22.314 1.00 49.56 ? 178  PRO A CB    1 
ATOM   1298 C CG    . PRO A 1 178 ? 1.224   -8.038  -21.386 1.00 48.88 ? 178  PRO A CG    1 
ATOM   1299 C CD    . PRO A 1 178 ? 0.825   -9.461  -21.052 1.00 47.19 ? 178  PRO A CD    1 
ATOM   1300 N N     . GLU A 1 179 ? -2.277  -9.559  -23.216 1.00 56.59 ? 179  GLU A N     1 
ATOM   1301 C CA    . GLU A 1 179 ? -3.326  -9.922  -24.166 1.00 59.63 ? 179  GLU A CA    1 
ATOM   1302 C C     . GLU A 1 179 ? -4.671  -10.076 -23.460 1.00 60.08 ? 179  GLU A C     1 
ATOM   1303 O O     . GLU A 1 179 ? -5.467  -10.953 -23.800 1.00 61.01 ? 179  GLU A O     1 
ATOM   1304 C CB    . GLU A 1 179 ? -2.973  -11.230 -24.880 1.00 61.27 ? 179  GLU A CB    1 
ATOM   1305 C CG    . GLU A 1 179 ? -1.648  -11.206 -25.629 1.00 64.24 ? 179  GLU A CG    1 
ATOM   1306 C CD    . GLU A 1 179 ? -0.452  -11.142 -24.698 1.00 65.91 ? 179  GLU A CD    1 
ATOM   1307 O OE1   . GLU A 1 179 ? -0.301  -12.057 -23.860 1.00 66.66 ? 179  GLU A OE1   1 
ATOM   1308 O OE2   . GLU A 1 179 ? 0.338   -10.180 -24.805 1.00 66.92 ? 179  GLU A OE2   1 
HETATM 1309 P P     . 5GP B 2 .   ? -1.810  5.161   -10.103 1.00 21.63 ? 817  5GP A P     1 
HETATM 1310 O O1P   . 5GP B 2 .   ? -1.640  5.220   -11.568 1.00 20.89 ? 817  5GP A O1P   1 
HETATM 1311 O O2P   . 5GP B 2 .   ? -2.571  6.480   -9.610  1.00 24.43 ? 817  5GP A O2P   1 
HETATM 1312 O O3P   . 5GP B 2 .   ? -0.371  5.080   -9.389  1.00 18.86 ? 817  5GP A O3P   1 
HETATM 1313 O "O5'" . 5GP B 2 .   ? -2.654  3.820   -9.750  1.00 22.83 ? 817  5GP A "O5'" 1 
HETATM 1314 C "C5'" . 5GP B 2 .   ? -3.373  4.036   -8.540  1.00 25.22 ? 817  5GP A "C5'" 1 
HETATM 1315 C "C4'" . 5GP B 2 .   ? -4.318  2.858   -8.283  1.00 24.04 ? 817  5GP A "C4'" 1 
HETATM 1316 O "O4'" . 5GP B 2 .   ? -4.557  2.108   -9.517  1.00 23.10 ? 817  5GP A "O4'" 1 
HETATM 1317 C "C3'" . 5GP B 2 .   ? -3.671  1.843   -7.325  1.00 23.43 ? 817  5GP A "C3'" 1 
HETATM 1318 O "O3'" . 5GP B 2 .   ? -3.845  2.241   -5.966  1.00 24.71 ? 817  5GP A "O3'" 1 
HETATM 1319 C "C2'" . 5GP B 2 .   ? -4.453  0.571   -7.652  1.00 23.64 ? 817  5GP A "C2'" 1 
HETATM 1320 O "O2'" . 5GP B 2 .   ? -5.699  0.511   -6.943  1.00 27.31 ? 817  5GP A "O2'" 1 
HETATM 1321 C "C1'" . 5GP B 2 .   ? -4.679  0.692   -9.175  1.00 21.78 ? 817  5GP A "C1'" 1 
HETATM 1322 N N9    . 5GP B 2 .   ? -3.739  -0.180  -9.901  1.00 21.45 ? 817  5GP A N9    1 
HETATM 1323 C C8    . 5GP B 2 .   ? -2.614  0.189   -10.597 1.00 19.91 ? 817  5GP A C8    1 
HETATM 1324 N N7    . 5GP B 2 .   ? -2.033  -0.871  -11.100 1.00 18.23 ? 817  5GP A N7    1 
HETATM 1325 C C5    . 5GP B 2 .   ? -2.747  -1.971  -10.760 1.00 18.81 ? 817  5GP A C5    1 
HETATM 1326 C C6    . 5GP B 2 .   ? -2.621  -3.380  -11.004 1.00 18.33 ? 817  5GP A C6    1 
HETATM 1327 O O6    . 5GP B 2 .   ? -1.691  -3.825  -11.661 1.00 19.37 ? 817  5GP A O6    1 
HETATM 1328 N N1    . 5GP B 2 .   ? -3.572  -4.222  -10.479 1.00 18.48 ? 817  5GP A N1    1 
HETATM 1329 C C2    . 5GP B 2 .   ? -4.623  -3.724  -9.736  1.00 17.00 ? 817  5GP A C2    1 
HETATM 1330 N N2    . 5GP B 2 .   ? -5.560  -4.579  -9.218  1.00 18.05 ? 817  5GP A N2    1 
HETATM 1331 N N3    . 5GP B 2 .   ? -4.741  -2.425  -9.507  1.00 17.47 ? 817  5GP A N3    1 
HETATM 1332 C C4    . 5GP B 2 .   ? -3.848  -1.535  -9.990  1.00 17.54 ? 817  5GP A C4    1 
HETATM 1333 C C1    . DIO C 3 .   ? 9.351   10.936  11.403  1.00 43.25 ? 991  DIO A C1    1 
HETATM 1334 C C2    . DIO C 3 .   ? 10.294  8.953   12.371  1.00 43.73 ? 991  DIO A C2    1 
HETATM 1335 C "C1'" . DIO C 3 .   ? 9.845   10.496  10.018  1.00 42.81 ? 991  DIO A "C1'" 1 
HETATM 1336 C "C2'" . DIO C 3 .   ? 10.806  8.500   10.981  1.00 42.75 ? 991  DIO A "C2'" 1 
HETATM 1337 O O1    . DIO C 3 .   ? 10.244  10.411  12.418  1.00 44.74 ? 991  DIO A O1    1 
HETATM 1338 O "O1'" . DIO C 3 .   ? 9.894   9.027   9.971   1.00 43.14 ? 991  DIO A "O1'" 1 
HETATM 1339 C C1    . DIO D 3 .   ? 3.196   -2.599  20.738  1.00 35.33 ? 992  DIO A C1    1 
HETATM 1340 C C2    . DIO D 3 .   ? 3.510   -0.564  21.962  1.00 34.41 ? 992  DIO A C2    1 
HETATM 1341 C "C1'" . DIO D 3 .   ? 1.767   -2.714  21.292  1.00 34.01 ? 992  DIO A "C1'" 1 
HETATM 1342 C "C2'" . DIO D 3 .   ? 2.071   -0.670  22.538  1.00 35.30 ? 992  DIO A "C2'" 1 
HETATM 1343 O O1    . DIO D 3 .   ? 4.029   -1.902  21.697  1.00 35.46 ? 992  DIO A O1    1 
HETATM 1344 O "O1'" . DIO D 3 .   ? 1.244   -1.367  21.555  1.00 35.07 ? 992  DIO A "O1'" 1 
HETATM 1345 O O     . HOH E 4 .   ? 5.611   9.763   9.080   1.00 12.79 ? 993  HOH A O     1 
HETATM 1346 O O     . HOH E 4 .   ? 2.103   10.903  15.612  1.00 22.03 ? 994  HOH A O     1 
HETATM 1347 O O     . HOH E 4 .   ? -3.777  -5.428  0.310   1.00 10.31 ? 995  HOH A O     1 
HETATM 1348 O O     . HOH E 4 .   ? -14.258 -6.512  -4.628  1.00 19.92 ? 996  HOH A O     1 
HETATM 1349 O O     . HOH E 4 .   ? 12.128  2.366   -0.845  1.00 18.21 ? 997  HOH A O     1 
HETATM 1350 O O     . HOH E 4 .   ? 14.032  7.224   12.211  1.00 24.61 ? 998  HOH A O     1 
HETATM 1351 O O     . HOH E 4 .   ? 1.566   -18.573 -2.249  1.00 21.46 ? 999  HOH A O     1 
HETATM 1352 O O     . HOH E 4 .   ? 1.069   -13.622 3.150   1.00 15.41 ? 1000 HOH A O     1 
HETATM 1353 O O     . HOH E 4 .   ? -1.355  -14.101 2.197   1.00 16.92 ? 1001 HOH A O     1 
HETATM 1354 O O     . HOH E 4 .   ? 8.697   -7.915  -11.899 1.00 21.14 ? 1002 HOH A O     1 
HETATM 1355 O O     . HOH E 4 .   ? 1.492   -11.982 5.126   1.00 23.14 ? 1003 HOH A O     1 
HETATM 1356 O O     . HOH E 4 .   ? 10.120  -12.075 0.468   1.00 22.07 ? 1004 HOH A O     1 
HETATM 1357 O O     . HOH E 4 .   ? -12.509 -13.834 -5.872  1.00 19.69 ? 1005 HOH A O     1 
HETATM 1358 O O     . HOH E 4 .   ? 8.031   7.588   -8.054  1.00 19.36 ? 1006 HOH A O     1 
HETATM 1359 O O     . HOH E 4 .   ? 11.714  0.095   0.874   1.00 18.18 ? 1007 HOH A O     1 
HETATM 1360 O O     . HOH E 4 .   ? 11.736  -5.354  -5.342  1.00 28.18 ? 1008 HOH A O     1 
HETATM 1361 O O     . HOH E 4 .   ? -0.300  6.195   -7.007  1.00 17.66 ? 1009 HOH A O     1 
HETATM 1362 O O     . HOH E 4 .   ? -6.189  -16.472 -11.111 1.00 18.79 ? 1010 HOH A O     1 
HETATM 1363 O O     . HOH E 4 .   ? 10.550  1.098   -7.081  1.00 21.70 ? 1011 HOH A O     1 
HETATM 1364 O O     . HOH E 4 .   ? -8.346  -1.785  -5.579  1.00 24.60 ? 1012 HOH A O     1 
HETATM 1365 O O     . HOH E 4 .   ? -4.620  1.183   16.682  1.00 21.31 ? 1013 HOH A O     1 
HETATM 1366 O O     . HOH E 4 .   ? 7.987   -1.238  -13.833 1.00 20.04 ? 1014 HOH A O     1 
HETATM 1367 O O     . HOH E 4 .   ? 8.976   3.102   -7.624  1.00 17.82 ? 1015 HOH A O     1 
HETATM 1368 O O     . HOH E 4 .   ? -4.854  11.927  15.434  1.00 24.55 ? 1016 HOH A O     1 
HETATM 1369 O O     . HOH E 4 .   ? -2.719  24.397  3.865   1.00 27.19 ? 1017 HOH A O     1 
HETATM 1370 O O     . HOH E 4 .   ? 10.486  11.501  5.808   1.00 34.48 ? 1018 HOH A O     1 
HETATM 1371 O O     . HOH E 4 .   ? -7.030  10.319  9.717   1.00 18.77 ? 1019 HOH A O     1 
HETATM 1372 O O     . HOH E 4 .   ? -14.526 1.658   -0.173  1.00 30.10 ? 1020 HOH A O     1 
HETATM 1373 O O     . HOH E 4 .   ? 4.682   10.507  16.828  1.00 23.31 ? 1021 HOH A O     1 
HETATM 1374 O O     . HOH E 4 .   ? 7.154   -16.438 5.034   1.00 35.02 ? 1022 HOH A O     1 
HETATM 1375 O O     . HOH E 4 .   ? -4.175  -15.229 -16.605 1.00 31.01 ? 1023 HOH A O     1 
HETATM 1376 O O     . HOH E 4 .   ? 11.518  7.378   -2.049  1.00 31.30 ? 1024 HOH A O     1 
HETATM 1377 O O     . HOH E 4 .   ? 13.186  -5.229  9.181   1.00 25.09 ? 1025 HOH A O     1 
HETATM 1378 O O     . HOH E 4 .   ? -1.006  4.061   -5.564  1.00 19.80 ? 1026 HOH A O     1 
HETATM 1379 O O     . HOH E 4 .   ? 12.051  7.582   15.771  1.00 26.95 ? 1027 HOH A O     1 
HETATM 1380 O O     . HOH E 4 .   ? 2.009   -18.145 -18.773 1.00 43.87 ? 1028 HOH A O     1 
HETATM 1381 O O     . HOH E 4 .   ? 6.589   4.824   20.901  1.00 33.81 ? 1029 HOH A O     1 
HETATM 1382 O O     . HOH E 4 .   ? -12.930 -0.771  -6.124  1.00 37.01 ? 1030 HOH A O     1 
HETATM 1383 O O     . HOH E 4 .   ? 11.828  -3.889  -2.310  1.00 34.76 ? 1031 HOH A O     1 
HETATM 1384 O O     . HOH E 4 .   ? -11.793 -13.305 -11.722 1.00 21.66 ? 1032 HOH A O     1 
HETATM 1385 O O     . HOH E 4 .   ? 3.399   -14.355 -18.676 1.00 37.71 ? 1033 HOH A O     1 
HETATM 1386 O O     . HOH E 4 .   ? 6.020   15.569  3.922   1.00 57.06 ? 1034 HOH A O     1 
HETATM 1387 O O     . HOH E 4 .   ? 5.059   9.407   20.607  1.00 36.30 ? 1035 HOH A O     1 
HETATM 1388 O O     . HOH E 4 .   ? 7.329   -12.380 -10.656 1.00 26.94 ? 1036 HOH A O     1 
HETATM 1389 O O     . HOH E 4 .   ? -6.019  -2.741  -6.576  1.00 27.04 ? 1037 HOH A O     1 
HETATM 1390 O O     . HOH E 4 .   ? 4.960   16.774  6.464   1.00 30.02 ? 1038 HOH A O     1 
HETATM 1391 O O     . HOH E 4 .   ? 5.398   5.063   -18.857 1.00 39.46 ? 1039 HOH A O     1 
HETATM 1392 O O     . HOH E 4 .   ? 13.775  -2.220  2.695   1.00 38.80 ? 1040 HOH A O     1 
HETATM 1393 O O     . HOH E 4 .   ? 0.097   -1.865  -15.821 1.00 40.38 ? 1041 HOH A O     1 
HETATM 1394 O O     . HOH E 4 .   ? -8.014  -18.720 -8.438  1.00 32.50 ? 1042 HOH A O     1 
HETATM 1395 O O     . HOH E 4 .   ? 1.986   6.736   22.209  1.00 43.10 ? 1043 HOH A O     1 
HETATM 1396 O O     . HOH E 4 .   ? 7.446   14.406  5.891   1.00 31.38 ? 1044 HOH A O     1 
HETATM 1397 O O     . HOH E 4 .   ? 2.477   -7.420  -18.404 1.00 50.96 ? 1045 HOH A O     1 
HETATM 1398 O O     . HOH E 4 .   ? -0.157  -7.848  -17.820 1.00 31.43 ? 1046 HOH A O     1 
HETATM 1399 O O     . HOH E 4 .   ? 8.515   16.046  8.109   1.00 40.98 ? 1047 HOH A O     1 
HETATM 1400 O O     . HOH E 4 .   ? -6.646  18.519  2.671   1.00 41.30 ? 1048 HOH A O     1 
HETATM 1401 O O     . HOH E 4 .   ? -8.646  19.377  4.702   1.00 49.94 ? 1049 HOH A O     1 
HETATM 1402 O O     . HOH E 4 .   ? 2.352   -9.769  9.825   1.00 29.73 ? 1050 HOH A O     1 
HETATM 1403 O O     . HOH E 4 .   ? 16.539  4.457   12.024  1.00 44.10 ? 1051 HOH A O     1 
HETATM 1404 O O     . HOH E 4 .   ? 2.837   20.239  12.066  1.00 42.19 ? 1052 HOH A O     1 
HETATM 1405 O O     . HOH E 4 .   ? 8.489   -7.351  12.053  1.00 42.74 ? 1053 HOH A O     1 
HETATM 1406 O O     . HOH E 4 .   ? 12.482  -3.364  14.458  1.00 32.24 ? 1054 HOH A O     1 
HETATM 1407 O O     . HOH E 4 .   ? 6.163   -6.245  -18.698 1.00 40.70 ? 1055 HOH A O     1 
HETATM 1408 O O     . HOH E 4 .   ? 7.561   18.398  11.571  1.00 54.12 ? 1056 HOH A O     1 
HETATM 1409 O O     . HOH E 4 .   ? 4.209   -16.769 -15.557 1.00 49.45 ? 1057 HOH A O     1 
HETATM 1410 O O     . HOH E 4 .   ? 0.763   15.394  -10.132 1.00 51.15 ? 1058 HOH A O     1 
HETATM 1411 O O     . HOH E 4 .   ? 2.939   20.869  14.557  1.00 58.80 ? 1059 HOH A O     1 
HETATM 1412 O O     . HOH E 4 .   ? 1.190   -0.889  -20.119 1.00 55.68 ? 1060 HOH A O     1 
HETATM 1413 O O     . HOH E 4 .   ? -3.034  3.597   -13.201 1.00 22.95 ? 1061 HOH A O     1 
HETATM 1414 O O     . HOH E 4 .   ? 14.675  -3.057  9.987   1.00 34.07 ? 1062 HOH A O     1 
HETATM 1415 O O     . HOH E 4 .   ? -8.097  0.854   -7.833  1.00 57.29 ? 1063 HOH A O     1 
HETATM 1416 O O     . HOH E 4 .   ? -2.269  -16.125 3.475   1.00 23.05 ? 1064 HOH A O     1 
HETATM 1417 O O     . HOH E 4 .   ? 4.740   13.997  1.546   1.00 23.21 ? 1065 HOH A O     1 
HETATM 1418 O O     . HOH E 4 .   ? 13.011  0.708   -2.677  1.00 23.53 ? 1066 HOH A O     1 
HETATM 1419 O O     . HOH E 4 .   ? 0.283   -11.444 10.799  1.00 32.95 ? 1067 HOH A O     1 
HETATM 1420 O O     . HOH E 4 .   ? 8.088   -18.386 -2.887  1.00 30.34 ? 1068 HOH A O     1 
HETATM 1421 O O     . HOH E 4 .   ? -5.362  1.300   -2.853  1.00 28.12 ? 1069 HOH A O     1 
HETATM 1422 O O     . HOH E 4 .   ? 14.256  6.811   9.201   1.00 32.27 ? 1070 HOH A O     1 
HETATM 1423 O O     . HOH E 4 .   ? -14.756 -3.576  -3.786  1.00 29.27 ? 1071 HOH A O     1 
HETATM 1424 O O     . HOH E 4 .   ? -13.836 -14.670 -11.099 1.00 39.40 ? 1072 HOH A O     1 
HETATM 1425 O O     . HOH E 4 .   ? -10.686 -1.325  -7.002  1.00 33.70 ? 1073 HOH A O     1 
HETATM 1426 O O     . HOH E 4 .   ? 2.421   5.027   -17.480 1.00 32.99 ? 1074 HOH A O     1 
HETATM 1427 O O     . HOH E 4 .   ? -9.383  21.662  3.621   1.00 34.82 ? 1075 HOH A O     1 
HETATM 1428 O O     . HOH E 4 .   ? 10.020  -5.159  15.657  1.00 36.45 ? 1076 HOH A O     1 
HETATM 1429 O O     . HOH E 4 .   ? -12.469 7.517   7.601   1.00 28.00 ? 1077 HOH A O     1 
HETATM 1430 O O     . HOH E 4 .   ? 8.301   13.930  13.424  1.00 36.53 ? 1078 HOH A O     1 
HETATM 1431 O O     . HOH E 4 .   ? -3.879  4.834   -4.687  1.00 52.55 ? 1079 HOH A O     1 
HETATM 1432 O O     . HOH E 4 .   ? 3.013   -12.001 -20.481 1.00 42.41 ? 1080 HOH A O     1 
HETATM 1433 O O     . HOH E 4 .   ? -8.788  -16.589 -9.951  1.00 30.78 ? 1081 HOH A O     1 
HETATM 1434 O O     . HOH E 4 .   ? 3.010   -10.077 14.457  1.00 33.86 ? 1082 HOH A O     1 
HETATM 1435 O O     . HOH E 4 .   ? 12.830  -1.615  -1.111  1.00 25.72 ? 1083 HOH A O     1 
HETATM 1436 O O     . HOH E 4 .   ? -6.625  -16.138 -15.649 1.00 57.18 ? 1084 HOH A O     1 
HETATM 1437 O O     . HOH E 4 .   ? -4.283  13.986  17.306  1.00 29.56 ? 1085 HOH A O     1 
HETATM 1438 O O     . HOH E 4 .   ? 7.260   -15.928 -4.910  1.00 29.93 ? 1086 HOH A O     1 
HETATM 1439 O O     . HOH E 4 .   ? 1.623   -16.283 -7.627  1.00 33.92 ? 1087 HOH A O     1 
HETATM 1440 O O     . HOH E 4 .   ? 2.930   15.048  -4.250  1.00 41.32 ? 1088 HOH A O     1 
HETATM 1441 O O     . HOH E 4 .   ? 12.937  0.934   3.260   1.00 39.12 ? 1089 HOH A O     1 
HETATM 1442 O O     . HOH E 4 .   ? -6.849  10.689  16.813  1.00 46.31 ? 1090 HOH A O     1 
HETATM 1443 O O     . HOH E 4 .   ? 0.466   -13.731 7.525   1.00 46.50 ? 1091 HOH A O     1 
HETATM 1444 O O     . HOH E 4 .   ? 14.036  3.417   6.182   1.00 46.22 ? 1092 HOH A O     1 
HETATM 1445 O O     . HOH E 4 .   ? 8.894   9.071   23.110  1.00 41.14 ? 1093 HOH A O     1 
HETATM 1446 O O     . HOH E 4 .   ? 0.113   6.414   -18.464 1.00 52.52 ? 1094 HOH A O     1 
HETATM 1447 O O     . HOH E 4 .   ? 4.170   -8.945  -20.019 1.00 51.06 ? 1095 HOH A O     1 
HETATM 1448 O O     . HOH E 4 .   ? -4.200  7.087   -11.661 1.00 32.70 ? 1096 HOH A O     1 
HETATM 1449 O O     . HOH E 4 .   ? 6.366   12.058  2.008   1.00 31.26 ? 1097 HOH A O     1 
HETATM 1450 O O     . HOH E 4 .   ? -2.471  -0.689  -14.198 1.00 28.00 ? 1098 HOH A O     1 
HETATM 1451 O O     . HOH E 4 .   ? -3.046  -18.755 -17.398 1.00 34.33 ? 1099 HOH A O     1 
# 
loop_
_pdbx_poly_seq_scheme.asym_id 
_pdbx_poly_seq_scheme.entity_id 
_pdbx_poly_seq_scheme.seq_id 
_pdbx_poly_seq_scheme.mon_id 
_pdbx_poly_seq_scheme.ndb_seq_num 
_pdbx_poly_seq_scheme.pdb_seq_num 
_pdbx_poly_seq_scheme.auth_seq_num 
_pdbx_poly_seq_scheme.pdb_mon_id 
_pdbx_poly_seq_scheme.auth_mon_id 
_pdbx_poly_seq_scheme.pdb_strand_id 
_pdbx_poly_seq_scheme.pdb_ins_code 
_pdbx_poly_seq_scheme.hetero 
A 1 1   MET 1   1   ?   ?   ?   A . n 
A 1 2   LYS 2   2   ?   ?   ?   A . n 
A 1 3   GLY 3   3   3   GLY GLY A . n 
A 1 4   MET 4   4   4   MET MET A . n 
A 1 5   PHE 5   5   5   PHE PHE A . n 
A 1 6   THR 6   6   6   THR THR A . n 
A 1 7   PRO 7   7   7   PRO PRO A . n 
A 1 8   GLY 8   8   8   GLY GLY A . n 
A 1 9   ASN 9   9   9   ASN ASN A . n 
A 1 10  GLY 10  10  10  GLY GLY A . n 
A 1 11  PRO 11  11  11  PRO PRO A . n 
A 1 12  VAL 12  12  12  VAL VAL A . n 
A 1 13  GLN 13  13  13  GLN GLN A . n 
A 1 14  ILE 14  14  14  ILE ILE A . n 
A 1 15  SER 15  15  15  SER SER A . n 
A 1 16  ALA 16  16  16  ALA ALA A . n 
A 1 17  GLU 17  17  17  GLU GLU A . n 
A 1 18  ALA 18  18  18  ALA ALA A . n 
A 1 19  ILE 19  19  19  ILE ILE A . n 
A 1 20  LYS 20  20  20  LYS LYS A . n 
A 1 21  LYS 21  21  21  LYS LYS A . n 
A 1 22  ARG 22  22  22  ARG ARG A . n 
A 1 23  VAL 23  23  23  VAL VAL A . n 
A 1 24  GLU 24  24  24  GLU GLU A . n 
A 1 25  GLU 25  25  25  GLU GLU A . n 
A 1 26  LEU 26  26  26  LEU LEU A . n 
A 1 27  GLY 27  27  27  GLY GLY A . n 
A 1 28  GLY 28  28  28  GLY GLY A . n 
A 1 29  GLU 29  29  29  GLU GLU A . n 
A 1 30  ILE 30  30  30  ILE ILE A . n 
A 1 31  ALA 31  31  31  ALA ALA A . n 
A 1 32  ARG 32  32  32  ARG ARG A . n 
A 1 33  ASP 33  33  33  ASP ASP A . n 
A 1 34  TYR 34  34  34  TYR TYR A . n 
A 1 35  GLN 35  35  35  GLN GLN A . n 
A 1 36  GLY 36  36  36  GLY GLY A . n 
A 1 37  LYS 37  37  37  LYS LYS A . n 
A 1 38  THR 38  38  38  THR THR A . n 
A 1 39  PRO 39  39  39  PRO PRO A . n 
A 1 40  HIS 40  40  40  HIS HIS A . n 
A 1 41  LEU 41  41  41  LEU LEU A . n 
A 1 42  ILE 42  42  42  ILE ILE A . n 
A 1 43  CYS 43  43  43  CYS CYS A . n 
A 1 44  VAL 44  44  44  VAL VAL A . n 
A 1 45  LEU 45  45  45  LEU LEU A . n 
A 1 46  ASN 46  46  46  ASN ASN A . n 
A 1 47  GLY 47  47  47  GLY GLY A . n 
A 1 48  ALA 48  48  48  ALA ALA A . n 
A 1 49  PHE 49  49  49  PHE PHE A . n 
A 1 50  ILE 50  50  50  ILE ILE A . n 
A 1 51  PHE 51  51  51  PHE PHE A . n 
A 1 52  MET 52  52  52  MET MET A . n 
A 1 53  ALA 53  53  53  ALA ALA A . n 
A 1 54  ASP 54  54  54  ASP ASP A . n 
A 1 55  LEU 55  55  55  LEU LEU A . n 
A 1 56  VAL 56  56  56  VAL VAL A . n 
A 1 57  ARG 57  57  57  ARG ARG A . n 
A 1 58  ALA 58  58  58  ALA ALA A . n 
A 1 59  ILE 59  59  59  ILE ILE A . n 
A 1 60  PRO 60  60  60  PRO PRO A . n 
A 1 61  LEU 61  61  61  LEU LEU A . n 
A 1 62  PRO 62  62  62  PRO PRO A . n 
A 1 63  LEU 63  63  63  LEU LEU A . n 
A 1 64  THR 64  64  64  THR THR A . n 
A 1 65  MET 65  65  65  MET MET A . n 
A 1 66  ASP 66  66  66  ASP ASP A . n 
A 1 67  PHE 67  67  67  PHE PHE A . n 
A 1 68  ILE 68  68  68  ILE ILE A . n 
A 1 69  ALA 69  69  69  ALA ALA A . n 
A 1 70  ILE 70  70  70  ILE ILE A . n 
A 1 71  SER 71  71  71  SER SER A . n 
A 1 72  SER 72  72  72  SER SER A . n 
A 1 73  TYR 73  73  73  TYR TYR A . n 
A 1 74  GLY 74  74  ?   ?   ?   A . n 
A 1 75  ASN 75  75  ?   ?   ?   A . n 
A 1 76  ALA 76  76  ?   ?   ?   A . n 
A 1 77  PHE 77  77  ?   ?   ?   A . n 
A 1 78  LYS 78  78  ?   ?   ?   A . n 
A 1 79  SER 79  79  ?   ?   ?   A . n 
A 1 80  SER 80  80  ?   ?   ?   A . n 
A 1 81  GLY 81  81  ?   ?   ?   A . n 
A 1 82  GLU 82  82  ?   ?   ?   A . n 
A 1 83  VAL 83  83  ?   ?   ?   A . n 
A 1 84  GLU 84  84  ?   ?   ?   A . n 
A 1 85  LEU 85  85  85  LEU LEU A . n 
A 1 86  LEU 86  86  86  LEU LEU A . n 
A 1 87  LYS 87  87  87  LYS LYS A . n 
A 1 88  ASP 88  88  88  ASP ASP A . n 
A 1 89  LEU 89  89  89  LEU LEU A . n 
A 1 90  ARG 90  90  90  ARG ARG A . n 
A 1 91  LEU 91  91  91  LEU LEU A . n 
A 1 92  PRO 92  92  92  PRO PRO A . n 
A 1 93  ILE 93  93  93  ILE ILE A . n 
A 1 94  HIS 94  94  94  HIS HIS A . n 
A 1 95  GLY 95  95  95  GLY GLY A . n 
A 1 96  ARG 96  96  96  ARG ARG A . n 
A 1 97  ASP 97  97  97  ASP ASP A . n 
A 1 98  VAL 98  98  98  VAL VAL A . n 
A 1 99  ILE 99  99  99  ILE ILE A . n 
A 1 100 VAL 100 100 100 VAL VAL A . n 
A 1 101 VAL 101 101 101 VAL VAL A . n 
A 1 102 GLU 102 102 102 GLU GLU A . n 
A 1 103 ASP 103 103 103 ASP ASP A . n 
A 1 104 ILE 104 104 104 ILE ILE A . n 
A 1 105 VAL 105 105 105 VAL VAL A . n 
A 1 106 ASP 106 106 106 ASP ASP A . n 
A 1 107 THR 107 107 107 THR THR A . n 
A 1 108 GLY 108 108 108 GLY GLY A . n 
A 1 109 LEU 109 109 109 LEU LEU A . n 
A 1 110 THR 110 110 110 THR THR A . n 
A 1 111 LEU 111 111 111 LEU LEU A . n 
A 1 112 SER 112 112 112 SER SER A . n 
A 1 113 TYR 113 113 113 TYR TYR A . n 
A 1 114 LEU 114 114 114 LEU LEU A . n 
A 1 115 LEU 115 115 115 LEU LEU A . n 
A 1 116 ASP 116 116 116 ASP ASP A . n 
A 1 117 TYR 117 117 117 TYR TYR A . n 
A 1 118 LEU 118 118 118 LEU LEU A . n 
A 1 119 GLU 119 119 119 GLU GLU A . n 
A 1 120 ALA 120 120 120 ALA ALA A . n 
A 1 121 ARG 121 121 121 ARG ARG A . n 
A 1 122 LYS 122 122 122 LYS LYS A . n 
A 1 123 PRO 123 123 123 PRO PRO A . n 
A 1 124 ALA 124 124 124 ALA ALA A . n 
A 1 125 SER 125 125 125 SER SER A . n 
A 1 126 VAL 126 126 126 VAL VAL A . n 
A 1 127 ARG 127 127 127 ARG ARG A . n 
A 1 128 VAL 128 128 128 VAL VAL A . n 
A 1 129 ALA 129 129 129 ALA ALA A . n 
A 1 130 ALA 130 130 130 ALA ALA A . n 
A 1 131 LEU 131 131 131 LEU LEU A . n 
A 1 132 LEU 132 132 132 LEU LEU A . n 
A 1 133 SER 133 133 133 SER SER A . n 
A 1 134 LYS 134 134 134 LYS LYS A . n 
A 1 135 PRO 135 135 135 PRO PRO A . n 
A 1 136 SER 136 136 136 SER SER A . n 
A 1 137 ARG 137 137 137 ARG ARG A . n 
A 1 138 ARG 138 138 138 ARG ARG A . n 
A 1 139 GLN 139 139 139 GLN GLN A . n 
A 1 140 VAL 140 140 140 VAL VAL A . n 
A 1 141 GLU 141 141 141 GLU GLU A . n 
A 1 142 VAL 142 142 142 VAL VAL A . n 
A 1 143 PRO 143 143 143 PRO PRO A . n 
A 1 144 ILE 144 144 144 ILE ILE A . n 
A 1 145 HIS 145 145 145 HIS HIS A . n 
A 1 146 TYR 146 146 146 TYR TYR A . n 
A 1 147 LEU 147 147 147 LEU LEU A . n 
A 1 148 GLY 148 148 148 GLY GLY A . n 
A 1 149 PHE 149 149 149 PHE PHE A . n 
A 1 150 GLU 150 150 150 GLU GLU A . n 
A 1 151 ILE 151 151 151 ILE ILE A . n 
A 1 152 GLU 152 152 152 GLU GLU A . n 
A 1 153 ASP 153 153 153 ASP ASP A . n 
A 1 154 ALA 154 154 154 ALA ALA A . n 
A 1 155 TYR 155 155 155 TYR TYR A . n 
A 1 156 VAL 156 156 156 VAL VAL A . n 
A 1 157 TYR 157 157 157 TYR TYR A . n 
A 1 158 GLY 158 158 158 GLY GLY A . n 
A 1 159 TYR 159 159 159 TYR TYR A . n 
A 1 160 GLY 160 160 160 GLY GLY A . n 
A 1 161 LEU 161 161 161 LEU LEU A . n 
A 1 162 ASP 162 162 162 ASP ASP A . n 
A 1 163 ARG 163 163 163 ARG ARG A . n 
A 1 164 ALA 164 164 164 ALA ALA A . n 
A 1 165 GLN 165 165 165 GLN GLN A . n 
A 1 166 PHE 166 166 166 PHE PHE A . n 
A 1 167 ASP 167 167 167 ASP ASP A . n 
A 1 168 ARG 168 168 168 ARG ARG A . n 
A 1 169 ASN 169 169 169 ASN ASN A . n 
A 1 170 LEU 170 170 170 LEU LEU A . n 
A 1 171 PRO 171 171 171 PRO PRO A . n 
A 1 172 PHE 172 172 172 PHE PHE A . n 
A 1 173 ILE 173 173 173 ILE ILE A . n 
A 1 174 THR 174 174 174 THR THR A . n 
A 1 175 SER 175 175 175 SER SER A . n 
A 1 176 ILE 176 176 176 ILE ILE A . n 
A 1 177 ARG 177 177 177 ARG ARG A . n 
A 1 178 PRO 178 178 178 PRO PRO A . n 
A 1 179 GLU 179 179 179 GLU GLU A . n 
A 1 180 GLU 180 180 ?   ?   ?   A . n 
A 1 181 GLU 181 181 ?   ?   ?   A . n 
# 
_pdbx_SG_project.id                    1 
_pdbx_SG_project.project_name          'NPPSFA, National Project on Protein Structural and Functional Analyses' 
_pdbx_SG_project.full_name_of_center   'RIKEN Structural Genomics/Proteomics Initiative' 
_pdbx_SG_project.initial_of_center     RSGI 
# 
loop_
_pdbx_nonpoly_scheme.asym_id 
_pdbx_nonpoly_scheme.entity_id 
_pdbx_nonpoly_scheme.mon_id 
_pdbx_nonpoly_scheme.ndb_seq_num 
_pdbx_nonpoly_scheme.pdb_seq_num 
_pdbx_nonpoly_scheme.auth_seq_num 
_pdbx_nonpoly_scheme.pdb_mon_id 
_pdbx_nonpoly_scheme.auth_mon_id 
_pdbx_nonpoly_scheme.pdb_strand_id 
_pdbx_nonpoly_scheme.pdb_ins_code 
B 2 5GP 1   817  817  5GP 5GP A . 
C 3 DIO 1   991  991  DIO DIO A . 
D 3 DIO 1   992  992  DIO DIO A . 
E 4 HOH 1   993  993  HOH HOH A . 
E 4 HOH 2   994  994  HOH HOH A . 
E 4 HOH 3   995  995  HOH HOH A . 
E 4 HOH 4   996  996  HOH HOH A . 
E 4 HOH 5   997  997  HOH HOH A . 
E 4 HOH 6   998  998  HOH HOH A . 
E 4 HOH 7   999  999  HOH HOH A . 
E 4 HOH 8   1000 1000 HOH HOH A . 
E 4 HOH 9   1001 1001 HOH HOH A . 
E 4 HOH 10  1002 1002 HOH HOH A . 
E 4 HOH 11  1003 1003 HOH HOH A . 
E 4 HOH 12  1004 1004 HOH HOH A . 
E 4 HOH 13  1005 1005 HOH HOH A . 
E 4 HOH 14  1006 1006 HOH HOH A . 
E 4 HOH 15  1007 1007 HOH HOH A . 
E 4 HOH 16  1008 1008 HOH HOH A . 
E 4 HOH 17  1009 1009 HOH HOH A . 
E 4 HOH 18  1010 1010 HOH HOH A . 
E 4 HOH 19  1011 1011 HOH HOH A . 
E 4 HOH 20  1012 1012 HOH HOH A . 
E 4 HOH 21  1013 1013 HOH HOH A . 
E 4 HOH 22  1014 1014 HOH HOH A . 
E 4 HOH 23  1015 1015 HOH HOH A . 
E 4 HOH 24  1016 1016 HOH HOH A . 
E 4 HOH 25  1017 1017 HOH HOH A . 
E 4 HOH 26  1018 1018 HOH HOH A . 
E 4 HOH 27  1019 1019 HOH HOH A . 
E 4 HOH 28  1020 1020 HOH HOH A . 
E 4 HOH 29  1021 1021 HOH HOH A . 
E 4 HOH 30  1022 1022 HOH HOH A . 
E 4 HOH 31  1023 1023 HOH HOH A . 
E 4 HOH 32  1024 1024 HOH HOH A . 
E 4 HOH 33  1025 1025 HOH HOH A . 
E 4 HOH 34  1026 1026 HOH HOH A . 
E 4 HOH 35  1027 1027 HOH HOH A . 
E 4 HOH 36  1028 1028 HOH HOH A . 
E 4 HOH 37  1029 1029 HOH HOH A . 
E 4 HOH 38  1030 1030 HOH HOH A . 
E 4 HOH 39  1031 1031 HOH HOH A . 
E 4 HOH 40  1032 1032 HOH HOH A . 
E 4 HOH 41  1033 1033 HOH HOH A . 
E 4 HOH 42  1034 1034 HOH HOH A . 
E 4 HOH 43  1035 1035 HOH HOH A . 
E 4 HOH 44  1036 1036 HOH HOH A . 
E 4 HOH 45  1037 1037 HOH HOH A . 
E 4 HOH 46  1038 1038 HOH HOH A . 
E 4 HOH 47  1039 1039 HOH HOH A . 
E 4 HOH 48  1040 1040 HOH HOH A . 
E 4 HOH 49  1041 1041 HOH HOH A . 
E 4 HOH 50  1042 1042 HOH HOH A . 
E 4 HOH 51  1043 1043 HOH HOH A . 
E 4 HOH 52  1044 1044 HOH HOH A . 
E 4 HOH 53  1045 1045 HOH HOH A . 
E 4 HOH 54  1046 1046 HOH HOH A . 
E 4 HOH 55  1047 1047 HOH HOH A . 
E 4 HOH 56  1048 1048 HOH HOH A . 
E 4 HOH 57  1049 1049 HOH HOH A . 
E 4 HOH 58  1050 1050 HOH HOH A . 
E 4 HOH 59  1051 1051 HOH HOH A . 
E 4 HOH 60  1052 1052 HOH HOH A . 
E 4 HOH 61  1053 1053 HOH HOH A . 
E 4 HOH 62  1054 1054 HOH HOH A . 
E 4 HOH 63  1055 1055 HOH HOH A . 
E 4 HOH 64  1056 1056 HOH HOH A . 
E 4 HOH 65  1057 1057 HOH HOH A . 
E 4 HOH 66  1058 1058 HOH HOH A . 
E 4 HOH 67  1059 1059 HOH HOH A . 
E 4 HOH 68  1060 1060 HOH HOH A . 
E 4 HOH 69  1061 1061 HOH HOH A . 
E 4 HOH 70  1062 1062 HOH HOH A . 
E 4 HOH 71  1063 1063 HOH HOH A . 
E 4 HOH 72  1064 1064 HOH HOH A . 
E 4 HOH 73  1065 1065 HOH HOH A . 
E 4 HOH 74  1066 1066 HOH HOH A . 
E 4 HOH 75  1067 1067 HOH HOH A . 
E 4 HOH 76  1068 1068 HOH HOH A . 
E 4 HOH 77  1069 1069 HOH HOH A . 
E 4 HOH 78  1070 1070 HOH HOH A . 
E 4 HOH 79  1071 1071 HOH HOH A . 
E 4 HOH 80  1072 1072 HOH HOH A . 
E 4 HOH 81  1073 1073 HOH HOH A . 
E 4 HOH 82  1074 1074 HOH HOH A . 
E 4 HOH 83  1075 1075 HOH HOH A . 
E 4 HOH 84  1076 1076 HOH HOH A . 
E 4 HOH 85  1077 1077 HOH HOH A . 
E 4 HOH 86  1078 1078 HOH HOH A . 
E 4 HOH 87  1079 1079 HOH HOH A . 
E 4 HOH 88  1080 1080 HOH HOH A . 
E 4 HOH 89  1081 1081 HOH HOH A . 
E 4 HOH 90  1082 1082 HOH HOH A . 
E 4 HOH 91  1083 1083 HOH HOH A . 
E 4 HOH 92  1084 1084 HOH HOH A . 
E 4 HOH 93  1085 1085 HOH HOH A . 
E 4 HOH 94  1086 1086 HOH HOH A . 
E 4 HOH 95  1087 1087 HOH HOH A . 
E 4 HOH 96  1088 1088 HOH HOH A . 
E 4 HOH 97  1089 1089 HOH HOH A . 
E 4 HOH 98  1090 1090 HOH HOH A . 
E 4 HOH 99  1091 1091 HOH HOH A . 
E 4 HOH 100 1092 1092 HOH HOH A . 
E 4 HOH 101 1093 1093 HOH HOH A . 
E 4 HOH 102 1094 1094 HOH HOH A . 
E 4 HOH 103 1095 1095 HOH HOH A . 
E 4 HOH 104 1096 1096 HOH HOH A . 
E 4 HOH 105 1097 1097 HOH HOH A . 
E 4 HOH 106 1098 1098 HOH HOH A . 
E 4 HOH 107 1099 1099 HOH HOH A . 
# 
_pdbx_struct_assembly.id                   1 
_pdbx_struct_assembly.details              author_and_software_defined_assembly 
_pdbx_struct_assembly.method_details       PISA 
_pdbx_struct_assembly.oligomeric_details   dimeric 
_pdbx_struct_assembly.oligomeric_count     2 
# 
_pdbx_struct_assembly_gen.assembly_id       1 
_pdbx_struct_assembly_gen.oper_expression   1,2 
_pdbx_struct_assembly_gen.asym_id_list      A,B,C,D,E 
# 
loop_
_pdbx_struct_assembly_prop.biol_id 
_pdbx_struct_assembly_prop.type 
_pdbx_struct_assembly_prop.value 
_pdbx_struct_assembly_prop.details 
1 'ABSA (A^2)' 2920  ? 
1 MORE         -17   ? 
1 'SSA (A^2)'  14370 ? 
# 
loop_
_pdbx_struct_oper_list.id 
_pdbx_struct_oper_list.type 
_pdbx_struct_oper_list.name 
_pdbx_struct_oper_list.symmetry_operation 
_pdbx_struct_oper_list.matrix[1][1] 
_pdbx_struct_oper_list.matrix[1][2] 
_pdbx_struct_oper_list.matrix[1][3] 
_pdbx_struct_oper_list.vector[1] 
_pdbx_struct_oper_list.matrix[2][1] 
_pdbx_struct_oper_list.matrix[2][2] 
_pdbx_struct_oper_list.matrix[2][3] 
_pdbx_struct_oper_list.vector[2] 
_pdbx_struct_oper_list.matrix[3][1] 
_pdbx_struct_oper_list.matrix[3][2] 
_pdbx_struct_oper_list.matrix[3][3] 
_pdbx_struct_oper_list.vector[3] 
1 'identity operation'         1_555  x,y,z            1.0000000000  0.0000000000  0.0000000000 0.0000000000   0.0000000000  1.0000000000 0.0000000000  0.0000000000  0.0000000000 0.0000000000  1.0000000000  0.0000000000  
2 'crystal symmetry operation' 10_665 -y+1,-x+1,-z+1/6 -0.3275342857 -0.9166827048 0.2289412817 -16.8492684916 -0.9166827048 0.2495911142 -0.3120850757 -9.3238139422 0.2289412817 -0.3120850757 -0.9220568285 12.1584729858 
# 
loop_
_pdbx_audit_revision_history.ordinal 
_pdbx_audit_revision_history.data_content_type 
_pdbx_audit_revision_history.major_revision 
_pdbx_audit_revision_history.minor_revision 
_pdbx_audit_revision_history.revision_date 
1 'Structure model' 1 0 2010-02-09 
2 'Structure model' 1 1 2011-07-13 
3 'Structure model' 1 2 2023-11-01 
# 
_pdbx_audit_revision_details.ordinal             1 
_pdbx_audit_revision_details.revision_ordinal    1 
_pdbx_audit_revision_details.data_content_type   'Structure model' 
_pdbx_audit_revision_details.provider            repository 
_pdbx_audit_revision_details.type                'Initial release' 
_pdbx_audit_revision_details.description         ? 
_pdbx_audit_revision_details.details             ? 
# 
loop_
_pdbx_audit_revision_group.ordinal 
_pdbx_audit_revision_group.revision_ordinal 
_pdbx_audit_revision_group.data_content_type 
_pdbx_audit_revision_group.group 
1 2 'Structure model' 'Version format compliance' 
2 3 'Structure model' 'Data collection'           
3 3 'Structure model' 'Database references'       
4 3 'Structure model' 'Derived calculations'      
5 3 'Structure model' 'Refinement description'    
# 
loop_
_pdbx_audit_revision_category.ordinal 
_pdbx_audit_revision_category.revision_ordinal 
_pdbx_audit_revision_category.data_content_type 
_pdbx_audit_revision_category.category 
1 3 'Structure model' chem_comp_atom                
2 3 'Structure model' chem_comp_bond                
3 3 'Structure model' database_2                    
4 3 'Structure model' pdbx_initial_refinement_model 
5 3 'Structure model' struct_site                   
# 
loop_
_pdbx_audit_revision_item.ordinal 
_pdbx_audit_revision_item.revision_ordinal 
_pdbx_audit_revision_item.data_content_type 
_pdbx_audit_revision_item.item 
1 3 'Structure model' '_database_2.pdbx_DOI'                
2 3 'Structure model' '_database_2.pdbx_database_accession' 
3 3 'Structure model' '_struct_site.pdbx_auth_asym_id'      
4 3 'Structure model' '_struct_site.pdbx_auth_comp_id'      
5 3 'Structure model' '_struct_site.pdbx_auth_seq_id'       
# 
loop_
_software.name 
_software.classification 
_software.version 
_software.citation_id 
_software.pdbx_ordinal 
HKL-2000 'data collection' .   ? 1 
MOLREP   phasing           .   ? 2 
CNS      refinement        1.1 ? 3 
HKL-2000 'data reduction'  .   ? 4 
HKL-2000 'data scaling'    .   ? 5 
# 
loop_
_pdbx_validate_torsion.id 
_pdbx_validate_torsion.PDB_model_num 
_pdbx_validate_torsion.auth_comp_id 
_pdbx_validate_torsion.auth_asym_id 
_pdbx_validate_torsion.auth_seq_id 
_pdbx_validate_torsion.PDB_ins_code 
_pdbx_validate_torsion.label_alt_id 
_pdbx_validate_torsion.phi 
_pdbx_validate_torsion.psi 
1 1 ASP A 106 ? ? -99.84  -95.42 
2 1 LYS A 134 ? ? -114.58 73.98  
3 1 GLN A 165 ? ? 75.87   -11.93 
# 
loop_
_pdbx_unobs_or_zero_occ_residues.id 
_pdbx_unobs_or_zero_occ_residues.PDB_model_num 
_pdbx_unobs_or_zero_occ_residues.polymer_flag 
_pdbx_unobs_or_zero_occ_residues.occupancy_flag 
_pdbx_unobs_or_zero_occ_residues.auth_asym_id 
_pdbx_unobs_or_zero_occ_residues.auth_comp_id 
_pdbx_unobs_or_zero_occ_residues.auth_seq_id 
_pdbx_unobs_or_zero_occ_residues.PDB_ins_code 
_pdbx_unobs_or_zero_occ_residues.label_asym_id 
_pdbx_unobs_or_zero_occ_residues.label_comp_id 
_pdbx_unobs_or_zero_occ_residues.label_seq_id 
1  1 Y 1 A MET 1   ? A MET 1   
2  1 Y 1 A LYS 2   ? A LYS 2   
3  1 Y 1 A GLY 74  ? A GLY 74  
4  1 Y 1 A ASN 75  ? A ASN 75  
5  1 Y 1 A ALA 76  ? A ALA 76  
6  1 Y 1 A PHE 77  ? A PHE 77  
7  1 Y 1 A LYS 78  ? A LYS 78  
8  1 Y 1 A SER 79  ? A SER 79  
9  1 Y 1 A SER 80  ? A SER 80  
10 1 Y 1 A GLY 81  ? A GLY 81  
11 1 Y 1 A GLU 82  ? A GLU 82  
12 1 Y 1 A VAL 83  ? A VAL 83  
13 1 Y 1 A GLU 84  ? A GLU 84  
14 1 Y 1 A GLU 180 ? A GLU 180 
15 1 Y 1 A GLU 181 ? A GLU 181 
# 
loop_
_chem_comp_atom.comp_id 
_chem_comp_atom.atom_id 
_chem_comp_atom.type_symbol 
_chem_comp_atom.pdbx_aromatic_flag 
_chem_comp_atom.pdbx_stereo_config 
_chem_comp_atom.pdbx_ordinal 
5GP P      P N N 1   
5GP O1P    O N N 2   
5GP O2P    O N N 3   
5GP O3P    O N N 4   
5GP "O5'"  O N N 5   
5GP "C5'"  C N N 6   
5GP "C4'"  C N R 7   
5GP "O4'"  O N N 8   
5GP "C3'"  C N S 9   
5GP "O3'"  O N N 10  
5GP "C2'"  C N R 11  
5GP "O2'"  O N N 12  
5GP "C1'"  C N R 13  
5GP N9     N Y N 14  
5GP C8     C Y N 15  
5GP N7     N Y N 16  
5GP C5     C Y N 17  
5GP C6     C N N 18  
5GP O6     O N N 19  
5GP N1     N N N 20  
5GP C2     C N N 21  
5GP N2     N N N 22  
5GP N3     N N N 23  
5GP C4     C Y N 24  
5GP HOP2   H N N 25  
5GP HOP3   H N N 26  
5GP "H5'1" H N N 27  
5GP "H5'2" H N N 28  
5GP "H4'"  H N N 29  
5GP "H3'"  H N N 30  
5GP "HO3'" H N N 31  
5GP "H2'"  H N N 32  
5GP "HO2'" H N N 33  
5GP "H1'"  H N N 34  
5GP H8     H N N 35  
5GP HN1    H N N 36  
5GP HN21   H N N 37  
5GP HN22   H N N 38  
ALA N      N N N 39  
ALA CA     C N S 40  
ALA C      C N N 41  
ALA O      O N N 42  
ALA CB     C N N 43  
ALA OXT    O N N 44  
ALA H      H N N 45  
ALA H2     H N N 46  
ALA HA     H N N 47  
ALA HB1    H N N 48  
ALA HB2    H N N 49  
ALA HB3    H N N 50  
ALA HXT    H N N 51  
ARG N      N N N 52  
ARG CA     C N S 53  
ARG C      C N N 54  
ARG O      O N N 55  
ARG CB     C N N 56  
ARG CG     C N N 57  
ARG CD     C N N 58  
ARG NE     N N N 59  
ARG CZ     C N N 60  
ARG NH1    N N N 61  
ARG NH2    N N N 62  
ARG OXT    O N N 63  
ARG H      H N N 64  
ARG H2     H N N 65  
ARG HA     H N N 66  
ARG HB2    H N N 67  
ARG HB3    H N N 68  
ARG HG2    H N N 69  
ARG HG3    H N N 70  
ARG HD2    H N N 71  
ARG HD3    H N N 72  
ARG HE     H N N 73  
ARG HH11   H N N 74  
ARG HH12   H N N 75  
ARG HH21   H N N 76  
ARG HH22   H N N 77  
ARG HXT    H N N 78  
ASN N      N N N 79  
ASN CA     C N S 80  
ASN C      C N N 81  
ASN O      O N N 82  
ASN CB     C N N 83  
ASN CG     C N N 84  
ASN OD1    O N N 85  
ASN ND2    N N N 86  
ASN OXT    O N N 87  
ASN H      H N N 88  
ASN H2     H N N 89  
ASN HA     H N N 90  
ASN HB2    H N N 91  
ASN HB3    H N N 92  
ASN HD21   H N N 93  
ASN HD22   H N N 94  
ASN HXT    H N N 95  
ASP N      N N N 96  
ASP CA     C N S 97  
ASP C      C N N 98  
ASP O      O N N 99  
ASP CB     C N N 100 
ASP CG     C N N 101 
ASP OD1    O N N 102 
ASP OD2    O N N 103 
ASP OXT    O N N 104 
ASP H      H N N 105 
ASP H2     H N N 106 
ASP HA     H N N 107 
ASP HB2    H N N 108 
ASP HB3    H N N 109 
ASP HD2    H N N 110 
ASP HXT    H N N 111 
CYS N      N N N 112 
CYS CA     C N R 113 
CYS C      C N N 114 
CYS O      O N N 115 
CYS CB     C N N 116 
CYS SG     S N N 117 
CYS OXT    O N N 118 
CYS H      H N N 119 
CYS H2     H N N 120 
CYS HA     H N N 121 
CYS HB2    H N N 122 
CYS HB3    H N N 123 
CYS HG     H N N 124 
CYS HXT    H N N 125 
DIO C1     C N N 126 
DIO C2     C N N 127 
DIO "C1'"  C N N 128 
DIO "C2'"  C N N 129 
DIO O1     O N N 130 
DIO "O1'"  O N N 131 
DIO H11    H N N 132 
DIO H12    H N N 133 
DIO H21    H N N 134 
DIO H22    H N N 135 
DIO "H1'1" H N N 136 
DIO "H1'2" H N N 137 
DIO "H2'1" H N N 138 
DIO "H2'2" H N N 139 
GLN N      N N N 140 
GLN CA     C N S 141 
GLN C      C N N 142 
GLN O      O N N 143 
GLN CB     C N N 144 
GLN CG     C N N 145 
GLN CD     C N N 146 
GLN OE1    O N N 147 
GLN NE2    N N N 148 
GLN OXT    O N N 149 
GLN H      H N N 150 
GLN H2     H N N 151 
GLN HA     H N N 152 
GLN HB2    H N N 153 
GLN HB3    H N N 154 
GLN HG2    H N N 155 
GLN HG3    H N N 156 
GLN HE21   H N N 157 
GLN HE22   H N N 158 
GLN HXT    H N N 159 
GLU N      N N N 160 
GLU CA     C N S 161 
GLU C      C N N 162 
GLU O      O N N 163 
GLU CB     C N N 164 
GLU CG     C N N 165 
GLU CD     C N N 166 
GLU OE1    O N N 167 
GLU OE2    O N N 168 
GLU OXT    O N N 169 
GLU H      H N N 170 
GLU H2     H N N 171 
GLU HA     H N N 172 
GLU HB2    H N N 173 
GLU HB3    H N N 174 
GLU HG2    H N N 175 
GLU HG3    H N N 176 
GLU HE2    H N N 177 
GLU HXT    H N N 178 
GLY N      N N N 179 
GLY CA     C N N 180 
GLY C      C N N 181 
GLY O      O N N 182 
GLY OXT    O N N 183 
GLY H      H N N 184 
GLY H2     H N N 185 
GLY HA2    H N N 186 
GLY HA3    H N N 187 
GLY HXT    H N N 188 
HIS N      N N N 189 
HIS CA     C N S 190 
HIS C      C N N 191 
HIS O      O N N 192 
HIS CB     C N N 193 
HIS CG     C Y N 194 
HIS ND1    N Y N 195 
HIS CD2    C Y N 196 
HIS CE1    C Y N 197 
HIS NE2    N Y N 198 
HIS OXT    O N N 199 
HIS H      H N N 200 
HIS H2     H N N 201 
HIS HA     H N N 202 
HIS HB2    H N N 203 
HIS HB3    H N N 204 
HIS HD1    H N N 205 
HIS HD2    H N N 206 
HIS HE1    H N N 207 
HIS HE2    H N N 208 
HIS HXT    H N N 209 
HOH O      O N N 210 
HOH H1     H N N 211 
HOH H2     H N N 212 
ILE N      N N N 213 
ILE CA     C N S 214 
ILE C      C N N 215 
ILE O      O N N 216 
ILE CB     C N S 217 
ILE CG1    C N N 218 
ILE CG2    C N N 219 
ILE CD1    C N N 220 
ILE OXT    O N N 221 
ILE H      H N N 222 
ILE H2     H N N 223 
ILE HA     H N N 224 
ILE HB     H N N 225 
ILE HG12   H N N 226 
ILE HG13   H N N 227 
ILE HG21   H N N 228 
ILE HG22   H N N 229 
ILE HG23   H N N 230 
ILE HD11   H N N 231 
ILE HD12   H N N 232 
ILE HD13   H N N 233 
ILE HXT    H N N 234 
LEU N      N N N 235 
LEU CA     C N S 236 
LEU C      C N N 237 
LEU O      O N N 238 
LEU CB     C N N 239 
LEU CG     C N N 240 
LEU CD1    C N N 241 
LEU CD2    C N N 242 
LEU OXT    O N N 243 
LEU H      H N N 244 
LEU H2     H N N 245 
LEU HA     H N N 246 
LEU HB2    H N N 247 
LEU HB3    H N N 248 
LEU HG     H N N 249 
LEU HD11   H N N 250 
LEU HD12   H N N 251 
LEU HD13   H N N 252 
LEU HD21   H N N 253 
LEU HD22   H N N 254 
LEU HD23   H N N 255 
LEU HXT    H N N 256 
LYS N      N N N 257 
LYS CA     C N S 258 
LYS C      C N N 259 
LYS O      O N N 260 
LYS CB     C N N 261 
LYS CG     C N N 262 
LYS CD     C N N 263 
LYS CE     C N N 264 
LYS NZ     N N N 265 
LYS OXT    O N N 266 
LYS H      H N N 267 
LYS H2     H N N 268 
LYS HA     H N N 269 
LYS HB2    H N N 270 
LYS HB3    H N N 271 
LYS HG2    H N N 272 
LYS HG3    H N N 273 
LYS HD2    H N N 274 
LYS HD3    H N N 275 
LYS HE2    H N N 276 
LYS HE3    H N N 277 
LYS HZ1    H N N 278 
LYS HZ2    H N N 279 
LYS HZ3    H N N 280 
LYS HXT    H N N 281 
MET N      N N N 282 
MET CA     C N S 283 
MET C      C N N 284 
MET O      O N N 285 
MET CB     C N N 286 
MET CG     C N N 287 
MET SD     S N N 288 
MET CE     C N N 289 
MET OXT    O N N 290 
MET H      H N N 291 
MET H2     H N N 292 
MET HA     H N N 293 
MET HB2    H N N 294 
MET HB3    H N N 295 
MET HG2    H N N 296 
MET HG3    H N N 297 
MET HE1    H N N 298 
MET HE2    H N N 299 
MET HE3    H N N 300 
MET HXT    H N N 301 
PHE N      N N N 302 
PHE CA     C N S 303 
PHE C      C N N 304 
PHE O      O N N 305 
PHE CB     C N N 306 
PHE CG     C Y N 307 
PHE CD1    C Y N 308 
PHE CD2    C Y N 309 
PHE CE1    C Y N 310 
PHE CE2    C Y N 311 
PHE CZ     C Y N 312 
PHE OXT    O N N 313 
PHE H      H N N 314 
PHE H2     H N N 315 
PHE HA     H N N 316 
PHE HB2    H N N 317 
PHE HB3    H N N 318 
PHE HD1    H N N 319 
PHE HD2    H N N 320 
PHE HE1    H N N 321 
PHE HE2    H N N 322 
PHE HZ     H N N 323 
PHE HXT    H N N 324 
PRO N      N N N 325 
PRO CA     C N S 326 
PRO C      C N N 327 
PRO O      O N N 328 
PRO CB     C N N 329 
PRO CG     C N N 330 
PRO CD     C N N 331 
PRO OXT    O N N 332 
PRO H      H N N 333 
PRO HA     H N N 334 
PRO HB2    H N N 335 
PRO HB3    H N N 336 
PRO HG2    H N N 337 
PRO HG3    H N N 338 
PRO HD2    H N N 339 
PRO HD3    H N N 340 
PRO HXT    H N N 341 
SER N      N N N 342 
SER CA     C N S 343 
SER C      C N N 344 
SER O      O N N 345 
SER CB     C N N 346 
SER OG     O N N 347 
SER OXT    O N N 348 
SER H      H N N 349 
SER H2     H N N 350 
SER HA     H N N 351 
SER HB2    H N N 352 
SER HB3    H N N 353 
SER HG     H N N 354 
SER HXT    H N N 355 
THR N      N N N 356 
THR CA     C N S 357 
THR C      C N N 358 
THR O      O N N 359 
THR CB     C N R 360 
THR OG1    O N N 361 
THR CG2    C N N 362 
THR OXT    O N N 363 
THR H      H N N 364 
THR H2     H N N 365 
THR HA     H N N 366 
THR HB     H N N 367 
THR HG1    H N N 368 
THR HG21   H N N 369 
THR HG22   H N N 370 
THR HG23   H N N 371 
THR HXT    H N N 372 
TYR N      N N N 373 
TYR CA     C N S 374 
TYR C      C N N 375 
TYR O      O N N 376 
TYR CB     C N N 377 
TYR CG     C Y N 378 
TYR CD1    C Y N 379 
TYR CD2    C Y N 380 
TYR CE1    C Y N 381 
TYR CE2    C Y N 382 
TYR CZ     C Y N 383 
TYR OH     O N N 384 
TYR OXT    O N N 385 
TYR H      H N N 386 
TYR H2     H N N 387 
TYR HA     H N N 388 
TYR HB2    H N N 389 
TYR HB3    H N N 390 
TYR HD1    H N N 391 
TYR HD2    H N N 392 
TYR HE1    H N N 393 
TYR HE2    H N N 394 
TYR HH     H N N 395 
TYR HXT    H N N 396 
VAL N      N N N 397 
VAL CA     C N S 398 
VAL C      C N N 399 
VAL O      O N N 400 
VAL CB     C N N 401 
VAL CG1    C N N 402 
VAL CG2    C N N 403 
VAL OXT    O N N 404 
VAL H      H N N 405 
VAL H2     H N N 406 
VAL HA     H N N 407 
VAL HB     H N N 408 
VAL HG11   H N N 409 
VAL HG12   H N N 410 
VAL HG13   H N N 411 
VAL HG21   H N N 412 
VAL HG22   H N N 413 
VAL HG23   H N N 414 
VAL HXT    H N N 415 
# 
loop_
_chem_comp_bond.comp_id 
_chem_comp_bond.atom_id_1 
_chem_comp_bond.atom_id_2 
_chem_comp_bond.value_order 
_chem_comp_bond.pdbx_aromatic_flag 
_chem_comp_bond.pdbx_stereo_config 
_chem_comp_bond.pdbx_ordinal 
5GP P     O1P    doub N N 1   
5GP P     O2P    sing N N 2   
5GP P     O3P    sing N N 3   
5GP P     "O5'"  sing N N 4   
5GP O2P   HOP2   sing N N 5   
5GP O3P   HOP3   sing N N 6   
5GP "O5'" "C5'"  sing N N 7   
5GP "C5'" "C4'"  sing N N 8   
5GP "C5'" "H5'1" sing N N 9   
5GP "C5'" "H5'2" sing N N 10  
5GP "C4'" "O4'"  sing N N 11  
5GP "C4'" "C3'"  sing N N 12  
5GP "C4'" "H4'"  sing N N 13  
5GP "O4'" "C1'"  sing N N 14  
5GP "C3'" "O3'"  sing N N 15  
5GP "C3'" "C2'"  sing N N 16  
5GP "C3'" "H3'"  sing N N 17  
5GP "O3'" "HO3'" sing N N 18  
5GP "C2'" "O2'"  sing N N 19  
5GP "C2'" "C1'"  sing N N 20  
5GP "C2'" "H2'"  sing N N 21  
5GP "O2'" "HO2'" sing N N 22  
5GP "C1'" N9     sing N N 23  
5GP "C1'" "H1'"  sing N N 24  
5GP N9    C8     sing Y N 25  
5GP N9    C4     sing Y N 26  
5GP C8    N7     doub Y N 27  
5GP C8    H8     sing N N 28  
5GP N7    C5     sing Y N 29  
5GP C5    C6     sing N N 30  
5GP C5    C4     doub Y N 31  
5GP C6    O6     doub N N 32  
5GP C6    N1     sing N N 33  
5GP N1    C2     sing N N 34  
5GP N1    HN1    sing N N 35  
5GP C2    N2     sing N N 36  
5GP C2    N3     doub N N 37  
5GP N2    HN21   sing N N 38  
5GP N2    HN22   sing N N 39  
5GP N3    C4     sing N N 40  
ALA N     CA     sing N N 41  
ALA N     H      sing N N 42  
ALA N     H2     sing N N 43  
ALA CA    C      sing N N 44  
ALA CA    CB     sing N N 45  
ALA CA    HA     sing N N 46  
ALA C     O      doub N N 47  
ALA C     OXT    sing N N 48  
ALA CB    HB1    sing N N 49  
ALA CB    HB2    sing N N 50  
ALA CB    HB3    sing N N 51  
ALA OXT   HXT    sing N N 52  
ARG N     CA     sing N N 53  
ARG N     H      sing N N 54  
ARG N     H2     sing N N 55  
ARG CA    C      sing N N 56  
ARG CA    CB     sing N N 57  
ARG CA    HA     sing N N 58  
ARG C     O      doub N N 59  
ARG C     OXT    sing N N 60  
ARG CB    CG     sing N N 61  
ARG CB    HB2    sing N N 62  
ARG CB    HB3    sing N N 63  
ARG CG    CD     sing N N 64  
ARG CG    HG2    sing N N 65  
ARG CG    HG3    sing N N 66  
ARG CD    NE     sing N N 67  
ARG CD    HD2    sing N N 68  
ARG CD    HD3    sing N N 69  
ARG NE    CZ     sing N N 70  
ARG NE    HE     sing N N 71  
ARG CZ    NH1    sing N N 72  
ARG CZ    NH2    doub N N 73  
ARG NH1   HH11   sing N N 74  
ARG NH1   HH12   sing N N 75  
ARG NH2   HH21   sing N N 76  
ARG NH2   HH22   sing N N 77  
ARG OXT   HXT    sing N N 78  
ASN N     CA     sing N N 79  
ASN N     H      sing N N 80  
ASN N     H2     sing N N 81  
ASN CA    C      sing N N 82  
ASN CA    CB     sing N N 83  
ASN CA    HA     sing N N 84  
ASN C     O      doub N N 85  
ASN C     OXT    sing N N 86  
ASN CB    CG     sing N N 87  
ASN CB    HB2    sing N N 88  
ASN CB    HB3    sing N N 89  
ASN CG    OD1    doub N N 90  
ASN CG    ND2    sing N N 91  
ASN ND2   HD21   sing N N 92  
ASN ND2   HD22   sing N N 93  
ASN OXT   HXT    sing N N 94  
ASP N     CA     sing N N 95  
ASP N     H      sing N N 96  
ASP N     H2     sing N N 97  
ASP CA    C      sing N N 98  
ASP CA    CB     sing N N 99  
ASP CA    HA     sing N N 100 
ASP C     O      doub N N 101 
ASP C     OXT    sing N N 102 
ASP CB    CG     sing N N 103 
ASP CB    HB2    sing N N 104 
ASP CB    HB3    sing N N 105 
ASP CG    OD1    doub N N 106 
ASP CG    OD2    sing N N 107 
ASP OD2   HD2    sing N N 108 
ASP OXT   HXT    sing N N 109 
CYS N     CA     sing N N 110 
CYS N     H      sing N N 111 
CYS N     H2     sing N N 112 
CYS CA    C      sing N N 113 
CYS CA    CB     sing N N 114 
CYS CA    HA     sing N N 115 
CYS C     O      doub N N 116 
CYS C     OXT    sing N N 117 
CYS CB    SG     sing N N 118 
CYS CB    HB2    sing N N 119 
CYS CB    HB3    sing N N 120 
CYS SG    HG     sing N N 121 
CYS OXT   HXT    sing N N 122 
DIO C1    "C1'"  sing N N 123 
DIO C1    O1     sing N N 124 
DIO C1    H11    sing N N 125 
DIO C1    H12    sing N N 126 
DIO C2    "C2'"  sing N N 127 
DIO C2    O1     sing N N 128 
DIO C2    H21    sing N N 129 
DIO C2    H22    sing N N 130 
DIO "C1'" "O1'"  sing N N 131 
DIO "C1'" "H1'1" sing N N 132 
DIO "C1'" "H1'2" sing N N 133 
DIO "C2'" "O1'"  sing N N 134 
DIO "C2'" "H2'1" sing N N 135 
DIO "C2'" "H2'2" sing N N 136 
GLN N     CA     sing N N 137 
GLN N     H      sing N N 138 
GLN N     H2     sing N N 139 
GLN CA    C      sing N N 140 
GLN CA    CB     sing N N 141 
GLN CA    HA     sing N N 142 
GLN C     O      doub N N 143 
GLN C     OXT    sing N N 144 
GLN CB    CG     sing N N 145 
GLN CB    HB2    sing N N 146 
GLN CB    HB3    sing N N 147 
GLN CG    CD     sing N N 148 
GLN CG    HG2    sing N N 149 
GLN CG    HG3    sing N N 150 
GLN CD    OE1    doub N N 151 
GLN CD    NE2    sing N N 152 
GLN NE2   HE21   sing N N 153 
GLN NE2   HE22   sing N N 154 
GLN OXT   HXT    sing N N 155 
GLU N     CA     sing N N 156 
GLU N     H      sing N N 157 
GLU N     H2     sing N N 158 
GLU CA    C      sing N N 159 
GLU CA    CB     sing N N 160 
GLU CA    HA     sing N N 161 
GLU C     O      doub N N 162 
GLU C     OXT    sing N N 163 
GLU CB    CG     sing N N 164 
GLU CB    HB2    sing N N 165 
GLU CB    HB3    sing N N 166 
GLU CG    CD     sing N N 167 
GLU CG    HG2    sing N N 168 
GLU CG    HG3    sing N N 169 
GLU CD    OE1    doub N N 170 
GLU CD    OE2    sing N N 171 
GLU OE2   HE2    sing N N 172 
GLU OXT   HXT    sing N N 173 
GLY N     CA     sing N N 174 
GLY N     H      sing N N 175 
GLY N     H2     sing N N 176 
GLY CA    C      sing N N 177 
GLY CA    HA2    sing N N 178 
GLY CA    HA3    sing N N 179 
GLY C     O      doub N N 180 
GLY C     OXT    sing N N 181 
GLY OXT   HXT    sing N N 182 
HIS N     CA     sing N N 183 
HIS N     H      sing N N 184 
HIS N     H2     sing N N 185 
HIS CA    C      sing N N 186 
HIS CA    CB     sing N N 187 
HIS CA    HA     sing N N 188 
HIS C     O      doub N N 189 
HIS C     OXT    sing N N 190 
HIS CB    CG     sing N N 191 
HIS CB    HB2    sing N N 192 
HIS CB    HB3    sing N N 193 
HIS CG    ND1    sing Y N 194 
HIS CG    CD2    doub Y N 195 
HIS ND1   CE1    doub Y N 196 
HIS ND1   HD1    sing N N 197 
HIS CD2   NE2    sing Y N 198 
HIS CD2   HD2    sing N N 199 
HIS CE1   NE2    sing Y N 200 
HIS CE1   HE1    sing N N 201 
HIS NE2   HE2    sing N N 202 
HIS OXT   HXT    sing N N 203 
HOH O     H1     sing N N 204 
HOH O     H2     sing N N 205 
ILE N     CA     sing N N 206 
ILE N     H      sing N N 207 
ILE N     H2     sing N N 208 
ILE CA    C      sing N N 209 
ILE CA    CB     sing N N 210 
ILE CA    HA     sing N N 211 
ILE C     O      doub N N 212 
ILE C     OXT    sing N N 213 
ILE CB    CG1    sing N N 214 
ILE CB    CG2    sing N N 215 
ILE CB    HB     sing N N 216 
ILE CG1   CD1    sing N N 217 
ILE CG1   HG12   sing N N 218 
ILE CG1   HG13   sing N N 219 
ILE CG2   HG21   sing N N 220 
ILE CG2   HG22   sing N N 221 
ILE CG2   HG23   sing N N 222 
ILE CD1   HD11   sing N N 223 
ILE CD1   HD12   sing N N 224 
ILE CD1   HD13   sing N N 225 
ILE OXT   HXT    sing N N 226 
LEU N     CA     sing N N 227 
LEU N     H      sing N N 228 
LEU N     H2     sing N N 229 
LEU CA    C      sing N N 230 
LEU CA    CB     sing N N 231 
LEU CA    HA     sing N N 232 
LEU C     O      doub N N 233 
LEU C     OXT    sing N N 234 
LEU CB    CG     sing N N 235 
LEU CB    HB2    sing N N 236 
LEU CB    HB3    sing N N 237 
LEU CG    CD1    sing N N 238 
LEU CG    CD2    sing N N 239 
LEU CG    HG     sing N N 240 
LEU CD1   HD11   sing N N 241 
LEU CD1   HD12   sing N N 242 
LEU CD1   HD13   sing N N 243 
LEU CD2   HD21   sing N N 244 
LEU CD2   HD22   sing N N 245 
LEU CD2   HD23   sing N N 246 
LEU OXT   HXT    sing N N 247 
LYS N     CA     sing N N 248 
LYS N     H      sing N N 249 
LYS N     H2     sing N N 250 
LYS CA    C      sing N N 251 
LYS CA    CB     sing N N 252 
LYS CA    HA     sing N N 253 
LYS C     O      doub N N 254 
LYS C     OXT    sing N N 255 
LYS CB    CG     sing N N 256 
LYS CB    HB2    sing N N 257 
LYS CB    HB3    sing N N 258 
LYS CG    CD     sing N N 259 
LYS CG    HG2    sing N N 260 
LYS CG    HG3    sing N N 261 
LYS CD    CE     sing N N 262 
LYS CD    HD2    sing N N 263 
LYS CD    HD3    sing N N 264 
LYS CE    NZ     sing N N 265 
LYS CE    HE2    sing N N 266 
LYS CE    HE3    sing N N 267 
LYS NZ    HZ1    sing N N 268 
LYS NZ    HZ2    sing N N 269 
LYS NZ    HZ3    sing N N 270 
LYS OXT   HXT    sing N N 271 
MET N     CA     sing N N 272 
MET N     H      sing N N 273 
MET N     H2     sing N N 274 
MET CA    C      sing N N 275 
MET CA    CB     sing N N 276 
MET CA    HA     sing N N 277 
MET C     O      doub N N 278 
MET C     OXT    sing N N 279 
MET CB    CG     sing N N 280 
MET CB    HB2    sing N N 281 
MET CB    HB3    sing N N 282 
MET CG    SD     sing N N 283 
MET CG    HG2    sing N N 284 
MET CG    HG3    sing N N 285 
MET SD    CE     sing N N 286 
MET CE    HE1    sing N N 287 
MET CE    HE2    sing N N 288 
MET CE    HE3    sing N N 289 
MET OXT   HXT    sing N N 290 
PHE N     CA     sing N N 291 
PHE N     H      sing N N 292 
PHE N     H2     sing N N 293 
PHE CA    C      sing N N 294 
PHE CA    CB     sing N N 295 
PHE CA    HA     sing N N 296 
PHE C     O      doub N N 297 
PHE C     OXT    sing N N 298 
PHE CB    CG     sing N N 299 
PHE CB    HB2    sing N N 300 
PHE CB    HB3    sing N N 301 
PHE CG    CD1    doub Y N 302 
PHE CG    CD2    sing Y N 303 
PHE CD1   CE1    sing Y N 304 
PHE CD1   HD1    sing N N 305 
PHE CD2   CE2    doub Y N 306 
PHE CD2   HD2    sing N N 307 
PHE CE1   CZ     doub Y N 308 
PHE CE1   HE1    sing N N 309 
PHE CE2   CZ     sing Y N 310 
PHE CE2   HE2    sing N N 311 
PHE CZ    HZ     sing N N 312 
PHE OXT   HXT    sing N N 313 
PRO N     CA     sing N N 314 
PRO N     CD     sing N N 315 
PRO N     H      sing N N 316 
PRO CA    C      sing N N 317 
PRO CA    CB     sing N N 318 
PRO CA    HA     sing N N 319 
PRO C     O      doub N N 320 
PRO C     OXT    sing N N 321 
PRO CB    CG     sing N N 322 
PRO CB    HB2    sing N N 323 
PRO CB    HB3    sing N N 324 
PRO CG    CD     sing N N 325 
PRO CG    HG2    sing N N 326 
PRO CG    HG3    sing N N 327 
PRO CD    HD2    sing N N 328 
PRO CD    HD3    sing N N 329 
PRO OXT   HXT    sing N N 330 
SER N     CA     sing N N 331 
SER N     H      sing N N 332 
SER N     H2     sing N N 333 
SER CA    C      sing N N 334 
SER CA    CB     sing N N 335 
SER CA    HA     sing N N 336 
SER C     O      doub N N 337 
SER C     OXT    sing N N 338 
SER CB    OG     sing N N 339 
SER CB    HB2    sing N N 340 
SER CB    HB3    sing N N 341 
SER OG    HG     sing N N 342 
SER OXT   HXT    sing N N 343 
THR N     CA     sing N N 344 
THR N     H      sing N N 345 
THR N     H2     sing N N 346 
THR CA    C      sing N N 347 
THR CA    CB     sing N N 348 
THR CA    HA     sing N N 349 
THR C     O      doub N N 350 
THR C     OXT    sing N N 351 
THR CB    OG1    sing N N 352 
THR CB    CG2    sing N N 353 
THR CB    HB     sing N N 354 
THR OG1   HG1    sing N N 355 
THR CG2   HG21   sing N N 356 
THR CG2   HG22   sing N N 357 
THR CG2   HG23   sing N N 358 
THR OXT   HXT    sing N N 359 
TYR N     CA     sing N N 360 
TYR N     H      sing N N 361 
TYR N     H2     sing N N 362 
TYR CA    C      sing N N 363 
TYR CA    CB     sing N N 364 
TYR CA    HA     sing N N 365 
TYR C     O      doub N N 366 
TYR C     OXT    sing N N 367 
TYR CB    CG     sing N N 368 
TYR CB    HB2    sing N N 369 
TYR CB    HB3    sing N N 370 
TYR CG    CD1    doub Y N 371 
TYR CG    CD2    sing Y N 372 
TYR CD1   CE1    sing Y N 373 
TYR CD1   HD1    sing N N 374 
TYR CD2   CE2    doub Y N 375 
TYR CD2   HD2    sing N N 376 
TYR CE1   CZ     doub Y N 377 
TYR CE1   HE1    sing N N 378 
TYR CE2   CZ     sing Y N 379 
TYR CE2   HE2    sing N N 380 
TYR CZ    OH     sing N N 381 
TYR OH    HH     sing N N 382 
TYR OXT   HXT    sing N N 383 
VAL N     CA     sing N N 384 
VAL N     H      sing N N 385 
VAL N     H2     sing N N 386 
VAL CA    C      sing N N 387 
VAL CA    CB     sing N N 388 
VAL CA    HA     sing N N 389 
VAL C     O      doub N N 390 
VAL C     OXT    sing N N 391 
VAL CB    CG1    sing N N 392 
VAL CB    CG2    sing N N 393 
VAL CB    HB     sing N N 394 
VAL CG1   HG11   sing N N 395 
VAL CG1   HG12   sing N N 396 
VAL CG1   HG13   sing N N 397 
VAL CG2   HG21   sing N N 398 
VAL CG2   HG22   sing N N 399 
VAL CG2   HG23   sing N N 400 
VAL OXT   HXT    sing N N 401 
# 
loop_
_pdbx_entity_nonpoly.entity_id 
_pdbx_entity_nonpoly.name 
_pdbx_entity_nonpoly.comp_id 
2 "GUANOSINE-5'-MONOPHOSPHATE" 5GP 
3 '1,4-DIETHYLENE DIOXIDE'     DIO 
4 water                        HOH 
# 
_pdbx_initial_refinement_model.id               1 
_pdbx_initial_refinement_model.entity_id_list   ? 
_pdbx_initial_refinement_model.type             'experimental model' 
_pdbx_initial_refinement_model.source_name      PDB 
_pdbx_initial_refinement_model.accession_code   3ACB 
_pdbx_initial_refinement_model.details          ? 
# 
